data_3U48
#
_entry.id   3U48
#
_cell.length_a   121.488
_cell.length_b   121.488
_cell.length_c   242.859
_cell.angle_alpha   90.00
_cell.angle_beta   90.00
_cell.angle_gamma   90.00
#
_symmetry.space_group_name_H-M   'P 43 21 2'
#
loop_
_entity.id
_entity.type
_entity.pdbx_description
1 polymer JMB19063
2 non-polymer beta-D-glucopyranose
3 non-polymer 'CALCIUM ION'
4 water water
#
_entity_poly.entity_id   1
_entity_poly.type   'polypeptide(L)'
_entity_poly.pdbx_seq_one_letter_code
;MKMNQFINALMAKMTLDEKIGQLNLPGAGDITTGQASSSGIAQKIKEGKVGGLFNIKSVTKIKEVQRIAVEESRLKIPLL
FGMDVIHGYETAFPIPLGLSCTWDMELIEKSARIAAIEASADGICWTFSPMVDISRDPRWGRVSEGSGEDPYLGAQIAKA
MVKGYQGKDFSDNTSIMACVKHFALYGAGEAGRDYNTVDMSRVRMYNEYFPPYKAAVDAGVGSVMTSFNEIDGIPATGNK
WLMTDVLRKRIGAFKGFVVTDYTAINEMIDHGMGDLQTVSALALRAGVDMDMVGEGFLTTLKKSLQEGKITQAQIDAACK
RILEAKYKLGLFSDPYKYCNEERARTQIFTPEHRKIAREIAAQSFVLLKNDNNVLPLKKSGTIALVGPLADNRVNMPGTW
SVAAKHAESVSLLEGLKKAAGNDARILYAHGSNLDEDKSLIERATMFGKTLKYDPRPKDVVIKEAVDIANQADVIVAALG
ESAEMSGEASSRSNIEIPALQRELLQALLKTGKPVVLVLFTGRPLALTWEHENVPAILNVWFAGTEAGDAISDALFGVVN
PSGKLSATFPRNVGQVPIYYNHKNTGRPLPEGQWFQKFRSNYLDVPNDPLYPFGYGLSFTKFTYGDLKLSSTNLKGNQTL
TASIELTNSGDYDGAEVVQLYIRDLVGSTTRPVKELKGFQKVFLKKGETKTITFKITPEDLKFYNYDLKYDWEPGEFVIM
VGGNSRDLKSQKINWLKDPAFLYKVVINSKLEGKPIPNPLLGLDSTRTGHHHHHH
;
_entity_poly.pdbx_strand_id   A,B
#
# COMPACT_ATOMS: atom_id res chain seq x y z
N MET A 1 6.27 3.35 55.01
CA MET A 1 7.20 3.47 53.90
C MET A 1 6.49 3.13 52.59
N LYS A 2 5.84 4.14 52.01
CA LYS A 2 5.15 3.98 50.73
C LYS A 2 6.13 4.04 49.57
N MET A 3 5.64 3.73 48.37
CA MET A 3 6.52 3.58 47.21
C MET A 3 7.41 4.78 46.96
N ASN A 4 6.80 5.97 46.93
CA ASN A 4 7.53 7.16 46.52
C ASN A 4 8.68 7.49 47.47
N GLN A 5 8.44 7.33 48.76
CA GLN A 5 9.46 7.60 49.76
C GLN A 5 10.59 6.59 49.62
N PHE A 6 10.24 5.32 49.50
CA PHE A 6 11.22 4.25 49.40
C PHE A 6 12.10 4.41 48.16
N ILE A 7 11.48 4.66 47.02
CA ILE A 7 12.21 4.81 45.76
C ILE A 7 13.14 6.03 45.80
N ASN A 8 12.66 7.12 46.38
CA ASN A 8 13.48 8.31 46.49
C ASN A 8 14.67 8.06 47.41
N ALA A 9 14.42 7.41 48.55
CA ALA A 9 15.48 7.04 49.48
C ALA A 9 16.53 6.19 48.78
N LEU A 10 16.07 5.22 47.99
CA LEU A 10 16.97 4.31 47.29
C LEU A 10 17.85 5.06 46.29
N MET A 11 17.22 5.88 45.46
CA MET A 11 17.95 6.59 44.42
C MET A 11 18.97 7.57 44.97
N ALA A 12 18.72 8.09 46.17
CA ALA A 12 19.69 8.93 46.84
C ALA A 12 20.99 8.16 47.13
N LYS A 13 20.91 6.84 47.26
CA LYS A 13 22.08 6.03 47.57
C LYS A 13 22.88 5.64 46.34
N MET A 14 22.24 5.72 45.18
CA MET A 14 22.82 5.21 43.94
C MET A 14 23.81 6.16 43.29
N THR A 15 24.87 5.59 42.72
CA THR A 15 25.77 6.34 41.86
C THR A 15 25.11 6.58 40.51
N LEU A 16 25.64 7.52 39.74
CA LEU A 16 25.17 7.75 38.39
C LEU A 16 25.18 6.44 37.62
N ASP A 17 26.28 5.70 37.70
CA ASP A 17 26.42 4.43 36.98
C ASP A 17 25.33 3.41 37.35
N GLU A 18 24.90 3.43 38.60
CA GLU A 18 23.87 2.49 39.04
C GLU A 18 22.48 2.89 38.49
N LYS A 19 22.21 4.18 38.41
CA LYS A 19 20.98 4.66 37.76
C LYS A 19 20.94 4.25 36.30
N ILE A 20 22.03 4.48 35.59
CA ILE A 20 22.14 4.09 34.18
C ILE A 20 22.02 2.57 34.02
N GLY A 21 22.63 1.81 34.92
CA GLY A 21 22.55 0.36 34.89
C GLY A 21 21.12 -0.16 34.95
N GLN A 22 20.25 0.53 35.68
CA GLN A 22 18.85 0.12 35.77
C GLN A 22 18.16 0.21 34.42
N LEU A 23 18.75 0.99 33.51
CA LEU A 23 18.14 1.20 32.20
C LEU A 23 18.56 0.12 31.20
N ASN A 24 19.33 -0.86 31.66
CA ASN A 24 19.93 -1.84 30.76
C ASN A 24 19.21 -3.19 30.79
N LEU A 25 18.75 -3.64 29.63
CA LEU A 25 18.10 -4.94 29.50
C LEU A 25 18.89 -5.75 28.49
N PRO A 26 20.03 -6.31 28.91
CA PRO A 26 20.95 -6.94 27.95
C PRO A 26 20.54 -8.37 27.61
N GLY A 27 21.08 -8.92 26.53
CA GLY A 27 20.97 -10.34 26.27
C GLY A 27 21.82 -11.08 27.30
N ALA A 28 21.37 -12.25 27.74
CA ALA A 28 22.00 -12.88 28.89
C ALA A 28 23.24 -13.74 28.59
N GLY A 29 23.35 -14.25 27.37
CA GLY A 29 24.40 -15.21 27.07
C GLY A 29 24.06 -16.53 27.75
N ASP A 30 24.74 -17.61 27.39
CA ASP A 30 24.49 -18.90 28.01
C ASP A 30 24.87 -18.90 29.49
N ILE A 31 24.08 -19.59 30.31
CA ILE A 31 24.31 -19.63 31.76
C ILE A 31 24.33 -21.06 32.29
N THR A 32 25.51 -21.53 32.68
CA THR A 32 25.67 -22.92 33.09
C THR A 32 25.07 -23.17 34.46
N THR A 33 24.07 -24.04 34.52
CA THR A 33 23.46 -24.40 35.79
C THR A 33 24.52 -24.91 36.78
N GLY A 34 24.49 -24.37 38.00
CA GLY A 34 25.43 -24.76 39.02
C GLY A 34 26.67 -23.88 39.06
N GLN A 35 26.78 -22.94 38.13
CA GLN A 35 27.87 -21.97 38.16
C GLN A 35 27.43 -20.62 37.60
N ALA A 36 26.19 -20.26 37.92
CA ALA A 36 25.61 -19.01 37.42
C ALA A 36 26.39 -17.78 37.90
N SER A 37 26.89 -17.81 39.13
CA SER A 37 27.51 -16.63 39.71
C SER A 37 28.87 -16.32 39.10
N SER A 38 29.38 -17.21 38.27
CA SER A 38 30.65 -16.97 37.61
C SER A 38 30.47 -16.98 36.10
N SER A 39 29.22 -16.80 35.66
CA SER A 39 28.86 -16.84 34.25
C SER A 39 29.04 -15.48 33.58
N GLY A 40 28.85 -15.45 32.26
CA GLY A 40 29.10 -14.26 31.48
C GLY A 40 28.36 -13.03 31.97
N ILE A 41 27.09 -13.19 32.29
CA ILE A 41 26.25 -12.08 32.69
C ILE A 41 26.49 -11.68 34.16
N ALA A 42 27.14 -12.57 34.90
CA ALA A 42 27.31 -12.39 36.34
C ALA A 42 28.08 -11.14 36.74
N GLN A 43 29.15 -10.85 36.03
CA GLN A 43 29.98 -9.70 36.40
C GLN A 43 29.21 -8.39 36.22
N LYS A 44 28.37 -8.32 35.19
CA LYS A 44 27.60 -7.12 34.92
C LYS A 44 26.59 -6.86 36.02
N ILE A 45 25.89 -7.91 36.43
CA ILE A 45 24.92 -7.82 37.53
C ILE A 45 25.60 -7.35 38.82
N LYS A 46 26.76 -7.93 39.12
CA LYS A 46 27.51 -7.56 40.31
C LYS A 46 27.90 -6.08 40.29
N GLU A 47 28.26 -5.58 39.12
CA GLU A 47 28.66 -4.18 39.00
C GLU A 47 27.45 -3.25 38.96
N GLY A 48 26.25 -3.83 39.06
CA GLY A 48 25.03 -3.04 39.05
C GLY A 48 24.61 -2.54 37.66
N LYS A 49 25.12 -3.18 36.61
CA LYS A 49 24.91 -2.76 35.22
C LYS A 49 23.69 -3.38 34.55
N VAL A 50 22.85 -4.06 35.34
CA VAL A 50 21.73 -4.82 34.79
C VAL A 50 20.43 -4.54 35.55
N GLY A 51 19.46 -3.96 34.85
CA GLY A 51 18.17 -3.66 35.44
C GLY A 51 17.19 -4.81 35.27
N GLY A 52 17.44 -5.65 34.28
CA GLY A 52 16.55 -6.75 33.96
C GLY A 52 17.13 -7.67 32.93
N LEU A 53 16.54 -8.86 32.80
CA LEU A 53 16.97 -9.83 31.80
C LEU A 53 15.71 -10.46 31.21
N PHE A 54 15.83 -11.12 30.06
CA PHE A 54 14.66 -11.68 29.41
C PHE A 54 14.95 -12.96 28.63
N ASN A 55 13.88 -13.72 28.40
CA ASN A 55 13.95 -15.03 27.72
C ASN A 55 14.88 -16.05 28.38
N ILE A 56 15.09 -15.90 29.69
CA ILE A 56 15.72 -16.94 30.49
C ILE A 56 14.61 -17.85 31.03
N LYS A 57 14.83 -19.16 30.99
CA LYS A 57 13.78 -20.12 31.33
C LYS A 57 14.09 -20.98 32.55
N SER A 58 13.05 -21.23 33.34
CA SER A 58 13.05 -22.14 34.49
C SER A 58 13.37 -21.44 35.82
N VAL A 59 12.52 -21.70 36.81
CA VAL A 59 12.65 -21.06 38.09
C VAL A 59 14.00 -21.35 38.72
N THR A 60 14.54 -22.55 38.49
CA THR A 60 15.83 -22.92 39.05
C THR A 60 16.93 -21.97 38.58
N LYS A 61 16.98 -21.73 37.28
CA LYS A 61 17.97 -20.85 36.66
C LYS A 61 17.73 -19.40 37.07
N ILE A 62 16.47 -18.99 37.08
CA ILE A 62 16.13 -17.60 37.41
C ILE A 62 16.40 -17.26 38.89
N LYS A 63 16.06 -18.16 39.79
CA LYS A 63 16.39 -17.92 41.20
C LYS A 63 17.89 -17.68 41.36
N GLU A 64 18.69 -18.54 40.74
CA GLU A 64 20.14 -18.43 40.90
C GLU A 64 20.67 -17.14 40.31
N VAL A 65 20.12 -16.73 39.18
CA VAL A 65 20.56 -15.49 38.57
C VAL A 65 20.13 -14.29 39.44
N GLN A 66 18.91 -14.36 39.96
CA GLN A 66 18.40 -13.32 40.85
C GLN A 66 19.25 -13.24 42.13
N ARG A 67 19.77 -14.38 42.58
CA ARG A 67 20.63 -14.41 43.75
C ARG A 67 21.90 -13.60 43.55
N ILE A 68 22.36 -13.47 42.30
CA ILE A 68 23.55 -12.64 42.06
C ILE A 68 23.26 -11.18 42.39
N ALA A 69 22.09 -10.70 42.00
CA ALA A 69 21.72 -9.32 42.26
C ALA A 69 21.44 -9.09 43.73
N VAL A 70 20.70 -10.02 44.34
CA VAL A 70 20.34 -9.90 45.74
C VAL A 70 21.53 -10.04 46.69
N GLU A 71 22.49 -10.89 46.35
CA GLU A 71 23.57 -11.18 47.28
C GLU A 71 24.90 -10.57 46.91
N GLU A 72 25.06 -10.20 45.63
CA GLU A 72 26.40 -9.85 45.15
C GLU A 72 26.52 -8.49 44.49
N SER A 73 25.43 -7.74 44.45
CA SER A 73 25.49 -6.36 43.98
C SER A 73 25.45 -5.43 45.17
N ARG A 74 25.97 -4.22 44.98
CA ARG A 74 26.13 -3.29 46.09
C ARG A 74 24.82 -2.91 46.77
N LEU A 75 23.78 -2.63 46.00
CA LEU A 75 22.53 -2.16 46.59
C LEU A 75 21.45 -3.24 46.65
N LYS A 76 21.76 -4.44 46.15
CA LYS A 76 20.83 -5.55 46.22
C LYS A 76 19.53 -5.31 45.46
N ILE A 77 19.59 -4.53 44.39
CA ILE A 77 18.40 -4.28 43.59
C ILE A 77 18.08 -5.50 42.73
N PRO A 78 16.88 -6.08 42.91
CA PRO A 78 16.51 -7.30 42.17
C PRO A 78 16.21 -7.01 40.69
N LEU A 79 16.28 -8.06 39.87
CA LEU A 79 16.06 -7.95 38.44
C LEU A 79 14.61 -8.24 38.08
N LEU A 80 14.15 -7.63 36.99
CA LEU A 80 12.95 -8.06 36.31
C LEU A 80 13.31 -9.22 35.42
N PHE A 81 12.43 -10.22 35.33
CA PHE A 81 12.61 -11.30 34.35
C PHE A 81 11.44 -11.35 33.36
N GLY A 82 11.73 -11.02 32.11
CA GLY A 82 10.72 -10.98 31.08
C GLY A 82 10.83 -12.10 30.07
N MET A 83 9.77 -12.26 29.28
CA MET A 83 9.74 -13.26 28.22
C MET A 83 8.62 -12.96 27.23
N ASP A 84 8.75 -13.45 26.00
CA ASP A 84 7.64 -13.44 25.06
C ASP A 84 6.62 -14.51 25.43
N VAL A 85 5.74 -14.21 26.38
CA VAL A 85 4.58 -15.08 26.59
C VAL A 85 3.42 -14.51 25.79
N ILE A 86 3.29 -14.99 24.56
CA ILE A 86 2.40 -14.39 23.57
C ILE A 86 1.00 -15.00 23.54
N HIS A 87 0.93 -16.33 23.49
CA HIS A 87 -0.35 -17.03 23.51
C HIS A 87 -0.20 -18.30 24.31
N GLY A 88 0.19 -18.14 25.58
CA GLY A 88 0.42 -19.26 26.47
C GLY A 88 1.89 -19.41 26.83
N TYR A 89 2.15 -20.15 27.90
CA TYR A 89 3.52 -20.44 28.30
C TYR A 89 3.90 -21.83 27.78
N GLU A 90 3.70 -22.87 28.59
CA GLU A 90 3.93 -24.22 28.10
C GLU A 90 2.67 -24.80 27.46
N THR A 91 1.52 -24.55 28.06
CA THR A 91 0.26 -24.86 27.41
C THR A 91 0.03 -23.76 26.39
N ALA A 92 -0.10 -24.15 25.12
CA ALA A 92 -0.20 -23.17 24.05
C ALA A 92 -1.62 -23.05 23.56
N PHE A 93 -2.18 -21.84 23.69
CA PHE A 93 -3.48 -21.53 23.14
C PHE A 93 -3.29 -21.20 21.67
N PRO A 94 -4.39 -21.03 20.91
CA PRO A 94 -4.20 -20.67 19.50
C PRO A 94 -3.41 -19.39 19.39
N ILE A 95 -2.76 -19.16 18.25
CA ILE A 95 -2.14 -17.86 18.00
C ILE A 95 -3.16 -16.73 18.15
N PRO A 96 -2.68 -15.53 18.54
CA PRO A 96 -3.57 -14.38 18.81
C PRO A 96 -4.59 -14.08 17.71
N LEU A 97 -4.19 -14.13 16.45
CA LEU A 97 -5.13 -13.88 15.37
C LEU A 97 -6.27 -14.90 15.44
N GLY A 98 -5.91 -16.16 15.65
CA GLY A 98 -6.89 -17.21 15.87
C GLY A 98 -7.77 -16.90 17.06
N LEU A 99 -7.14 -16.48 18.16
CA LEU A 99 -7.86 -16.15 19.38
C LEU A 99 -8.84 -15.01 19.18
N SER A 100 -8.44 -14.02 18.39
CA SER A 100 -9.31 -12.88 18.15
C SER A 100 -10.62 -13.32 17.48
N CYS A 101 -10.58 -14.44 16.75
CA CYS A 101 -11.76 -14.89 16.04
C CYS A 101 -12.83 -15.50 16.92
N THR A 102 -12.50 -15.75 18.19
CA THR A 102 -13.52 -16.22 19.13
C THR A 102 -14.51 -15.11 19.41
N TRP A 103 -14.07 -13.87 19.24
CA TRP A 103 -14.91 -12.71 19.59
C TRP A 103 -15.49 -12.88 20.99
N ASP A 104 -14.74 -13.56 21.85
CA ASP A 104 -15.22 -13.92 23.18
C ASP A 104 -14.22 -13.42 24.19
N MET A 105 -14.48 -12.25 24.77
CA MET A 105 -13.51 -11.59 25.64
C MET A 105 -13.21 -12.40 26.90
N GLU A 106 -14.18 -13.17 27.37
CA GLU A 106 -13.94 -14.02 28.54
C GLU A 106 -12.87 -15.06 28.24
N LEU A 107 -12.97 -15.74 27.10
CA LEU A 107 -11.97 -16.72 26.73
C LEU A 107 -10.60 -16.06 26.51
N ILE A 108 -10.59 -14.86 25.94
CA ILE A 108 -9.33 -14.20 25.72
C ILE A 108 -8.64 -13.97 27.07
N GLU A 109 -9.37 -13.36 27.99
CA GLU A 109 -8.85 -13.07 29.32
C GLU A 109 -8.40 -14.33 30.07
N LYS A 110 -9.21 -15.38 30.00
CA LYS A 110 -8.88 -16.64 30.66
C LYS A 110 -7.60 -17.25 30.10
N SER A 111 -7.37 -17.08 28.80
CA SER A 111 -6.19 -17.67 28.20
C SER A 111 -4.96 -16.94 28.71
N ALA A 112 -5.11 -15.63 28.94
CA ALA A 112 -4.02 -14.81 29.43
C ALA A 112 -3.80 -15.05 30.92
N ARG A 113 -4.86 -15.42 31.62
CA ARG A 113 -4.77 -15.71 33.04
C ARG A 113 -3.94 -16.95 33.22
N ILE A 114 -4.26 -17.97 32.44
CA ILE A 114 -3.60 -19.25 32.54
C ILE A 114 -2.12 -19.14 32.18
N ALA A 115 -1.83 -18.28 31.22
CA ALA A 115 -0.47 -17.98 30.80
C ALA A 115 0.31 -17.31 31.93
N ALA A 116 -0.29 -16.31 32.56
CA ALA A 116 0.37 -15.61 33.67
C ALA A 116 0.64 -16.58 34.80
N ILE A 117 -0.33 -17.46 35.07
CA ILE A 117 -0.20 -18.44 36.13
C ILE A 117 1.00 -19.35 35.88
N GLU A 118 1.11 -19.86 34.65
CA GLU A 118 2.21 -20.73 34.26
C GLU A 118 3.56 -20.01 34.28
N ALA A 119 3.61 -18.84 33.64
CA ALA A 119 4.84 -18.06 33.58
C ALA A 119 5.31 -17.60 34.96
N SER A 120 4.39 -17.10 35.78
CA SER A 120 4.76 -16.65 37.12
C SER A 120 5.29 -17.81 37.97
N ALA A 121 4.75 -19.00 37.74
CA ALA A 121 5.13 -20.18 38.50
C ALA A 121 6.54 -20.60 38.15
N ASP A 122 7.04 -20.12 37.02
CA ASP A 122 8.35 -20.51 36.54
C ASP A 122 9.35 -19.35 36.58
N GLY A 123 9.03 -18.34 37.39
CA GLY A 123 9.96 -17.26 37.64
C GLY A 123 9.79 -15.99 36.80
N ILE A 124 8.85 -16.02 35.85
CA ILE A 124 8.63 -14.88 34.96
C ILE A 124 7.65 -13.89 35.57
N CYS A 125 7.99 -12.62 35.55
CA CYS A 125 7.11 -11.61 36.11
C CYS A 125 6.78 -10.48 35.12
N TRP A 126 7.06 -10.72 33.85
CA TRP A 126 6.91 -9.67 32.85
C TRP A 126 6.83 -10.31 31.46
N THR A 127 5.72 -10.07 30.77
CA THR A 127 5.58 -10.58 29.41
C THR A 127 5.51 -9.46 28.37
N PHE A 128 6.16 -9.67 27.23
CA PHE A 128 6.10 -8.73 26.12
C PHE A 128 4.83 -8.99 25.31
N SER A 129 3.70 -8.61 25.88
CA SER A 129 2.38 -8.95 25.37
C SER A 129 1.35 -8.07 26.10
N PRO A 130 0.25 -7.69 25.44
CA PRO A 130 -0.25 -8.06 24.11
C PRO A 130 0.32 -7.24 22.96
N MET A 131 0.43 -7.89 21.81
CA MET A 131 0.69 -7.20 20.54
C MET A 131 -0.66 -6.76 19.98
N VAL A 132 -0.81 -5.44 19.80
CA VAL A 132 -2.09 -4.87 19.42
C VAL A 132 -2.00 -4.03 18.15
N ASP A 133 -0.97 -4.27 17.34
CA ASP A 133 -0.80 -3.54 16.10
C ASP A 133 -1.93 -3.83 15.13
N ILE A 134 -2.62 -2.78 14.70
CA ILE A 134 -3.61 -2.90 13.64
C ILE A 134 -2.89 -3.19 12.34
N SER A 135 -3.40 -4.15 11.57
CA SER A 135 -2.86 -4.41 10.23
C SER A 135 -3.94 -4.71 9.18
N ARG A 136 -3.74 -4.14 8.00
CA ARG A 136 -4.60 -4.35 6.84
C ARG A 136 -3.84 -5.08 5.74
N ASP A 137 -2.67 -5.62 6.07
CA ASP A 137 -1.79 -6.24 5.08
C ASP A 137 -1.40 -7.67 5.45
N PRO A 138 -2.05 -8.66 4.80
CA PRO A 138 -1.87 -10.09 5.11
C PRO A 138 -0.50 -10.62 4.72
N ARG A 139 0.25 -9.87 3.92
CA ARG A 139 1.61 -10.29 3.58
C ARG A 139 2.47 -10.30 4.85
N TRP A 140 2.15 -9.39 5.78
CA TRP A 140 2.94 -9.17 6.98
C TRP A 140 2.81 -10.36 7.90
N GLY A 141 3.93 -11.05 8.13
CA GLY A 141 3.93 -12.26 8.93
C GLY A 141 3.37 -12.03 10.31
N ARG A 142 3.47 -10.81 10.80
CA ARG A 142 3.11 -10.54 12.19
C ARG A 142 1.62 -10.34 12.42
N VAL A 143 0.81 -10.45 11.37
CA VAL A 143 -0.64 -10.38 11.55
C VAL A 143 -1.08 -11.49 12.48
N SER A 144 -0.27 -12.54 12.57
CA SER A 144 -0.59 -13.70 13.41
C SER A 144 -0.57 -13.35 14.90
N GLU A 145 0.22 -12.34 15.26
CA GLU A 145 0.40 -11.96 16.66
C GLU A 145 -0.64 -10.99 17.15
N GLY A 146 -1.42 -10.44 16.21
CA GLY A 146 -2.38 -9.40 16.52
C GLY A 146 -3.82 -9.87 16.52
N SER A 147 -4.74 -8.92 16.40
CA SER A 147 -6.16 -9.22 16.51
C SER A 147 -6.98 -8.66 15.34
N GLY A 148 -6.32 -8.45 14.20
CA GLY A 148 -7.03 -8.09 12.99
C GLY A 148 -7.00 -6.61 12.65
N GLU A 149 -8.00 -6.17 11.88
CA GLU A 149 -7.96 -4.86 11.24
C GLU A 149 -8.83 -3.81 11.93
N ASP A 150 -9.55 -4.20 12.98
CA ASP A 150 -10.52 -3.27 13.57
C ASP A 150 -10.09 -2.66 14.90
N PRO A 151 -10.10 -1.31 14.97
CA PRO A 151 -9.70 -0.60 16.19
C PRO A 151 -10.56 -0.98 17.38
N TYR A 152 -11.85 -1.18 17.17
CA TYR A 152 -12.76 -1.48 18.28
C TYR A 152 -12.56 -2.87 18.88
N LEU A 153 -12.74 -3.91 18.08
CA LEU A 153 -12.45 -5.27 18.50
C LEU A 153 -11.03 -5.37 19.08
N GLY A 154 -10.07 -4.71 18.42
CA GLY A 154 -8.71 -4.66 18.92
C GLY A 154 -8.61 -4.06 20.31
N ALA A 155 -9.27 -2.93 20.52
CA ALA A 155 -9.27 -2.30 21.84
C ALA A 155 -9.87 -3.21 22.92
N GLN A 156 -10.92 -3.95 22.57
CA GLN A 156 -11.55 -4.85 23.52
C GLN A 156 -10.61 -5.99 23.92
N ILE A 157 -9.93 -6.56 22.94
CA ILE A 157 -9.01 -7.67 23.18
C ILE A 157 -7.80 -7.19 24.00
N ALA A 158 -7.30 -6.01 23.68
CA ALA A 158 -6.24 -5.39 24.48
C ALA A 158 -6.61 -5.32 25.97
N LYS A 159 -7.82 -4.85 26.28
CA LYS A 159 -8.25 -4.80 27.67
C LYS A 159 -8.28 -6.21 28.28
N ALA A 160 -8.93 -7.14 27.59
CA ALA A 160 -8.99 -8.52 28.06
C ALA A 160 -7.61 -9.13 28.33
N MET A 161 -6.67 -8.87 27.43
CA MET A 161 -5.31 -9.40 27.60
C MET A 161 -4.61 -8.81 28.82
N VAL A 162 -4.65 -7.48 28.97
CA VAL A 162 -4.00 -6.82 30.08
C VAL A 162 -4.58 -7.26 31.43
N LYS A 163 -5.90 -7.31 31.54
CA LYS A 163 -6.51 -7.75 32.78
C LYS A 163 -6.11 -9.18 33.13
N GLY A 164 -6.02 -10.03 32.12
CA GLY A 164 -5.71 -11.43 32.32
C GLY A 164 -4.31 -11.64 32.87
N TYR A 165 -3.38 -10.83 32.38
CA TYR A 165 -2.00 -10.90 32.82
C TYR A 165 -1.84 -10.27 34.19
N GLN A 166 -2.32 -9.03 34.32
CA GLN A 166 -2.02 -8.20 35.48
C GLN A 166 -2.93 -8.39 36.69
N GLY A 167 -4.12 -8.95 36.47
CA GLY A 167 -5.07 -9.12 37.55
C GLY A 167 -5.40 -7.77 38.16
N LYS A 168 -5.70 -7.76 39.46
CA LYS A 168 -6.04 -6.51 40.14
C LYS A 168 -4.86 -5.95 40.94
N ASP A 169 -3.78 -6.73 41.04
CA ASP A 169 -2.63 -6.33 41.84
C ASP A 169 -1.31 -6.85 41.27
N PHE A 170 -0.40 -5.93 40.95
CA PHE A 170 0.92 -6.33 40.43
C PHE A 170 1.68 -7.23 41.41
N SER A 171 1.40 -7.10 42.71
CA SER A 171 2.15 -7.84 43.72
C SER A 171 1.67 -9.27 43.97
N ASP A 172 0.59 -9.70 43.32
CA ASP A 172 0.21 -11.11 43.40
C ASP A 172 1.31 -11.95 42.76
N ASN A 173 1.56 -13.14 43.28
CA ASN A 173 2.56 -14.01 42.65
C ASN A 173 2.01 -14.78 41.45
N THR A 174 0.74 -14.52 41.12
CA THR A 174 0.11 -15.13 39.95
C THR A 174 -0.06 -14.11 38.83
N SER A 175 0.23 -12.85 39.13
CA SER A 175 0.13 -11.81 38.13
C SER A 175 1.49 -11.36 37.64
N ILE A 176 1.56 -11.04 36.36
CA ILE A 176 2.79 -10.53 35.75
C ILE A 176 2.48 -9.24 35.01
N MET A 177 3.50 -8.39 34.89
CA MET A 177 3.33 -7.11 34.22
C MET A 177 3.25 -7.32 32.71
N ALA A 178 2.21 -6.76 32.09
CA ALA A 178 2.07 -6.84 30.65
C ALA A 178 2.80 -5.69 29.96
N CYS A 179 2.93 -5.79 28.64
CA CYS A 179 3.68 -4.80 27.88
C CYS A 179 3.03 -4.65 26.51
N VAL A 180 2.35 -3.53 26.29
CA VAL A 180 1.68 -3.32 25.01
C VAL A 180 2.71 -2.96 23.95
N LYS A 181 2.62 -3.61 22.79
CA LYS A 181 3.55 -3.36 21.69
C LYS A 181 2.76 -3.47 20.40
N HIS A 182 3.29 -2.93 19.29
CA HIS A 182 4.55 -2.20 19.27
C HIS A 182 4.24 -0.74 18.95
N PHE A 183 4.43 0.13 19.94
CA PHE A 183 4.12 1.55 19.79
C PHE A 183 5.12 2.21 18.82
N ALA A 184 4.69 2.54 17.60
CA ALA A 184 3.31 2.39 17.15
C ALA A 184 3.27 2.28 15.61
N LEU A 185 2.15 1.82 15.08
CA LEU A 185 1.88 1.85 13.63
C LEU A 185 2.66 0.79 12.87
N TYR A 186 3.33 -0.09 13.62
CA TYR A 186 4.17 -1.14 13.07
C TYR A 186 3.46 -1.91 11.95
N GLY A 187 2.12 -2.00 12.05
CA GLY A 187 1.35 -2.84 11.15
C GLY A 187 1.14 -2.29 9.75
N ALA A 188 1.62 -1.08 9.50
CA ALA A 188 1.45 -0.48 8.18
C ALA A 188 2.74 -0.47 7.36
N GLY A 189 3.70 -1.32 7.70
CA GLY A 189 4.93 -1.41 6.92
C GLY A 189 4.60 -1.50 5.44
N GLU A 190 5.30 -0.70 4.63
CA GLU A 190 5.01 -0.73 3.20
C GLU A 190 5.19 -2.09 2.55
N ALA A 191 4.25 -2.43 1.67
CA ALA A 191 4.31 -3.64 0.87
C ALA A 191 4.29 -4.91 1.72
N GLY A 192 3.86 -4.79 2.97
CA GLY A 192 3.74 -5.92 3.87
C GLY A 192 5.05 -6.57 4.25
N ARG A 193 6.16 -5.85 4.03
CA ARG A 193 7.49 -6.37 4.29
C ARG A 193 7.93 -5.91 5.67
N ASP A 194 8.21 -6.85 6.56
CA ASP A 194 8.55 -6.51 7.95
C ASP A 194 9.62 -5.43 8.05
N TYR A 195 9.41 -4.50 8.99
CA TYR A 195 10.38 -3.45 9.30
C TYR A 195 10.40 -2.35 8.27
N ASN A 196 9.62 -2.51 7.21
CA ASN A 196 9.64 -1.51 6.14
C ASN A 196 9.02 -0.19 6.58
N THR A 197 9.28 0.86 5.80
CA THR A 197 8.78 2.20 6.10
C THR A 197 7.28 2.24 6.39
N VAL A 198 6.91 3.07 7.37
CA VAL A 198 5.50 3.37 7.63
C VAL A 198 5.25 4.86 7.39
N ASP A 199 4.10 5.17 6.80
CA ASP A 199 3.72 6.57 6.63
C ASP A 199 2.21 6.74 6.53
N MET A 200 1.71 7.79 7.16
CA MET A 200 0.28 8.04 7.19
C MET A 200 0.01 9.37 7.89
N SER A 201 -1.21 9.89 7.70
CA SER A 201 -1.61 11.15 8.29
C SER A 201 -1.89 10.99 9.78
N ARG A 202 -1.87 12.09 10.51
CA ARG A 202 -2.15 12.04 11.93
C ARG A 202 -3.57 11.55 12.17
N VAL A 203 -4.51 12.01 11.34
CA VAL A 203 -5.92 11.68 11.55
C VAL A 203 -6.20 10.20 11.32
N ARG A 204 -5.51 9.60 10.37
CA ARG A 204 -5.58 8.15 10.22
C ARG A 204 -5.02 7.40 11.43
N MET A 205 -3.92 7.88 11.99
CA MET A 205 -3.38 7.29 13.22
C MET A 205 -4.45 7.25 14.33
N TYR A 206 -5.04 8.41 14.61
CA TYR A 206 -5.96 8.56 15.72
C TYR A 206 -7.26 7.75 15.58
N ASN A 207 -7.81 7.68 14.38
CA ASN A 207 -9.05 6.94 14.16
C ASN A 207 -8.82 5.47 13.86
N GLU A 208 -7.77 5.15 13.12
CA GLU A 208 -7.64 3.81 12.55
C GLU A 208 -6.59 2.88 13.19
N TYR A 209 -5.56 3.46 13.81
CA TYR A 209 -4.45 2.65 14.33
C TYR A 209 -4.19 2.77 15.85
N PHE A 210 -4.36 3.97 16.40
CA PHE A 210 -4.06 4.23 17.82
C PHE A 210 -5.00 3.60 18.86
N PRO A 211 -6.28 3.40 18.52
CA PRO A 211 -7.21 3.03 19.60
C PRO A 211 -6.82 1.79 20.45
N PRO A 212 -6.27 0.73 19.84
CA PRO A 212 -5.88 -0.41 20.69
C PRO A 212 -4.77 -0.08 21.71
N TYR A 213 -3.78 0.71 21.31
CA TYR A 213 -2.71 1.08 22.23
C TYR A 213 -3.30 1.84 23.41
N LYS A 214 -4.12 2.85 23.10
CA LYS A 214 -4.76 3.64 24.13
C LYS A 214 -5.56 2.78 25.10
N ALA A 215 -6.25 1.77 24.56
CA ALA A 215 -7.03 0.88 25.40
C ALA A 215 -6.15 0.15 26.41
N ALA A 216 -4.99 -0.33 25.94
CA ALA A 216 -4.06 -1.04 26.82
C ALA A 216 -3.61 -0.13 27.94
N VAL A 217 -3.28 1.11 27.58
CA VAL A 217 -2.79 2.10 28.54
C VAL A 217 -3.86 2.42 29.56
N ASP A 218 -5.10 2.60 29.07
CA ASP A 218 -6.23 2.91 29.94
C ASP A 218 -6.62 1.71 30.81
N ALA A 219 -6.28 0.52 30.35
CA ALA A 219 -6.50 -0.70 31.13
C ALA A 219 -5.44 -0.85 32.21
N GLY A 220 -4.41 0.01 32.15
CA GLY A 220 -3.38 0.01 33.18
C GLY A 220 -2.18 -0.85 32.87
N VAL A 221 -1.94 -1.10 31.58
CA VAL A 221 -0.76 -1.87 31.19
C VAL A 221 0.49 -1.26 31.85
N GLY A 222 1.37 -2.10 32.36
CA GLY A 222 2.50 -1.61 33.14
C GLY A 222 3.66 -1.06 32.33
N SER A 223 3.78 -1.51 31.09
CA SER A 223 4.89 -1.08 30.26
C SER A 223 4.48 -1.00 28.80
N VAL A 224 5.29 -0.32 28.00
CA VAL A 224 5.05 -0.17 26.57
C VAL A 224 6.36 -0.45 25.83
N MET A 225 6.29 -1.22 24.75
CA MET A 225 7.47 -1.47 23.91
C MET A 225 7.41 -0.64 22.63
N THR A 226 8.53 -0.06 22.23
CA THR A 226 8.58 0.74 21.00
C THR A 226 8.60 -0.16 19.76
N SER A 227 8.34 0.43 18.61
CA SER A 227 8.33 -0.31 17.35
C SER A 227 9.55 -0.01 16.47
N PHE A 228 9.80 -0.89 15.50
CA PHE A 228 10.99 -0.82 14.67
C PHE A 228 10.90 0.23 13.58
N ASN A 229 9.67 0.66 13.30
CA ASN A 229 9.39 1.50 12.13
C ASN A 229 9.53 2.98 12.42
N GLU A 230 9.79 3.74 11.37
CA GLU A 230 9.78 5.19 11.46
C GLU A 230 8.34 5.70 11.33
N ILE A 231 8.13 6.93 11.74
CA ILE A 231 6.86 7.59 11.61
C ILE A 231 7.18 9.05 11.33
N ASP A 232 6.62 9.61 10.25
CA ASP A 232 6.97 10.95 9.81
C ASP A 232 8.49 11.10 9.65
N GLY A 233 9.15 10.00 9.32
CA GLY A 233 10.59 10.03 9.10
C GLY A 233 11.44 9.91 10.36
N ILE A 234 10.80 9.65 11.49
CA ILE A 234 11.53 9.43 12.74
C ILE A 234 11.19 8.07 13.37
N PRO A 235 12.22 7.24 13.56
CA PRO A 235 11.96 5.93 14.16
C PRO A 235 11.20 6.08 15.47
N ALA A 236 10.18 5.24 15.68
CA ALA A 236 9.37 5.26 16.89
C ALA A 236 10.27 5.42 18.13
N THR A 237 11.35 4.66 18.18
CA THR A 237 12.20 4.62 19.37
C THR A 237 12.83 5.97 19.70
N GLY A 238 12.97 6.83 18.69
CA GLY A 238 13.52 8.15 18.91
C GLY A 238 12.52 9.28 18.71
N ASN A 239 11.24 8.93 18.70
CA ASN A 239 10.19 9.89 18.34
C ASN A 239 9.53 10.51 19.57
N LYS A 240 9.95 11.73 19.93
CA LYS A 240 9.47 12.36 21.14
C LYS A 240 7.98 12.65 21.11
N TRP A 241 7.47 13.07 19.95
CA TRP A 241 6.04 13.34 19.84
C TRP A 241 5.24 12.10 20.24
N LEU A 242 5.66 10.95 19.73
CA LEU A 242 4.94 9.72 19.99
C LEU A 242 5.11 9.25 21.44
N MET A 243 6.36 9.15 21.89
CA MET A 243 6.67 8.58 23.20
C MET A 243 6.35 9.49 24.38
N THR A 244 6.31 10.79 24.12
CA THR A 244 5.99 11.74 25.18
C THR A 244 4.63 12.44 24.99
N ASP A 245 4.52 13.23 23.92
CA ASP A 245 3.30 14.03 23.71
C ASP A 245 2.03 13.21 23.51
N VAL A 246 2.14 12.07 22.84
CA VAL A 246 0.99 11.19 22.66
C VAL A 246 0.85 10.20 23.82
N LEU A 247 1.90 9.45 24.10
CA LEU A 247 1.85 8.42 25.15
C LEU A 247 1.57 9.01 26.54
N ARG A 248 2.29 10.08 26.87
CA ARG A 248 2.19 10.66 28.19
C ARG A 248 1.51 12.04 28.19
N LYS A 249 0.62 12.25 27.23
CA LYS A 249 -0.23 13.44 27.20
C LYS A 249 -0.96 13.59 28.54
N ARG A 250 -0.76 14.73 29.20
CA ARG A 250 -1.25 14.95 30.57
C ARG A 250 -2.42 14.07 31.04
N ILE A 251 -3.61 14.31 30.48
CA ILE A 251 -4.82 13.61 30.90
C ILE A 251 -4.94 12.24 30.24
N GLY A 252 -5.10 11.21 31.06
CA GLY A 252 -5.00 9.83 30.61
C GLY A 252 -3.61 9.27 30.89
N ALA A 253 -2.93 9.91 31.85
CA ALA A 253 -1.56 9.59 32.22
C ALA A 253 -1.20 8.11 32.07
N PHE A 254 -0.17 7.83 31.27
CA PHE A 254 0.50 6.54 31.32
C PHE A 254 1.58 6.64 32.39
N LYS A 255 1.56 5.73 33.36
CA LYS A 255 2.50 5.83 34.49
C LYS A 255 3.63 4.79 34.47
N GLY A 256 3.64 3.93 33.45
CA GLY A 256 4.61 2.85 33.38
C GLY A 256 5.91 3.25 32.70
N PHE A 257 6.69 2.25 32.30
CA PHE A 257 7.94 2.53 31.62
C PHE A 257 7.92 2.09 30.17
N VAL A 258 8.83 2.65 29.40
CA VAL A 258 8.94 2.33 27.99
C VAL A 258 10.22 1.56 27.77
N VAL A 259 10.10 0.40 27.13
CA VAL A 259 11.26 -0.43 26.79
C VAL A 259 11.37 -0.47 25.27
N THR A 260 12.60 -0.46 24.74
CA THR A 260 12.76 -0.49 23.29
C THR A 260 12.51 -1.91 22.80
N ASP A 261 12.24 -2.04 21.50
CA ASP A 261 12.26 -3.36 20.90
C ASP A 261 13.73 -3.80 20.77
N TYR A 262 13.94 -5.00 20.26
CA TYR A 262 15.25 -5.64 20.24
C TYR A 262 16.29 -4.82 19.46
N THR A 263 17.28 -4.27 20.17
CA THR A 263 18.26 -3.32 19.61
C THR A 263 17.66 -2.21 18.75
N ALA A 264 16.44 -1.79 19.08
CA ALA A 264 15.80 -0.73 18.32
C ALA A 264 16.62 0.55 18.33
N ILE A 265 17.31 0.83 19.42
CA ILE A 265 18.13 2.05 19.45
C ILE A 265 19.28 1.98 18.45
N ASN A 266 20.05 0.89 18.51
CA ASN A 266 21.16 0.70 17.58
C ASN A 266 20.70 0.77 16.11
N GLU A 267 19.49 0.31 15.85
CA GLU A 267 19.01 0.27 14.47
C GLU A 267 18.69 1.65 13.93
N MET A 268 18.49 2.61 14.81
CA MET A 268 18.30 3.98 14.38
C MET A 268 19.54 4.50 13.67
N ILE A 269 20.68 3.87 13.93
CA ILE A 269 21.90 4.13 13.16
C ILE A 269 21.69 3.75 11.69
N ASP A 270 21.14 2.57 11.45
CA ASP A 270 20.82 2.14 10.08
C ASP A 270 19.70 2.96 9.45
N HIS A 271 18.68 3.29 10.25
CA HIS A 271 17.61 4.18 9.80
C HIS A 271 18.20 5.44 9.12
N GLY A 272 19.32 5.93 9.64
CA GLY A 272 19.96 7.12 9.10
C GLY A 272 19.95 8.29 10.08
N MET A 273 19.89 7.97 11.37
CA MET A 273 19.71 8.99 12.41
C MET A 273 20.98 9.47 13.10
N GLY A 274 22.11 8.82 12.83
CA GLY A 274 23.37 9.20 13.46
C GLY A 274 24.11 8.03 14.10
N ASP A 275 25.12 8.34 14.91
CA ASP A 275 25.89 7.28 15.58
C ASP A 275 25.21 6.84 16.88
N LEU A 276 25.80 5.85 17.54
CA LEU A 276 25.15 5.24 18.71
C LEU A 276 24.89 6.24 19.84
N GLN A 277 25.83 7.14 20.10
CA GLN A 277 25.62 8.09 21.18
C GLN A 277 24.45 8.99 20.86
N THR A 278 24.48 9.55 19.65
CA THR A 278 23.44 10.42 19.17
C THR A 278 22.05 9.78 19.29
N VAL A 279 21.90 8.56 18.77
CA VAL A 279 20.57 7.96 18.74
C VAL A 279 20.11 7.52 20.13
N SER A 280 21.06 7.17 20.99
CA SER A 280 20.77 6.84 22.39
C SER A 280 20.19 8.02 23.14
N ALA A 281 20.82 9.18 22.97
CA ALA A 281 20.38 10.40 23.64
C ALA A 281 19.01 10.79 23.13
N LEU A 282 18.79 10.55 21.85
CA LEU A 282 17.53 10.87 21.19
C LEU A 282 16.44 10.04 21.81
N ALA A 283 16.75 8.77 22.04
CA ALA A 283 15.80 7.83 22.64
C ALA A 283 15.47 8.19 24.09
N LEU A 284 16.47 8.57 24.87
CA LEU A 284 16.22 8.94 26.26
C LEU A 284 15.37 10.19 26.29
N ARG A 285 15.74 11.18 25.49
CA ARG A 285 14.98 12.43 25.41
C ARG A 285 13.54 12.21 24.95
N ALA A 286 13.34 11.18 24.14
CA ALA A 286 12.00 10.90 23.61
C ALA A 286 11.05 10.37 24.67
N GLY A 287 11.62 9.79 25.73
CA GLY A 287 10.84 9.14 26.76
C GLY A 287 11.09 7.64 26.90
N VAL A 288 12.12 7.13 26.23
CA VAL A 288 12.50 5.72 26.39
C VAL A 288 13.20 5.46 27.73
N ASP A 289 12.81 4.37 28.41
CA ASP A 289 13.32 4.11 29.76
C ASP A 289 14.27 2.92 29.84
N MET A 290 14.01 1.89 29.05
CA MET A 290 14.83 0.69 29.13
C MET A 290 15.29 0.23 27.75
N ASP A 291 16.55 -0.17 27.69
CA ASP A 291 17.26 -0.40 26.43
C ASP A 291 17.51 -1.88 26.26
N MET A 292 16.77 -2.50 25.34
CA MET A 292 16.86 -3.95 25.12
C MET A 292 18.09 -4.34 24.28
N VAL A 293 19.00 -5.10 24.90
CA VAL A 293 20.14 -5.75 24.22
C VAL A 293 21.28 -4.85 23.70
N GLY A 294 20.94 -3.74 23.06
CA GLY A 294 21.92 -2.95 22.32
C GLY A 294 22.92 -2.16 23.13
N GLU A 295 22.63 -1.96 24.41
CA GLU A 295 23.56 -1.32 25.35
C GLU A 295 24.03 0.08 24.98
N GLY A 296 23.26 0.76 24.14
CA GLY A 296 23.48 2.16 23.85
C GLY A 296 23.39 3.04 25.09
N PHE A 297 22.36 2.82 25.92
CA PHE A 297 22.23 3.56 27.18
C PHE A 297 23.44 3.32 28.07
N LEU A 298 23.71 2.06 28.37
CA LEU A 298 24.80 1.67 29.24
C LEU A 298 26.12 2.33 28.85
N THR A 299 26.46 2.22 27.56
CA THR A 299 27.78 2.64 27.11
C THR A 299 27.90 4.10 26.66
N THR A 300 26.80 4.83 26.56
CA THR A 300 26.91 6.22 26.07
C THR A 300 26.24 7.32 26.88
N LEU A 301 25.33 6.99 27.78
CA LEU A 301 24.59 8.04 28.48
C LEU A 301 25.47 8.98 29.34
N LYS A 302 26.45 8.41 30.04
CA LYS A 302 27.31 9.25 30.87
C LYS A 302 28.04 10.31 30.04
N LYS A 303 28.52 9.92 28.87
CA LYS A 303 29.26 10.84 28.02
C LYS A 303 28.35 11.99 27.57
N SER A 304 27.10 11.65 27.26
CA SER A 304 26.12 12.64 26.82
C SER A 304 25.77 13.58 27.95
N LEU A 305 25.67 13.04 29.16
CA LEU A 305 25.41 13.85 30.34
C LEU A 305 26.55 14.84 30.57
N GLN A 306 27.78 14.35 30.50
CA GLN A 306 28.96 15.19 30.63
C GLN A 306 28.98 16.29 29.58
N GLU A 307 28.50 15.99 28.38
CA GLU A 307 28.50 16.95 27.30
C GLU A 307 27.24 17.83 27.26
N GLY A 308 26.35 17.64 28.23
CA GLY A 308 25.14 18.45 28.31
C GLY A 308 24.13 18.16 27.21
N LYS A 309 24.30 17.02 26.55
CA LYS A 309 23.35 16.59 25.52
C LYS A 309 22.11 15.96 26.11
N ILE A 310 22.18 15.58 27.39
CA ILE A 310 21.01 15.10 28.13
C ILE A 310 21.16 15.62 29.54
N THR A 311 20.15 15.41 30.38
CA THR A 311 20.18 15.95 31.74
C THR A 311 20.07 14.84 32.79
N GLN A 312 20.47 15.17 34.01
CA GLN A 312 20.33 14.26 35.14
C GLN A 312 18.86 13.92 35.34
N ALA A 313 18.01 14.93 35.24
CA ALA A 313 16.57 14.74 35.43
C ALA A 313 16.01 13.67 34.49
N GLN A 314 16.50 13.65 33.26
CA GLN A 314 16.04 12.67 32.27
C GLN A 314 16.43 11.26 32.67
N ILE A 315 17.65 11.12 33.21
CA ILE A 315 18.14 9.83 33.65
C ILE A 315 17.39 9.41 34.91
N ASP A 316 17.20 10.35 35.83
CA ASP A 316 16.52 10.06 37.08
C ASP A 316 15.10 9.57 36.85
N ALA A 317 14.37 10.29 36.01
CA ALA A 317 12.99 9.94 35.68
C ALA A 317 12.87 8.52 35.12
N ALA A 318 13.80 8.15 34.24
CA ALA A 318 13.81 6.83 33.63
C ALA A 318 14.10 5.74 34.67
N CYS A 319 15.16 5.95 35.44
CA CYS A 319 15.52 5.05 36.52
C CYS A 319 14.36 4.86 37.51
N LYS A 320 13.77 5.96 37.96
CA LYS A 320 12.63 5.88 38.87
C LYS A 320 11.53 4.99 38.32
N ARG A 321 11.22 5.13 37.03
CA ARG A 321 10.13 4.36 36.43
C ARG A 321 10.40 2.86 36.44
N ILE A 322 11.65 2.48 36.23
CA ILE A 322 12.03 1.09 36.30
C ILE A 322 11.88 0.58 37.73
N LEU A 323 12.40 1.34 38.69
CA LEU A 323 12.33 0.95 40.10
C LEU A 323 10.88 0.83 40.59
N GLU A 324 9.99 1.64 40.04
CA GLU A 324 8.58 1.58 40.42
C GLU A 324 7.92 0.29 39.94
N ALA A 325 8.29 -0.19 38.76
CA ALA A 325 7.73 -1.43 38.26
C ALA A 325 8.14 -2.60 39.17
N LYS A 326 9.42 -2.60 39.55
CA LYS A 326 9.92 -3.62 40.45
C LYS A 326 9.19 -3.58 41.77
N TYR A 327 9.01 -2.37 42.30
CA TYR A 327 8.31 -2.18 43.56
C TYR A 327 6.90 -2.76 43.45
N LYS A 328 6.20 -2.38 42.39
CA LYS A 328 4.81 -2.80 42.20
C LYS A 328 4.67 -4.31 42.10
N LEU A 329 5.66 -4.96 41.48
CA LEU A 329 5.64 -6.40 41.31
C LEU A 329 5.99 -7.14 42.61
N GLY A 330 6.34 -6.37 43.65
CA GLY A 330 6.64 -6.93 44.95
C GLY A 330 8.10 -7.34 45.15
N LEU A 331 8.95 -6.97 44.22
CA LEU A 331 10.34 -7.43 44.23
C LEU A 331 11.19 -6.86 45.35
N PHE A 332 10.77 -5.73 45.93
CA PHE A 332 11.53 -5.15 47.04
C PHE A 332 11.12 -5.72 48.39
N SER A 333 9.95 -6.33 48.45
CA SER A 333 9.56 -7.06 49.65
C SER A 333 10.06 -8.49 49.56
N ASP A 334 10.03 -9.06 48.35
CA ASP A 334 10.52 -10.41 48.12
C ASP A 334 11.08 -10.62 46.71
N PRO A 335 12.40 -10.54 46.57
CA PRO A 335 13.07 -10.65 45.28
C PRO A 335 12.82 -12.01 44.63
N TYR A 336 12.46 -12.99 45.44
CA TYR A 336 12.24 -14.36 44.95
C TYR A 336 10.75 -14.70 44.88
N LYS A 337 9.92 -13.66 44.86
CA LYS A 337 8.47 -13.80 44.81
C LYS A 337 7.99 -14.83 43.79
N TYR A 338 8.58 -14.78 42.59
CA TYR A 338 8.14 -15.62 41.47
C TYR A 338 8.95 -16.92 41.33
N CYS A 339 9.70 -17.26 42.37
CA CYS A 339 10.64 -18.39 42.31
C CYS A 339 10.29 -19.46 43.32
N ASN A 340 9.27 -20.25 43.02
CA ASN A 340 8.86 -21.34 43.89
C ASN A 340 8.80 -22.64 43.11
N GLU A 341 9.72 -23.55 43.44
CA GLU A 341 9.87 -24.81 42.72
C GLU A 341 8.61 -25.65 42.72
N GLU A 342 7.86 -25.58 43.82
CA GLU A 342 6.66 -26.38 43.98
C GLU A 342 5.54 -25.88 43.05
N ARG A 343 5.43 -24.55 42.93
CA ARG A 343 4.48 -23.97 41.99
C ARG A 343 4.79 -24.44 40.58
N ALA A 344 6.06 -24.34 40.20
CA ALA A 344 6.51 -24.74 38.88
C ALA A 344 6.26 -26.23 38.64
N ARG A 345 6.28 -27.02 39.69
CA ARG A 345 6.08 -28.46 39.57
C ARG A 345 4.60 -28.80 39.42
N THR A 346 3.73 -28.01 40.05
CA THR A 346 2.30 -28.32 40.09
C THR A 346 1.39 -27.41 39.26
N GLN A 347 1.90 -26.29 38.77
CA GLN A 347 1.03 -25.31 38.16
C GLN A 347 1.30 -25.05 36.68
N ILE A 348 2.10 -25.91 36.05
CA ILE A 348 2.46 -25.72 34.66
C ILE A 348 2.11 -26.93 33.78
N PHE A 349 1.46 -26.68 32.64
CA PHE A 349 1.10 -27.72 31.69
C PHE A 349 0.29 -28.84 32.34
N THR A 350 -0.52 -28.47 33.34
CA THR A 350 -1.38 -29.44 34.03
C THR A 350 -2.45 -29.99 33.10
N PRO A 351 -3.06 -31.13 33.47
CA PRO A 351 -4.15 -31.70 32.67
C PRO A 351 -5.32 -30.73 32.56
N GLU A 352 -5.57 -29.97 33.61
CA GLU A 352 -6.64 -28.98 33.63
C GLU A 352 -6.35 -27.83 32.66
N HIS A 353 -5.14 -27.29 32.71
CA HIS A 353 -4.77 -26.24 31.77
C HIS A 353 -4.91 -26.69 30.32
N ARG A 354 -4.51 -27.92 30.05
CA ARG A 354 -4.58 -28.44 28.69
C ARG A 354 -6.03 -28.59 28.21
N LYS A 355 -6.90 -29.03 29.12
CA LYS A 355 -8.33 -29.14 28.83
C LYS A 355 -8.92 -27.79 28.43
N ILE A 356 -8.62 -26.75 29.21
CA ILE A 356 -9.09 -25.40 28.91
C ILE A 356 -8.62 -24.92 27.54
N ALA A 357 -7.37 -25.20 27.20
CA ALA A 357 -6.84 -24.83 25.89
C ALA A 357 -7.63 -25.53 24.80
N ARG A 358 -7.93 -26.81 25.00
CA ARG A 358 -8.70 -27.57 24.05
C ARG A 358 -10.06 -26.93 23.80
N GLU A 359 -10.71 -26.51 24.88
CA GLU A 359 -12.03 -25.89 24.77
C GLU A 359 -11.96 -24.54 24.09
N ILE A 360 -10.96 -23.75 24.45
CA ILE A 360 -10.82 -22.43 23.86
C ILE A 360 -10.45 -22.48 22.39
N ALA A 361 -9.56 -23.42 22.02
CA ALA A 361 -9.14 -23.57 20.63
C ALA A 361 -10.33 -23.83 19.71
N ALA A 362 -11.25 -24.68 20.16
CA ALA A 362 -12.37 -25.12 19.34
C ALA A 362 -13.30 -23.97 19.05
N GLN A 363 -13.24 -22.94 19.87
CA GLN A 363 -14.12 -21.79 19.71
C GLN A 363 -13.46 -20.70 18.87
N SER A 364 -12.23 -20.96 18.41
CA SER A 364 -11.50 -19.98 17.60
C SER A 364 -11.56 -20.28 16.10
N PHE A 365 -11.99 -21.49 15.75
CA PHE A 365 -12.09 -21.88 14.34
C PHE A 365 -13.15 -21.07 13.60
N VAL A 366 -12.87 -20.74 12.35
CA VAL A 366 -13.87 -20.12 11.48
C VAL A 366 -14.29 -21.05 10.36
N LEU A 367 -15.56 -21.44 10.37
CA LEU A 367 -16.14 -22.20 9.27
C LEU A 367 -16.39 -21.26 8.08
N LEU A 368 -15.60 -21.40 7.03
CA LEU A 368 -15.67 -20.48 5.88
C LEU A 368 -16.61 -20.94 4.78
N LYS A 369 -16.93 -22.23 4.77
CA LYS A 369 -17.86 -22.81 3.81
C LYS A 369 -18.26 -24.21 4.28
N ASN A 370 -19.53 -24.56 4.07
CA ASN A 370 -20.00 -25.90 4.44
C ASN A 370 -21.21 -26.29 3.60
N ASP A 371 -20.96 -26.68 2.34
CA ASP A 371 -22.04 -27.03 1.43
C ASP A 371 -22.56 -28.45 1.65
N ASN A 372 -23.86 -28.63 1.42
CA ASN A 372 -24.46 -29.96 1.44
C ASN A 372 -24.17 -30.76 2.72
N ASN A 373 -24.22 -30.08 3.87
CA ASN A 373 -24.12 -30.75 5.17
C ASN A 373 -22.95 -31.73 5.25
N VAL A 374 -21.81 -31.36 4.68
CA VAL A 374 -20.63 -32.20 4.81
C VAL A 374 -20.19 -32.28 6.27
N LEU A 375 -20.11 -31.12 6.93
CA LEU A 375 -19.82 -31.08 8.36
C LEU A 375 -21.10 -30.86 9.17
N PRO A 376 -21.20 -31.50 10.35
CA PRO A 376 -20.15 -32.32 10.96
C PRO A 376 -20.09 -33.71 10.33
N LEU A 377 -18.90 -34.30 10.32
CA LEU A 377 -18.72 -35.65 9.81
C LEU A 377 -19.38 -36.66 10.71
N LYS A 378 -19.96 -37.69 10.12
CA LYS A 378 -20.47 -38.82 10.87
C LYS A 378 -19.29 -39.64 11.37
N LYS A 379 -19.34 -40.07 12.63
CA LYS A 379 -18.28 -40.89 13.19
C LYS A 379 -18.49 -42.36 12.85
N SER A 380 -18.38 -42.66 11.55
CA SER A 380 -18.52 -44.01 11.04
C SER A 380 -17.86 -44.09 9.68
N GLY A 381 -17.91 -45.27 9.07
CA GLY A 381 -17.26 -45.48 7.79
C GLY A 381 -15.77 -45.22 7.87
N THR A 382 -15.17 -44.86 6.73
CA THR A 382 -13.73 -44.63 6.64
C THR A 382 -13.45 -43.18 6.28
N ILE A 383 -12.45 -42.61 6.94
CA ILE A 383 -12.05 -41.23 6.72
C ILE A 383 -10.58 -41.16 6.32
N ALA A 384 -10.28 -40.45 5.24
CA ALA A 384 -8.92 -40.31 4.77
C ALA A 384 -8.37 -38.94 5.15
N LEU A 385 -7.24 -38.94 5.86
CA LEU A 385 -6.60 -37.70 6.29
C LEU A 385 -5.28 -37.51 5.54
N VAL A 386 -5.21 -36.45 4.75
CA VAL A 386 -4.12 -36.26 3.80
C VAL A 386 -3.54 -34.85 3.90
N GLY A 387 -2.21 -34.73 3.70
CA GLY A 387 -1.58 -33.43 3.66
C GLY A 387 -0.35 -33.29 4.55
N PRO A 388 0.53 -32.33 4.19
CA PRO A 388 1.75 -32.04 4.94
C PRO A 388 1.50 -31.65 6.40
N LEU A 389 0.26 -31.29 6.75
CA LEU A 389 -0.05 -30.88 8.12
C LEU A 389 -0.93 -31.87 8.89
N ALA A 390 -1.13 -33.05 8.33
CA ALA A 390 -2.00 -34.05 8.94
C ALA A 390 -1.41 -34.76 10.16
N ASP A 391 -0.09 -34.89 10.21
CA ASP A 391 0.56 -35.66 11.28
C ASP A 391 1.90 -35.05 11.71
N ASN A 392 1.81 -33.90 12.36
CA ASN A 392 2.98 -33.17 12.82
C ASN A 392 2.61 -32.47 14.12
N ARG A 393 3.41 -32.68 15.16
CA ARG A 393 3.14 -32.08 16.46
C ARG A 393 3.74 -30.69 16.62
N VAL A 394 5.02 -30.56 16.26
CA VAL A 394 5.76 -29.34 16.57
C VAL A 394 5.19 -28.08 15.91
N ASN A 395 4.47 -28.23 14.80
CA ASN A 395 3.87 -27.06 14.14
C ASN A 395 2.56 -26.58 14.75
N MET A 396 1.89 -27.43 15.52
CA MET A 396 0.55 -27.12 16.02
C MET A 396 0.43 -25.84 16.85
N PRO A 397 1.44 -25.52 17.68
CA PRO A 397 1.33 -24.25 18.41
C PRO A 397 1.52 -23.00 17.55
N GLY A 398 1.99 -23.15 16.32
CA GLY A 398 2.24 -21.98 15.48
C GLY A 398 3.45 -21.19 15.93
N THR A 399 3.60 -19.97 15.44
CA THR A 399 4.77 -19.17 15.80
C THR A 399 4.62 -18.51 17.17
N TRP A 400 5.69 -17.84 17.60
CA TRP A 400 5.70 -17.16 18.88
C TRP A 400 5.25 -18.05 20.06
N SER A 401 5.84 -19.23 20.15
CA SER A 401 5.53 -20.15 21.22
C SER A 401 6.82 -20.70 21.85
N VAL A 402 7.72 -19.81 22.24
CA VAL A 402 9.07 -20.22 22.64
C VAL A 402 9.11 -21.17 23.85
N ALA A 403 8.11 -21.11 24.71
CA ALA A 403 8.12 -21.93 25.91
C ALA A 403 7.23 -23.16 25.78
N ALA A 404 6.51 -23.23 24.67
CA ALA A 404 5.52 -24.30 24.45
C ALA A 404 6.12 -25.71 24.38
N LYS A 405 5.37 -26.68 24.89
CA LYS A 405 5.73 -28.08 24.77
C LYS A 405 5.41 -28.61 23.37
N HIS A 406 6.13 -28.13 22.37
CA HIS A 406 5.84 -28.48 20.97
C HIS A 406 5.74 -29.98 20.72
N ALA A 407 6.71 -30.74 21.23
CA ALA A 407 6.80 -32.17 20.94
C ALA A 407 5.70 -32.96 21.61
N GLU A 408 4.93 -32.30 22.47
CA GLU A 408 3.83 -32.97 23.16
C GLU A 408 2.46 -32.53 22.65
N SER A 409 2.44 -31.79 21.55
CA SER A 409 1.19 -31.38 20.92
C SER A 409 0.44 -32.58 20.33
N VAL A 410 -0.87 -32.42 20.17
CA VAL A 410 -1.70 -33.46 19.57
C VAL A 410 -1.81 -33.21 18.07
N SER A 411 -1.25 -34.10 17.28
CA SER A 411 -1.32 -33.95 15.83
C SER A 411 -2.75 -34.21 15.41
N LEU A 412 -3.12 -33.79 14.21
CA LEU A 412 -4.48 -34.00 13.72
C LEU A 412 -4.76 -35.50 13.55
N LEU A 413 -3.78 -36.22 13.03
CA LEU A 413 -3.93 -37.67 12.89
C LEU A 413 -4.23 -38.31 14.23
N GLU A 414 -3.45 -37.93 15.24
CA GLU A 414 -3.58 -38.46 16.60
C GLU A 414 -4.96 -38.17 17.18
N GLY A 415 -5.37 -36.91 17.08
CA GLY A 415 -6.63 -36.48 17.65
C GLY A 415 -7.81 -37.14 16.99
N LEU A 416 -7.72 -37.29 15.67
CA LEU A 416 -8.75 -37.95 14.89
C LEU A 416 -8.91 -39.42 15.29
N LYS A 417 -7.79 -40.15 15.30
CA LYS A 417 -7.83 -41.56 15.69
C LYS A 417 -8.45 -41.71 17.07
N LYS A 418 -8.06 -40.84 17.99
CA LYS A 418 -8.60 -40.88 19.36
C LYS A 418 -10.11 -40.69 19.40
N ALA A 419 -10.63 -39.69 18.67
CA ALA A 419 -12.06 -39.42 18.67
C ALA A 419 -12.83 -40.51 17.91
N ALA A 420 -12.25 -41.01 16.83
CA ALA A 420 -12.85 -42.09 16.06
C ALA A 420 -13.02 -43.37 16.89
N GLY A 421 -11.94 -43.79 17.54
CA GLY A 421 -11.95 -45.04 18.30
C GLY A 421 -12.24 -46.23 17.41
N ASN A 422 -13.20 -47.05 17.81
CA ASN A 422 -13.60 -48.21 17.00
C ASN A 422 -14.83 -47.92 16.15
N ASP A 423 -15.27 -46.65 16.15
CA ASP A 423 -16.45 -46.27 15.38
C ASP A 423 -16.12 -45.96 13.93
N ALA A 424 -14.90 -45.48 13.68
CA ALA A 424 -14.52 -45.04 12.33
C ALA A 424 -13.06 -45.39 12.02
N ARG A 425 -12.80 -45.68 10.75
CA ARG A 425 -11.44 -45.97 10.31
C ARG A 425 -10.78 -44.73 9.72
N ILE A 426 -9.68 -44.30 10.32
CA ILE A 426 -8.91 -43.17 9.81
C ILE A 426 -7.72 -43.68 8.99
N LEU A 427 -7.71 -43.36 7.70
CA LEU A 427 -6.56 -43.68 6.87
C LEU A 427 -5.71 -42.43 6.70
N TYR A 428 -4.41 -42.61 6.48
CA TYR A 428 -3.51 -41.47 6.35
C TYR A 428 -2.67 -41.54 5.08
N ALA A 429 -2.29 -40.37 4.58
CA ALA A 429 -1.34 -40.28 3.46
C ALA A 429 -0.69 -38.90 3.44
N HIS A 430 0.61 -38.85 3.14
CA HIS A 430 1.36 -37.59 3.14
C HIS A 430 0.78 -36.63 2.11
N GLY A 431 0.64 -37.11 0.88
CA GLY A 431 0.04 -36.33 -0.19
C GLY A 431 1.03 -35.43 -0.90
N SER A 432 1.67 -34.54 -0.13
CA SER A 432 2.67 -33.63 -0.67
C SER A 432 3.45 -32.97 0.43
N ASN A 433 4.68 -32.55 0.12
CA ASN A 433 5.45 -31.70 1.00
C ASN A 433 4.77 -30.34 1.16
N LEU A 434 5.36 -29.46 1.96
CA LEU A 434 4.77 -28.14 2.20
C LEU A 434 4.76 -27.31 0.93
N ASP A 435 5.82 -27.47 0.13
CA ASP A 435 5.98 -26.70 -1.09
C ASP A 435 6.99 -27.42 -1.98
N GLU A 436 6.92 -27.16 -3.29
CA GLU A 436 8.06 -27.46 -4.14
C GLU A 436 9.14 -26.55 -3.60
N ASP A 437 10.35 -26.58 -4.14
CA ASP A 437 11.38 -25.68 -3.60
C ASP A 437 11.67 -25.98 -2.12
N LYS A 438 12.56 -26.94 -1.90
CA LYS A 438 13.01 -27.30 -0.57
C LYS A 438 13.56 -26.12 0.22
N SER A 439 14.29 -25.22 -0.45
CA SER A 439 14.93 -24.12 0.27
C SER A 439 13.90 -23.21 0.92
N LEU A 440 12.72 -23.09 0.32
CA LEU A 440 11.65 -22.30 0.92
C LEU A 440 11.08 -23.05 2.12
N ILE A 441 10.88 -24.36 1.98
CA ILE A 441 10.46 -25.15 3.13
C ILE A 441 11.40 -24.96 4.32
N GLU A 442 12.70 -24.94 4.04
CA GLU A 442 13.68 -24.81 5.10
C GLU A 442 13.56 -23.48 5.84
N ARG A 443 13.52 -22.36 5.12
CA ARG A 443 13.44 -21.07 5.82
C ARG A 443 12.07 -20.89 6.49
N ALA A 444 11.08 -21.65 6.03
CA ALA A 444 9.74 -21.58 6.61
C ALA A 444 9.58 -22.51 7.82
N THR A 445 10.61 -23.29 8.12
CA THR A 445 10.50 -24.23 9.24
C THR A 445 11.67 -24.11 10.20
N MET A 446 12.17 -22.90 10.38
CA MET A 446 13.26 -22.65 11.31
C MET A 446 12.81 -22.91 12.73
N PHE A 447 13.75 -22.72 13.66
CA PHE A 447 13.46 -22.79 15.09
C PHE A 447 13.00 -24.19 15.53
N GLY A 448 13.39 -25.21 14.78
CA GLY A 448 13.06 -26.58 15.14
C GLY A 448 11.63 -27.01 14.85
N LYS A 449 10.92 -26.26 14.00
CA LYS A 449 9.55 -26.58 13.66
C LYS A 449 9.48 -27.36 12.36
N THR A 450 10.16 -28.50 12.31
CA THR A 450 10.34 -29.20 11.05
C THR A 450 9.14 -30.08 10.64
N LEU A 451 8.98 -30.25 9.33
CA LEU A 451 7.95 -31.11 8.77
C LEU A 451 8.64 -32.29 8.09
N LYS A 452 7.99 -33.44 8.06
CA LYS A 452 8.55 -34.58 7.36
C LYS A 452 8.68 -34.27 5.87
N TYR A 453 9.83 -34.58 5.30
CA TYR A 453 10.09 -34.30 3.90
C TYR A 453 10.19 -35.56 3.06
N ASP A 454 9.44 -35.62 1.96
CA ASP A 454 9.37 -36.80 1.10
C ASP A 454 10.12 -36.56 -0.21
N PRO A 455 11.24 -37.29 -0.40
CA PRO A 455 12.14 -37.13 -1.57
C PRO A 455 11.50 -37.62 -2.87
N ARG A 456 10.42 -38.38 -2.76
CA ARG A 456 9.79 -38.96 -3.94
C ARG A 456 9.13 -37.89 -4.84
N PRO A 457 9.16 -38.11 -6.17
CA PRO A 457 8.48 -37.23 -7.13
C PRO A 457 7.05 -36.93 -6.70
N LYS A 458 6.62 -35.68 -6.87
CA LYS A 458 5.29 -35.26 -6.40
C LYS A 458 4.14 -36.11 -6.95
N ASP A 459 4.25 -36.56 -8.20
CA ASP A 459 3.18 -37.36 -8.80
C ASP A 459 3.04 -38.71 -8.10
N VAL A 460 4.16 -39.26 -7.62
CA VAL A 460 4.14 -40.54 -6.93
C VAL A 460 3.38 -40.40 -5.61
N VAL A 461 3.73 -39.36 -4.86
CA VAL A 461 3.18 -39.16 -3.52
C VAL A 461 1.70 -38.80 -3.60
N ILE A 462 1.33 -38.10 -4.66
CA ILE A 462 -0.07 -37.80 -4.91
C ILE A 462 -0.85 -39.06 -5.26
N LYS A 463 -0.32 -39.87 -6.17
CA LYS A 463 -0.96 -41.15 -6.50
C LYS A 463 -1.16 -42.01 -5.26
N GLU A 464 -0.25 -41.89 -4.31
CA GLU A 464 -0.33 -42.66 -3.07
C GLU A 464 -1.54 -42.20 -2.27
N ALA A 465 -1.72 -40.88 -2.18
CA ALA A 465 -2.82 -40.32 -1.39
C ALA A 465 -4.17 -40.55 -2.08
N VAL A 466 -4.19 -40.41 -3.40
CA VAL A 466 -5.40 -40.63 -4.18
C VAL A 466 -5.89 -42.07 -4.02
N ASP A 467 -4.96 -43.01 -3.95
CA ASP A 467 -5.33 -44.42 -3.82
C ASP A 467 -5.86 -44.72 -2.43
N ILE A 468 -5.28 -44.08 -1.42
CA ILE A 468 -5.81 -44.15 -0.07
C ILE A 468 -7.17 -43.45 0.01
N ALA A 469 -7.23 -42.24 -0.54
CA ALA A 469 -8.46 -41.47 -0.51
C ALA A 469 -9.60 -42.26 -1.13
N ASN A 470 -9.30 -42.97 -2.22
CA ASN A 470 -10.32 -43.73 -2.94
C ASN A 470 -10.90 -44.90 -2.16
N GLN A 471 -10.42 -45.08 -0.94
CA GLN A 471 -10.91 -46.15 -0.08
C GLN A 471 -11.76 -45.62 1.07
N ALA A 472 -11.81 -44.30 1.21
CA ALA A 472 -12.57 -43.69 2.29
C ALA A 472 -13.91 -43.15 1.77
N ASP A 473 -14.76 -42.70 2.70
CA ASP A 473 -16.05 -42.13 2.32
C ASP A 473 -15.97 -40.60 2.33
N VAL A 474 -14.95 -40.07 2.98
CA VAL A 474 -14.71 -38.64 3.02
C VAL A 474 -13.23 -38.34 3.17
N ILE A 475 -12.76 -37.28 2.52
CA ILE A 475 -11.37 -36.87 2.62
C ILE A 475 -11.27 -35.62 3.47
N VAL A 476 -10.33 -35.62 4.42
CA VAL A 476 -10.02 -34.42 5.18
C VAL A 476 -8.60 -33.99 4.86
N ALA A 477 -8.47 -32.88 4.14
CA ALA A 477 -7.15 -32.41 3.72
C ALA A 477 -6.59 -31.34 4.65
N ALA A 478 -5.51 -31.69 5.36
CA ALA A 478 -4.85 -30.75 6.25
C ALA A 478 -3.77 -30.01 5.46
N LEU A 479 -4.09 -28.80 5.03
CA LEU A 479 -3.22 -28.05 4.14
C LEU A 479 -3.01 -26.66 4.71
N GLY A 480 -2.09 -25.92 4.11
CA GLY A 480 -1.90 -24.52 4.45
C GLY A 480 -0.45 -24.14 4.69
N GLU A 481 -0.23 -23.35 5.73
CA GLU A 481 1.12 -22.91 6.06
C GLU A 481 1.76 -23.74 7.17
N SER A 482 3.09 -23.62 7.28
CA SER A 482 3.80 -24.08 8.46
C SER A 482 3.82 -22.95 9.49
N ALA A 483 4.19 -23.31 10.72
CA ALA A 483 4.16 -22.37 11.83
C ALA A 483 4.98 -21.12 11.56
N GLU A 484 6.23 -21.31 11.14
CA GLU A 484 7.13 -20.18 10.98
C GLU A 484 7.04 -19.54 9.60
N MET A 485 5.95 -19.84 8.88
CA MET A 485 5.68 -19.14 7.64
C MET A 485 5.05 -17.79 7.96
N SER A 486 4.65 -17.63 9.22
CA SER A 486 4.26 -16.33 9.75
C SER A 486 5.11 -16.04 10.99
N GLY A 487 4.82 -14.95 11.68
CA GLY A 487 5.65 -14.52 12.79
C GLY A 487 6.53 -13.36 12.37
N GLU A 488 7.55 -13.07 13.16
CA GLU A 488 8.48 -11.98 12.88
C GLU A 488 9.35 -12.31 11.66
N ALA A 489 9.58 -11.30 10.82
CA ALA A 489 10.38 -11.48 9.61
C ALA A 489 9.94 -12.71 8.79
N SER A 490 8.63 -12.91 8.71
CA SER A 490 8.07 -13.95 7.87
C SER A 490 7.02 -13.35 6.92
N SER A 491 7.47 -12.42 6.07
CA SER A 491 6.59 -11.78 5.09
C SER A 491 6.50 -12.64 3.83
N ARG A 492 5.29 -12.75 3.28
CA ARG A 492 5.08 -13.51 2.04
C ARG A 492 4.52 -12.58 0.97
N SER A 493 5.20 -12.47 -0.16
CA SER A 493 4.64 -11.70 -1.29
C SER A 493 3.48 -12.47 -1.95
N ASN A 494 3.39 -13.76 -1.65
CA ASN A 494 2.31 -14.61 -2.13
C ASN A 494 1.49 -15.17 -0.97
N ILE A 495 0.19 -14.86 -0.96
CA ILE A 495 -0.66 -15.27 0.15
C ILE A 495 -1.70 -16.32 -0.24
N GLU A 496 -1.31 -17.25 -1.09
CA GLU A 496 -2.13 -18.41 -1.40
C GLU A 496 -1.61 -19.61 -0.63
N ILE A 497 -2.39 -20.68 -0.62
CA ILE A 497 -1.86 -21.96 -0.23
C ILE A 497 -0.73 -22.30 -1.19
N PRO A 498 0.42 -22.77 -0.68
CA PRO A 498 1.52 -23.17 -1.56
C PRO A 498 1.05 -24.03 -2.76
N ALA A 499 1.55 -23.72 -3.94
CA ALA A 499 1.06 -24.34 -5.17
C ALA A 499 1.01 -25.87 -5.11
N LEU A 500 2.05 -26.49 -4.57
CA LEU A 500 2.12 -27.95 -4.50
C LEU A 500 0.90 -28.54 -3.76
N GLN A 501 0.50 -27.90 -2.67
CA GLN A 501 -0.65 -28.34 -1.90
C GLN A 501 -1.95 -28.17 -2.69
N ARG A 502 -2.05 -27.11 -3.47
CA ARG A 502 -3.23 -26.90 -4.31
C ARG A 502 -3.32 -27.94 -5.41
N GLU A 503 -2.17 -28.36 -5.94
CA GLU A 503 -2.13 -29.38 -6.97
C GLU A 503 -2.54 -30.72 -6.36
N LEU A 504 -2.18 -30.92 -5.09
CA LEU A 504 -2.64 -32.08 -4.34
C LEU A 504 -4.15 -32.03 -4.12
N LEU A 505 -4.64 -30.88 -3.65
CA LEU A 505 -6.06 -30.68 -3.38
C LEU A 505 -6.88 -30.95 -4.64
N GLN A 506 -6.39 -30.44 -5.77
CA GLN A 506 -7.05 -30.68 -7.03
C GLN A 506 -7.21 -32.17 -7.27
N ALA A 507 -6.17 -32.93 -6.93
CA ALA A 507 -6.16 -34.37 -7.19
C ALA A 507 -7.15 -35.10 -6.29
N LEU A 508 -7.30 -34.60 -5.07
CA LEU A 508 -8.21 -35.18 -4.09
C LEU A 508 -9.66 -34.92 -4.47
N LEU A 509 -9.93 -33.72 -4.95
CA LEU A 509 -11.25 -33.33 -5.44
C LEU A 509 -11.69 -34.22 -6.60
N LYS A 510 -10.73 -34.55 -7.45
CA LYS A 510 -10.98 -35.28 -8.69
C LYS A 510 -11.34 -36.76 -8.44
N THR A 511 -11.19 -37.22 -7.21
CA THR A 511 -11.61 -38.57 -6.87
C THR A 511 -13.12 -38.64 -6.84
N GLY A 512 -13.75 -37.48 -6.74
CA GLY A 512 -15.20 -37.42 -6.63
C GLY A 512 -15.69 -37.48 -5.20
N LYS A 513 -14.83 -37.93 -4.27
CA LYS A 513 -15.20 -37.98 -2.86
C LYS A 513 -15.37 -36.57 -2.31
N PRO A 514 -16.23 -36.41 -1.29
CA PRO A 514 -16.38 -35.11 -0.63
C PRO A 514 -15.08 -34.73 0.10
N VAL A 515 -14.65 -33.49 -0.05
CA VAL A 515 -13.41 -33.03 0.56
C VAL A 515 -13.67 -31.93 1.60
N VAL A 516 -13.05 -32.08 2.77
CA VAL A 516 -13.08 -31.03 3.77
C VAL A 516 -11.69 -30.46 3.92
N LEU A 517 -11.53 -29.18 3.61
CA LEU A 517 -10.26 -28.51 3.75
C LEU A 517 -10.13 -27.96 5.15
N VAL A 518 -9.24 -28.57 5.94
CA VAL A 518 -8.87 -28.05 7.25
C VAL A 518 -7.63 -27.22 7.03
N LEU A 519 -7.77 -25.90 7.18
CA LEU A 519 -6.72 -24.98 6.75
C LEU A 519 -5.90 -24.40 7.91
N PHE A 520 -4.58 -24.62 7.85
CA PHE A 520 -3.65 -24.05 8.83
C PHE A 520 -3.00 -22.80 8.24
N THR A 521 -3.01 -21.71 8.99
CA THR A 521 -2.44 -20.47 8.51
C THR A 521 -2.25 -19.48 9.67
N GLY A 522 -1.26 -18.60 9.52
CA GLY A 522 -1.06 -17.52 10.46
C GLY A 522 -1.60 -16.20 9.90
N ARG A 523 -2.23 -16.25 8.74
CA ARG A 523 -2.62 -15.04 8.02
C ARG A 523 -3.82 -15.28 7.12
N PRO A 524 -4.54 -14.20 6.77
CA PRO A 524 -5.56 -14.34 5.72
C PRO A 524 -4.87 -14.80 4.44
N LEU A 525 -5.53 -15.69 3.69
CA LEU A 525 -4.98 -16.15 2.42
C LEU A 525 -5.99 -15.87 1.32
N ALA A 526 -5.51 -15.82 0.08
CA ALA A 526 -6.37 -15.71 -1.10
C ALA A 526 -6.89 -17.10 -1.47
N LEU A 527 -8.18 -17.32 -1.29
CA LEU A 527 -8.75 -18.66 -1.38
C LEU A 527 -9.90 -18.81 -2.39
N THR A 528 -9.91 -17.98 -3.44
CA THR A 528 -11.04 -17.99 -4.36
C THR A 528 -11.27 -19.36 -5.03
N TRP A 529 -10.20 -19.97 -5.53
CA TRP A 529 -10.34 -21.24 -6.22
C TRP A 529 -10.81 -22.33 -5.27
N GLU A 530 -10.28 -22.30 -4.05
CA GLU A 530 -10.66 -23.28 -3.04
C GLU A 530 -12.13 -23.14 -2.66
N HIS A 531 -12.57 -21.90 -2.52
CA HIS A 531 -13.94 -21.64 -2.13
C HIS A 531 -14.90 -22.15 -3.20
N GLU A 532 -14.47 -22.08 -4.46
CA GLU A 532 -15.31 -22.49 -5.57
C GLU A 532 -15.41 -24.01 -5.68
N ASN A 533 -14.37 -24.73 -5.26
CA ASN A 533 -14.29 -26.15 -5.55
C ASN A 533 -14.35 -27.09 -4.35
N VAL A 534 -14.08 -26.59 -3.16
CA VAL A 534 -14.10 -27.46 -1.98
C VAL A 534 -15.45 -27.36 -1.28
N PRO A 535 -16.08 -28.51 -1.01
CA PRO A 535 -17.37 -28.55 -0.31
C PRO A 535 -17.37 -27.83 1.05
N ALA A 536 -16.34 -28.03 1.86
CA ALA A 536 -16.33 -27.44 3.20
C ALA A 536 -14.93 -26.95 3.56
N ILE A 537 -14.86 -25.74 4.10
CA ILE A 537 -13.58 -25.17 4.53
C ILE A 537 -13.59 -24.75 6.00
N LEU A 538 -12.72 -25.37 6.80
CA LEU A 538 -12.56 -24.97 8.19
C LEU A 538 -11.21 -24.29 8.39
N ASN A 539 -11.22 -23.00 8.73
CA ASN A 539 -9.99 -22.30 9.08
C ASN A 539 -9.66 -22.50 10.56
N VAL A 540 -8.56 -23.21 10.84
CA VAL A 540 -8.21 -23.53 12.21
C VAL A 540 -6.98 -22.77 12.72
N TRP A 541 -6.49 -21.83 11.92
CA TRP A 541 -5.30 -21.06 12.30
C TRP A 541 -4.19 -21.98 12.80
N PHE A 542 -3.55 -21.62 13.91
CA PHE A 542 -2.70 -22.54 14.66
C PHE A 542 -3.24 -22.60 16.08
N ALA A 543 -3.67 -23.80 16.46
CA ALA A 543 -4.55 -23.98 17.62
C ALA A 543 -3.81 -24.26 18.93
N GLY A 544 -2.53 -24.56 18.86
CA GLY A 544 -1.74 -24.78 20.08
C GLY A 544 -1.50 -26.24 20.40
N THR A 545 -1.05 -26.51 21.62
CA THR A 545 -0.68 -27.87 22.03
C THR A 545 -1.82 -28.89 21.89
N GLU A 546 -3.07 -28.44 21.92
CA GLU A 546 -4.21 -29.34 21.85
C GLU A 546 -4.87 -29.38 20.46
N ALA A 547 -4.18 -28.83 19.46
CA ALA A 547 -4.73 -28.69 18.11
C ALA A 547 -5.53 -29.91 17.65
N GLY A 548 -4.91 -31.08 17.72
CA GLY A 548 -5.52 -32.30 17.22
C GLY A 548 -6.88 -32.64 17.82
N ASP A 549 -6.98 -32.50 19.14
CA ASP A 549 -8.24 -32.79 19.83
C ASP A 549 -9.30 -31.73 19.54
N ALA A 550 -8.90 -30.45 19.58
CA ALA A 550 -9.85 -29.38 19.36
C ALA A 550 -10.43 -29.45 17.95
N ILE A 551 -9.59 -29.81 16.99
CA ILE A 551 -10.02 -29.89 15.59
C ILE A 551 -10.93 -31.08 15.36
N SER A 552 -10.71 -32.14 16.11
CA SER A 552 -11.57 -33.31 16.03
C SER A 552 -12.92 -33.03 16.68
N ASP A 553 -12.93 -32.21 17.73
CA ASP A 553 -14.18 -31.80 18.35
C ASP A 553 -15.06 -31.05 17.34
N ALA A 554 -14.42 -30.30 16.44
CA ALA A 554 -15.17 -29.55 15.45
C ALA A 554 -15.63 -30.46 14.32
N LEU A 555 -14.71 -31.28 13.81
CA LEU A 555 -15.02 -32.13 12.68
C LEU A 555 -16.19 -33.08 12.95
N PHE A 556 -16.28 -33.57 14.18
CA PHE A 556 -17.34 -34.52 14.50
C PHE A 556 -18.57 -33.89 15.12
N GLY A 557 -18.49 -32.59 15.40
CA GLY A 557 -19.64 -31.85 15.88
C GLY A 557 -19.78 -31.84 17.38
N VAL A 558 -18.74 -32.25 18.10
CA VAL A 558 -18.70 -32.10 19.55
C VAL A 558 -18.86 -30.62 19.89
N VAL A 559 -18.12 -29.78 19.18
CA VAL A 559 -18.23 -28.34 19.31
C VAL A 559 -18.69 -27.76 17.99
N ASN A 560 -19.69 -26.88 18.03
CA ASN A 560 -20.19 -26.23 16.84
C ASN A 560 -19.42 -24.94 16.57
N PRO A 561 -18.70 -24.87 15.44
CA PRO A 561 -17.85 -23.71 15.12
C PRO A 561 -18.59 -22.39 15.27
N SER A 562 -17.93 -21.38 15.85
CA SER A 562 -18.60 -20.12 16.16
C SER A 562 -17.67 -18.92 16.01
N GLY A 563 -16.53 -19.12 15.36
CA GLY A 563 -15.59 -18.04 15.13
C GLY A 563 -16.01 -17.10 14.01
N LYS A 564 -15.47 -15.89 14.04
CA LYS A 564 -15.74 -14.88 13.03
C LYS A 564 -14.41 -14.22 12.67
N LEU A 565 -14.17 -13.99 11.39
CA LEU A 565 -12.92 -13.38 10.97
C LEU A 565 -12.78 -12.00 11.59
N SER A 566 -11.57 -11.67 12.03
CA SER A 566 -11.27 -10.35 12.55
C SER A 566 -10.46 -9.58 11.51
N ALA A 567 -10.21 -10.23 10.38
CA ALA A 567 -9.48 -9.62 9.28
C ALA A 567 -10.05 -10.06 7.94
N THR A 568 -10.00 -9.17 6.96
CA THR A 568 -10.55 -9.41 5.63
C THR A 568 -9.72 -10.41 4.82
N PHE A 569 -10.41 -11.36 4.19
CA PHE A 569 -9.76 -12.32 3.30
C PHE A 569 -9.92 -11.86 1.85
N PRO A 570 -8.82 -11.43 1.22
CA PRO A 570 -8.89 -10.86 -0.14
C PRO A 570 -9.02 -11.95 -1.21
N ARG A 571 -9.41 -11.54 -2.42
CA ARG A 571 -9.53 -12.45 -3.56
C ARG A 571 -8.17 -12.74 -4.17
N ASN A 572 -7.30 -11.75 -4.09
CA ASN A 572 -5.92 -11.89 -4.52
C ASN A 572 -5.10 -10.78 -3.87
N VAL A 573 -3.79 -10.96 -3.83
CA VAL A 573 -2.92 -9.98 -3.19
C VAL A 573 -2.98 -8.62 -3.90
N GLY A 574 -3.42 -8.63 -5.15
CA GLY A 574 -3.61 -7.39 -5.90
C GLY A 574 -4.67 -6.45 -5.31
N GLN A 575 -5.53 -6.99 -4.45
CA GLN A 575 -6.57 -6.19 -3.80
C GLN A 575 -6.08 -5.48 -2.55
N VAL A 576 -4.88 -5.82 -2.10
CA VAL A 576 -4.35 -5.36 -0.81
C VAL A 576 -3.87 -3.92 -0.88
N PRO A 577 -4.22 -3.09 0.11
CA PRO A 577 -5.00 -3.38 1.32
C PRO A 577 -6.50 -3.27 1.10
N ILE A 578 -7.23 -4.32 1.48
CA ILE A 578 -8.69 -4.30 1.39
C ILE A 578 -9.29 -4.53 2.78
N TYR A 579 -10.18 -3.63 3.20
CA TYR A 579 -10.68 -3.67 4.57
C TYR A 579 -12.09 -3.14 4.68
N TYR A 580 -12.78 -3.58 5.72
CA TYR A 580 -14.22 -3.32 5.83
C TYR A 580 -14.52 -1.85 6.14
N ASN A 581 -13.79 -1.25 7.07
CA ASN A 581 -14.04 0.14 7.46
C ASN A 581 -13.40 1.17 6.52
N HIS A 582 -13.78 1.12 5.25
CA HIS A 582 -13.19 1.99 4.23
C HIS A 582 -14.07 3.20 3.90
N LYS A 583 -13.47 4.21 3.30
CA LYS A 583 -14.20 5.39 2.85
C LYS A 583 -15.01 5.04 1.61
N ASN A 584 -15.99 5.87 1.27
CA ASN A 584 -16.91 5.59 0.17
C ASN A 584 -16.30 5.89 -1.20
N THR A 585 -15.35 6.84 -1.23
CA THR A 585 -14.84 7.46 -2.46
C THR A 585 -15.91 8.27 -3.15
N GLY A 586 -15.49 9.08 -4.10
CA GLY A 586 -16.42 9.90 -4.88
C GLY A 586 -17.08 9.17 -6.02
N ARG A 587 -16.62 7.94 -6.29
CA ARG A 587 -17.19 7.15 -7.39
C ARG A 587 -17.38 5.69 -6.98
N PRO A 588 -18.19 5.45 -5.93
CA PRO A 588 -18.45 4.12 -5.41
C PRO A 588 -19.17 3.26 -6.44
N LEU A 589 -18.83 1.99 -6.47
CA LEU A 589 -19.48 1.03 -7.33
C LEU A 589 -20.68 0.50 -6.59
N PRO A 590 -21.89 0.69 -7.14
CA PRO A 590 -23.09 0.17 -6.48
C PRO A 590 -22.93 -1.32 -6.22
N GLU A 591 -23.64 -1.82 -5.22
CA GLU A 591 -23.53 -3.23 -4.87
C GLU A 591 -24.01 -4.11 -6.03
N GLY A 592 -23.21 -5.11 -6.39
CA GLY A 592 -23.61 -6.09 -7.38
C GLY A 592 -23.41 -5.66 -8.84
N GLN A 593 -22.85 -4.49 -9.05
CA GLN A 593 -22.74 -3.94 -10.39
C GLN A 593 -21.35 -4.05 -11.06
N TRP A 594 -20.40 -4.73 -10.41
CA TRP A 594 -19.13 -4.97 -11.10
C TRP A 594 -19.46 -5.63 -12.44
N PHE A 595 -18.90 -5.16 -13.57
CA PHE A 595 -17.93 -4.06 -13.64
C PHE A 595 -18.58 -2.82 -14.25
N GLN A 596 -18.20 -1.62 -13.78
CA GLN A 596 -18.67 -0.37 -14.39
C GLN A 596 -17.51 0.55 -14.71
N LYS A 597 -17.34 0.91 -15.99
CA LYS A 597 -16.32 1.87 -16.36
C LYS A 597 -16.58 3.19 -15.65
N PHE A 598 -15.50 3.84 -15.22
CA PHE A 598 -15.55 5.13 -14.51
C PHE A 598 -16.11 5.05 -13.10
N ARG A 599 -16.25 3.84 -12.57
CA ARG A 599 -16.46 3.68 -11.13
C ARG A 599 -15.15 3.21 -10.47
N SER A 600 -15.07 3.28 -9.15
CA SER A 600 -13.86 2.85 -8.46
C SER A 600 -13.79 1.33 -8.41
N ASN A 601 -13.09 0.73 -9.36
CA ASN A 601 -13.05 -0.73 -9.47
C ASN A 601 -12.00 -1.26 -10.45
N TYR A 602 -11.73 -2.56 -10.38
CA TYR A 602 -10.71 -3.18 -11.21
C TYR A 602 -11.29 -3.80 -12.46
N LEU A 603 -10.48 -3.86 -13.51
CA LEU A 603 -10.84 -4.54 -14.76
C LEU A 603 -10.95 -6.05 -14.56
N ASP A 604 -10.17 -6.59 -13.62
CA ASP A 604 -9.92 -8.03 -13.58
C ASP A 604 -10.32 -8.74 -12.30
N VAL A 605 -10.87 -8.00 -11.34
CA VAL A 605 -11.35 -8.59 -10.11
C VAL A 605 -12.46 -7.72 -9.53
N PRO A 606 -13.47 -8.35 -8.92
CA PRO A 606 -14.52 -7.61 -8.18
C PRO A 606 -13.93 -6.81 -7.02
N ASN A 607 -14.67 -5.84 -6.51
CA ASN A 607 -14.25 -5.00 -5.39
C ASN A 607 -14.31 -5.76 -4.08
N ASP A 608 -15.32 -6.62 -3.96
CA ASP A 608 -15.55 -7.39 -2.75
C ASP A 608 -14.37 -8.31 -2.41
N PRO A 609 -14.05 -8.41 -1.11
CA PRO A 609 -13.13 -9.46 -0.69
C PRO A 609 -13.84 -10.80 -0.87
N LEU A 610 -13.14 -11.90 -0.64
CA LEU A 610 -13.76 -13.22 -0.70
C LEU A 610 -14.62 -13.44 0.56
N TYR A 611 -14.00 -13.26 1.72
CA TYR A 611 -14.72 -13.27 2.99
C TYR A 611 -14.51 -11.95 3.72
N PRO A 612 -15.60 -11.28 4.09
CA PRO A 612 -15.51 -9.96 4.73
C PRO A 612 -15.21 -10.06 6.22
N PHE A 613 -14.87 -8.93 6.81
CA PHE A 613 -14.68 -8.83 8.26
C PHE A 613 -15.95 -9.30 8.97
N GLY A 614 -15.79 -10.11 10.02
CA GLY A 614 -16.94 -10.57 10.77
C GLY A 614 -17.60 -11.82 10.20
N TYR A 615 -17.04 -12.36 9.13
CA TYR A 615 -17.63 -13.56 8.51
C TYR A 615 -17.31 -14.85 9.25
N GLY A 616 -18.30 -15.73 9.37
CA GLY A 616 -18.14 -17.03 9.99
C GLY A 616 -19.46 -17.77 10.00
N LEU A 617 -19.41 -19.05 9.61
CA LEU A 617 -20.61 -19.86 9.54
C LEU A 617 -20.75 -20.77 10.76
N SER A 618 -21.85 -21.51 10.80
CA SER A 618 -22.13 -22.45 11.87
C SER A 618 -22.65 -23.73 11.25
N PHE A 619 -22.65 -24.82 12.01
CA PHE A 619 -23.30 -26.05 11.57
C PHE A 619 -24.80 -25.81 11.51
N THR A 620 -25.26 -24.80 12.24
CA THR A 620 -26.68 -24.46 12.26
C THR A 620 -26.92 -23.16 11.48
N LYS A 621 -28.16 -22.67 11.50
CA LYS A 621 -28.47 -21.41 10.82
C LYS A 621 -29.08 -20.41 11.81
N PHE A 622 -28.72 -19.13 11.66
CA PHE A 622 -29.29 -18.09 12.49
C PHE A 622 -30.10 -17.11 11.66
N THR A 623 -31.30 -16.80 12.16
CA THR A 623 -32.20 -15.87 11.48
C THR A 623 -32.40 -14.62 12.31
N TYR A 624 -32.14 -13.47 11.71
CA TYR A 624 -32.42 -12.19 12.35
C TYR A 624 -33.78 -11.64 11.93
N GLY A 625 -34.56 -11.18 12.91
CA GLY A 625 -35.78 -10.47 12.60
C GLY A 625 -35.44 -9.09 12.07
N ASP A 626 -36.38 -8.16 12.20
CA ASP A 626 -36.13 -6.79 11.80
C ASP A 626 -35.52 -6.01 12.95
N LEU A 627 -34.68 -5.03 12.63
CA LEU A 627 -34.05 -4.18 13.62
C LEU A 627 -35.05 -3.22 14.28
N LYS A 628 -35.18 -3.29 15.59
CA LYS A 628 -36.07 -2.42 16.34
C LYS A 628 -35.26 -1.32 17.03
N LEU A 629 -35.62 -0.07 16.79
CA LEU A 629 -34.93 1.05 17.44
C LEU A 629 -35.88 1.77 18.38
N SER A 630 -35.39 2.17 19.55
CA SER A 630 -36.24 2.85 20.53
C SER A 630 -36.65 4.25 20.04
N SER A 631 -35.87 4.80 19.12
CA SER A 631 -36.12 6.12 18.58
C SER A 631 -35.31 6.30 17.31
N THR A 632 -35.80 7.13 16.39
CA THR A 632 -35.04 7.43 15.18
C THR A 632 -34.73 8.91 15.13
N ASN A 633 -35.10 9.61 16.20
CA ASN A 633 -34.81 11.03 16.33
C ASN A 633 -34.32 11.34 17.73
N LEU A 634 -33.00 11.42 17.88
CA LEU A 634 -32.41 11.60 19.19
C LEU A 634 -31.85 13.00 19.41
N LYS A 635 -31.79 13.40 20.68
CA LYS A 635 -31.40 14.74 21.08
C LYS A 635 -30.37 14.67 22.21
N GLY A 636 -29.20 15.26 22.01
CA GLY A 636 -28.17 15.26 23.04
C GLY A 636 -27.81 13.90 23.61
N ASN A 637 -27.53 13.86 24.93
CA ASN A 637 -27.01 12.65 25.58
C ASN A 637 -28.05 11.59 25.94
N GLN A 638 -28.93 11.29 25.00
CA GLN A 638 -29.92 10.24 25.18
C GLN A 638 -29.30 8.87 24.90
N THR A 639 -29.97 7.83 25.41
CA THR A 639 -29.56 6.47 25.12
C THR A 639 -30.49 5.87 24.08
N LEU A 640 -29.90 5.34 23.01
CA LEU A 640 -30.67 4.62 22.00
C LEU A 640 -30.59 3.13 22.28
N THR A 641 -31.73 2.48 22.38
CA THR A 641 -31.75 1.03 22.50
C THR A 641 -32.03 0.37 21.14
N ALA A 642 -31.07 -0.42 20.66
CA ALA A 642 -31.28 -1.19 19.45
C ALA A 642 -31.45 -2.66 19.81
N SER A 643 -32.54 -3.27 19.36
CA SER A 643 -32.81 -4.67 19.69
C SER A 643 -33.19 -5.47 18.45
N ILE A 644 -32.92 -6.78 18.49
CA ILE A 644 -33.25 -7.65 17.38
C ILE A 644 -33.50 -9.09 17.82
N GLU A 645 -34.47 -9.75 17.20
CA GLU A 645 -34.74 -11.16 17.49
C GLU A 645 -33.80 -12.03 16.69
N LEU A 646 -33.11 -12.92 17.39
CA LEU A 646 -32.22 -13.88 16.76
C LEU A 646 -32.78 -15.26 17.02
N THR A 647 -32.83 -16.08 15.98
CA THR A 647 -33.41 -17.40 16.09
C THR A 647 -32.46 -18.46 15.55
N ASN A 648 -32.30 -19.54 16.30
CA ASN A 648 -31.52 -20.67 15.83
C ASN A 648 -32.40 -21.53 14.93
N SER A 649 -32.39 -21.22 13.64
CA SER A 649 -33.32 -21.83 12.70
C SER A 649 -32.72 -23.08 12.03
N GLY A 650 -31.62 -23.57 12.56
CA GLY A 650 -30.94 -24.71 11.97
C GLY A 650 -31.13 -26.00 12.77
N ASP A 651 -30.17 -26.92 12.64
CA ASP A 651 -30.34 -28.26 13.18
C ASP A 651 -29.55 -28.53 14.46
N TYR A 652 -28.69 -27.59 14.85
CA TYR A 652 -27.82 -27.80 15.98
C TYR A 652 -27.83 -26.64 16.98
N ASP A 653 -27.63 -26.97 18.25
CA ASP A 653 -27.27 -25.97 19.24
C ASP A 653 -26.03 -25.25 18.72
N GLY A 654 -25.90 -23.96 19.02
CA GLY A 654 -24.71 -23.23 18.62
C GLY A 654 -24.74 -21.76 18.99
N ALA A 655 -23.59 -21.11 18.87
CA ALA A 655 -23.49 -19.70 19.22
C ALA A 655 -23.21 -18.85 17.99
N GLU A 656 -23.69 -17.62 18.00
CA GLU A 656 -23.33 -16.70 16.94
C GLU A 656 -22.86 -15.39 17.51
N VAL A 657 -22.01 -14.71 16.76
CA VAL A 657 -21.51 -13.42 17.19
C VAL A 657 -22.33 -12.32 16.55
N VAL A 658 -23.22 -11.73 17.33
CA VAL A 658 -24.03 -10.61 16.88
C VAL A 658 -23.20 -9.34 16.91
N GLN A 659 -23.16 -8.64 15.77
CA GLN A 659 -22.25 -7.51 15.57
C GLN A 659 -23.01 -6.20 15.36
N LEU A 660 -22.52 -5.13 15.97
CA LEU A 660 -23.13 -3.81 15.82
C LEU A 660 -22.25 -2.85 15.02
N TYR A 661 -22.78 -2.33 13.91
CA TYR A 661 -22.04 -1.37 13.09
C TYR A 661 -22.76 -0.03 12.99
N ILE A 662 -21.99 1.06 12.92
CA ILE A 662 -22.58 2.37 12.73
C ILE A 662 -21.94 3.13 11.56
N ARG A 663 -22.78 3.78 10.76
CA ARG A 663 -22.28 4.66 9.72
C ARG A 663 -22.68 6.11 9.95
N ASP A 664 -21.66 6.97 9.98
CA ASP A 664 -21.88 8.40 10.06
C ASP A 664 -21.98 8.90 8.62
N LEU A 665 -23.18 9.24 8.18
CA LEU A 665 -23.45 9.50 6.76
C LEU A 665 -22.73 10.72 6.19
N VAL A 666 -22.76 11.82 6.93
CA VAL A 666 -22.12 13.06 6.51
C VAL A 666 -21.21 13.55 7.62
N GLY A 667 -20.01 14.00 7.26
CA GLY A 667 -19.08 14.54 8.23
C GLY A 667 -18.37 15.76 7.65
N SER A 668 -17.69 16.51 8.51
CA SER A 668 -16.85 17.61 8.07
C SER A 668 -15.62 17.03 7.36
N THR A 669 -15.37 15.75 7.62
CA THR A 669 -14.44 14.95 6.84
C THR A 669 -15.22 13.69 6.45
N THR A 670 -14.71 12.94 5.47
CA THR A 670 -15.39 11.71 5.06
C THR A 670 -15.33 10.65 6.17
N ARG A 671 -16.42 9.91 6.31
CA ARG A 671 -16.55 8.91 7.37
C ARG A 671 -16.61 7.52 6.74
N PRO A 672 -16.18 6.49 7.48
CA PRO A 672 -16.19 5.15 6.89
C PRO A 672 -17.62 4.68 6.61
N VAL A 673 -17.77 3.78 5.64
CA VAL A 673 -19.09 3.25 5.30
C VAL A 673 -19.67 2.48 6.49
N LYS A 674 -18.80 2.01 7.38
CA LYS A 674 -19.24 1.40 8.64
C LYS A 674 -18.08 1.16 9.59
N GLU A 675 -18.39 1.14 10.88
CA GLU A 675 -17.42 0.83 11.91
C GLU A 675 -18.07 -0.06 12.96
N LEU A 676 -17.36 -1.11 13.36
CA LEU A 676 -17.83 -1.96 14.45
C LEU A 676 -17.88 -1.12 15.73
N LYS A 677 -18.99 -1.17 16.44
CA LYS A 677 -19.17 -0.41 17.67
C LYS A 677 -19.71 -1.23 18.83
N GLY A 678 -20.04 -2.50 18.57
CA GLY A 678 -20.41 -3.42 19.65
C GLY A 678 -20.49 -4.85 19.16
N PHE A 679 -20.48 -5.81 20.08
CA PHE A 679 -20.74 -7.20 19.72
C PHE A 679 -21.15 -8.04 20.94
N GLN A 680 -21.84 -9.14 20.67
CA GLN A 680 -22.22 -10.10 21.70
C GLN A 680 -22.20 -11.49 21.11
N LYS A 681 -21.56 -12.41 21.82
CA LYS A 681 -21.63 -13.81 21.43
C LYS A 681 -22.72 -14.45 22.25
N VAL A 682 -23.68 -15.08 21.58
CA VAL A 682 -24.81 -15.69 22.29
C VAL A 682 -25.02 -17.11 21.82
N PHE A 683 -25.26 -17.99 22.79
CA PHE A 683 -25.51 -19.40 22.52
C PHE A 683 -27.02 -19.66 22.45
N LEU A 684 -27.43 -20.44 21.47
CA LEU A 684 -28.84 -20.74 21.27
C LEU A 684 -29.05 -22.23 21.02
N LYS A 685 -29.92 -22.85 21.81
CA LYS A 685 -30.29 -24.22 21.53
C LYS A 685 -31.06 -24.25 20.22
N LYS A 686 -31.05 -25.41 19.56
CA LYS A 686 -31.75 -25.59 18.31
C LYS A 686 -33.20 -25.11 18.45
N GLY A 687 -33.59 -24.15 17.61
CA GLY A 687 -34.97 -23.67 17.58
C GLY A 687 -35.30 -22.54 18.54
N GLU A 688 -34.32 -22.14 19.35
CA GLU A 688 -34.53 -21.11 20.37
C GLU A 688 -34.34 -19.69 19.83
N THR A 689 -35.15 -18.76 20.35
CA THR A 689 -35.07 -17.35 19.98
C THR A 689 -34.72 -16.48 21.19
N LYS A 690 -33.87 -15.48 20.96
CA LYS A 690 -33.51 -14.52 22.00
C LYS A 690 -33.54 -13.10 21.45
N THR A 691 -33.91 -12.15 22.31
CA THR A 691 -33.81 -10.74 21.96
C THR A 691 -32.42 -10.21 22.33
N ILE A 692 -31.63 -9.87 21.32
CA ILE A 692 -30.32 -9.27 21.53
C ILE A 692 -30.47 -7.75 21.59
N THR A 693 -29.85 -7.12 22.59
CA THR A 693 -29.99 -5.68 22.77
C THR A 693 -28.68 -4.95 22.86
N PHE A 694 -28.59 -3.81 22.19
CA PHE A 694 -27.46 -2.92 22.33
C PHE A 694 -27.94 -1.58 22.88
N LYS A 695 -27.09 -0.89 23.63
CA LYS A 695 -27.41 0.45 24.07
C LYS A 695 -26.38 1.44 23.57
N ILE A 696 -26.84 2.43 22.80
CA ILE A 696 -25.96 3.33 22.07
C ILE A 696 -26.09 4.75 22.60
N THR A 697 -24.98 5.45 22.71
CA THR A 697 -24.99 6.85 23.15
C THR A 697 -24.09 7.63 22.19
N PRO A 698 -23.99 8.96 22.38
CA PRO A 698 -23.11 9.72 21.47
C PRO A 698 -21.64 9.29 21.56
N GLU A 699 -21.22 8.70 22.67
CA GLU A 699 -19.82 8.26 22.78
C GLU A 699 -19.51 7.30 21.64
N ASP A 700 -20.52 6.52 21.25
CA ASP A 700 -20.39 5.57 20.16
C ASP A 700 -20.31 6.24 18.81
N LEU A 701 -20.54 7.56 18.78
CA LEU A 701 -20.63 8.32 17.53
C LEU A 701 -19.40 9.18 17.30
N LYS A 702 -18.56 9.29 18.32
CA LYS A 702 -17.42 10.21 18.28
C LYS A 702 -16.28 9.70 17.41
N PHE A 703 -15.49 10.63 16.90
CA PHE A 703 -14.34 10.33 16.06
C PHE A 703 -13.37 11.50 16.14
N TYR A 704 -12.19 11.35 15.56
CA TYR A 704 -11.24 12.46 15.53
C TYR A 704 -11.39 13.19 14.21
N ASN A 705 -11.81 14.45 14.28
CA ASN A 705 -12.03 15.22 13.07
C ASN A 705 -10.73 15.75 12.47
N TYR A 706 -10.84 16.64 11.51
CA TYR A 706 -9.71 17.18 10.77
C TYR A 706 -8.68 17.84 11.66
N ASP A 707 -9.17 18.49 12.72
CA ASP A 707 -8.27 19.16 13.67
C ASP A 707 -7.87 18.23 14.82
N LEU A 708 -8.18 16.94 14.66
CA LEU A 708 -7.91 15.93 15.69
C LEU A 708 -8.75 16.10 16.96
N LYS A 709 -9.82 16.87 16.86
CA LYS A 709 -10.75 17.01 17.98
C LYS A 709 -11.67 15.79 18.06
N TYR A 710 -11.76 15.19 19.25
CA TYR A 710 -12.60 14.00 19.47
C TYR A 710 -14.00 14.44 19.89
N ASP A 711 -14.98 14.18 19.04
CA ASP A 711 -16.33 14.65 19.25
C ASP A 711 -17.24 14.04 18.18
N TRP A 712 -18.55 14.21 18.33
CA TRP A 712 -19.49 13.76 17.31
C TRP A 712 -20.18 14.96 16.69
N GLU A 713 -20.68 14.79 15.47
CA GLU A 713 -21.39 15.85 14.77
C GLU A 713 -22.84 15.45 14.57
N PRO A 714 -23.78 16.42 14.68
CA PRO A 714 -25.21 16.15 14.48
C PRO A 714 -25.49 15.79 13.04
N GLY A 715 -26.49 14.93 12.81
CA GLY A 715 -26.84 14.53 11.46
C GLY A 715 -27.40 13.12 11.41
N GLU A 716 -27.41 12.52 10.23
CA GLU A 716 -27.95 11.18 10.08
C GLU A 716 -26.91 10.07 10.28
N PHE A 717 -27.35 8.97 10.89
CA PHE A 717 -26.51 7.79 11.06
C PHE A 717 -27.28 6.54 10.62
N VAL A 718 -26.55 5.51 10.22
CA VAL A 718 -27.17 4.21 10.00
C VAL A 718 -26.75 3.24 11.08
N ILE A 719 -27.71 2.59 11.71
CA ILE A 719 -27.44 1.57 12.72
C ILE A 719 -27.64 0.22 12.06
N MET A 720 -26.67 -0.67 12.20
CA MET A 720 -26.67 -1.95 11.51
C MET A 720 -26.35 -3.10 12.47
N VAL A 721 -27.10 -4.18 12.37
CA VAL A 721 -26.90 -5.34 13.23
C VAL A 721 -27.02 -6.63 12.41
N GLY A 722 -26.06 -7.53 12.59
CA GLY A 722 -26.05 -8.81 11.89
C GLY A 722 -24.86 -9.64 12.33
N GLY A 723 -24.71 -10.83 11.74
CA GLY A 723 -23.64 -11.73 12.14
C GLY A 723 -22.44 -11.70 11.21
N ASN A 724 -22.11 -10.51 10.72
CA ASN A 724 -21.33 -10.40 9.52
C ASN A 724 -21.27 -8.90 9.18
N SER A 725 -20.15 -8.41 8.64
CA SER A 725 -20.11 -6.99 8.29
C SER A 725 -20.76 -6.67 6.94
N ARG A 726 -21.11 -7.72 6.20
CA ARG A 726 -21.71 -7.55 4.87
C ARG A 726 -23.24 -7.79 4.86
N ASP A 727 -23.69 -8.75 5.66
CA ASP A 727 -25.10 -9.10 5.74
C ASP A 727 -25.72 -8.50 7.01
N LEU A 728 -26.44 -7.39 6.83
CA LEU A 728 -26.89 -6.58 7.96
C LEU A 728 -28.35 -6.15 7.88
N LYS A 729 -29.00 -6.06 9.03
CA LYS A 729 -30.27 -5.35 9.14
C LYS A 729 -29.93 -3.95 9.57
N SER A 730 -30.62 -2.95 9.05
CA SER A 730 -30.25 -1.58 9.35
C SER A 730 -31.44 -0.66 9.42
N GLN A 731 -31.21 0.51 10.02
CA GLN A 731 -32.24 1.54 10.09
C GLN A 731 -31.56 2.88 10.32
N LYS A 732 -32.02 3.90 9.62
CA LYS A 732 -31.40 5.21 9.65
C LYS A 732 -32.00 6.07 10.76
N ILE A 733 -31.17 6.86 11.43
CA ILE A 733 -31.63 7.75 12.48
C ILE A 733 -31.09 9.16 12.31
N ASN A 734 -31.61 10.08 13.10
CA ASN A 734 -31.16 11.47 13.13
C ASN A 734 -30.76 11.78 14.57
N TRP A 735 -29.54 12.27 14.78
CA TRP A 735 -29.12 12.62 16.13
C TRP A 735 -28.70 14.07 16.17
N LEU A 736 -29.37 14.84 17.02
CA LEU A 736 -29.11 16.27 17.09
C LEU A 736 -28.44 16.65 18.41
N LYS A 737 -27.71 17.76 18.38
CA LYS A 737 -27.17 18.37 19.58
C LYS A 737 -28.28 19.17 20.25
N ASP A 738 -27.97 19.81 21.37
CA ASP A 738 -28.95 20.72 21.99
C ASP A 738 -28.27 21.96 22.55
N PRO A 739 -29.02 23.07 22.62
CA PRO A 739 -28.52 24.32 23.18
C PRO A 739 -28.20 24.19 24.67
N LYS B 2 -4.92 48.58 -20.15
CA LYS B 2 -4.32 47.27 -19.90
C LYS B 2 -5.32 46.29 -19.28
N MET B 3 -4.92 45.02 -19.21
CA MET B 3 -5.79 43.94 -18.80
C MET B 3 -6.61 44.23 -17.54
N ASN B 4 -5.95 44.74 -16.51
CA ASN B 4 -6.60 44.91 -15.22
C ASN B 4 -7.75 45.91 -15.27
N GLN B 5 -7.56 46.97 -16.05
CA GLN B 5 -8.58 48.00 -16.16
C GLN B 5 -9.75 47.50 -17.02
N PHE B 6 -9.42 46.74 -18.05
CA PHE B 6 -10.41 46.23 -18.99
C PHE B 6 -11.32 45.19 -18.33
N ILE B 7 -10.76 44.38 -17.44
CA ILE B 7 -11.53 43.33 -16.78
C ILE B 7 -12.40 43.86 -15.65
N ASN B 8 -11.89 44.83 -14.91
CA ASN B 8 -12.70 45.50 -13.90
C ASN B 8 -13.87 46.19 -14.56
N ALA B 9 -13.61 46.80 -15.72
CA ALA B 9 -14.65 47.45 -16.49
C ALA B 9 -15.69 46.43 -16.92
N LEU B 10 -15.24 45.28 -17.38
CA LEU B 10 -16.15 44.22 -17.79
C LEU B 10 -17.01 43.78 -16.61
N MET B 11 -16.37 43.43 -15.52
CA MET B 11 -17.08 42.91 -14.35
C MET B 11 -18.06 43.93 -13.76
N ALA B 12 -17.79 45.21 -14.00
CA ALA B 12 -18.65 46.29 -13.54
C ALA B 12 -20.00 46.29 -14.26
N LYS B 13 -20.05 45.67 -15.43
CA LYS B 13 -21.27 45.65 -16.25
C LYS B 13 -22.08 44.38 -16.01
N MET B 14 -21.46 43.41 -15.34
CA MET B 14 -22.02 42.07 -15.20
C MET B 14 -23.01 41.95 -14.05
N THR B 15 -24.05 41.16 -14.26
CA THR B 15 -24.95 40.81 -13.17
C THR B 15 -24.36 39.63 -12.41
N LEU B 16 -24.90 39.36 -11.22
CA LEU B 16 -24.47 38.22 -10.42
C LEU B 16 -24.54 36.93 -11.20
N ASP B 17 -25.65 36.73 -11.91
CA ASP B 17 -25.85 35.51 -12.69
C ASP B 17 -24.82 35.35 -13.81
N GLU B 18 -24.39 36.48 -14.38
CA GLU B 18 -23.40 36.46 -15.44
C GLU B 18 -22.00 36.12 -14.90
N LYS B 19 -21.68 36.57 -13.69
CA LYS B 19 -20.43 36.18 -13.05
C LYS B 19 -20.46 34.70 -12.72
N ILE B 20 -21.57 34.25 -12.15
CA ILE B 20 -21.72 32.85 -11.78
C ILE B 20 -21.56 32.00 -13.03
N GLY B 21 -22.17 32.46 -14.13
CA GLY B 21 -22.12 31.73 -15.40
C GLY B 21 -20.71 31.50 -15.93
N GLN B 22 -19.83 32.46 -15.68
CA GLN B 22 -18.43 32.32 -16.09
C GLN B 22 -17.74 31.13 -15.43
N LEU B 23 -18.24 30.73 -14.25
CA LEU B 23 -17.63 29.65 -13.50
C LEU B 23 -18.11 28.28 -13.98
N ASN B 24 -18.99 28.27 -14.98
CA ASN B 24 -19.62 27.04 -15.43
C ASN B 24 -18.93 26.42 -16.64
N LEU B 25 -18.53 25.16 -16.52
CA LEU B 25 -17.92 24.41 -17.62
C LEU B 25 -18.74 23.15 -17.92
N PRO B 26 -19.93 23.32 -18.52
CA PRO B 26 -20.85 22.20 -18.66
C PRO B 26 -20.47 21.28 -19.80
N GLY B 27 -21.10 20.09 -19.82
CA GLY B 27 -21.07 19.23 -20.98
C GLY B 27 -21.93 19.85 -22.06
N ALA B 28 -21.51 19.70 -23.31
CA ALA B 28 -22.15 20.40 -24.42
C ALA B 28 -23.42 19.71 -24.90
N GLY B 29 -23.45 18.38 -24.81
CA GLY B 29 -24.50 17.64 -25.46
C GLY B 29 -24.25 17.67 -26.96
N ASP B 30 -25.03 16.92 -27.73
CA ASP B 30 -24.80 16.87 -29.16
C ASP B 30 -25.23 18.19 -29.80
N ILE B 31 -24.44 18.64 -30.78
CA ILE B 31 -24.72 19.89 -31.47
C ILE B 31 -24.80 19.63 -32.96
N THR B 32 -26.01 19.71 -33.51
CA THR B 32 -26.20 19.45 -34.92
C THR B 32 -25.57 20.53 -35.80
N THR B 33 -24.47 20.19 -36.45
CA THR B 33 -23.87 21.09 -37.41
C THR B 33 -24.92 21.59 -38.42
N GLY B 34 -25.16 22.90 -38.41
CA GLY B 34 -26.18 23.49 -39.27
C GLY B 34 -27.25 24.23 -38.49
N GLN B 35 -27.33 23.96 -37.20
CA GLN B 35 -28.30 24.62 -36.34
C GLN B 35 -27.78 24.69 -34.90
N ALA B 36 -26.50 25.02 -34.78
CA ALA B 36 -25.86 25.16 -33.49
C ALA B 36 -26.55 26.23 -32.62
N SER B 37 -27.07 27.28 -33.25
CA SER B 37 -27.67 28.38 -32.48
C SER B 37 -29.02 28.04 -31.89
N SER B 38 -29.59 26.90 -32.29
CA SER B 38 -30.85 26.45 -31.71
C SER B 38 -30.68 25.13 -30.96
N SER B 39 -29.43 24.75 -30.72
CA SER B 39 -29.10 23.51 -30.02
C SER B 39 -29.27 23.61 -28.50
N GLY B 40 -29.11 22.49 -27.80
CA GLY B 40 -29.29 22.46 -26.36
C GLY B 40 -28.40 23.45 -25.62
N ILE B 41 -27.12 23.46 -25.98
CA ILE B 41 -26.17 24.34 -25.32
C ILE B 41 -26.42 25.82 -25.64
N ALA B 42 -26.94 26.09 -26.82
CA ALA B 42 -27.14 27.46 -27.31
C ALA B 42 -27.88 28.35 -26.31
N GLN B 43 -28.99 27.85 -25.78
CA GLN B 43 -29.83 28.62 -24.88
C GLN B 43 -29.07 29.06 -23.64
N LYS B 44 -28.21 28.18 -23.12
CA LYS B 44 -27.41 28.48 -21.94
C LYS B 44 -26.31 29.50 -22.24
N ILE B 45 -25.69 29.37 -23.41
CA ILE B 45 -24.72 30.37 -23.85
C ILE B 45 -25.37 31.75 -23.98
N LYS B 46 -26.55 31.79 -24.60
CA LYS B 46 -27.23 33.06 -24.81
C LYS B 46 -27.52 33.80 -23.50
N GLU B 47 -27.83 33.05 -22.45
CA GLU B 47 -28.15 33.64 -21.16
C GLU B 47 -26.92 33.95 -20.32
N GLY B 48 -25.73 33.72 -20.88
CA GLY B 48 -24.49 33.97 -20.16
C GLY B 48 -24.23 32.96 -19.06
N LYS B 49 -24.65 31.73 -19.27
CA LYS B 49 -24.48 30.66 -18.28
C LYS B 49 -23.32 29.74 -18.60
N VAL B 50 -22.51 30.08 -19.59
CA VAL B 50 -21.44 29.19 -20.00
C VAL B 50 -20.10 29.90 -20.11
N GLY B 51 -19.12 29.40 -19.36
CA GLY B 51 -17.78 29.98 -19.35
C GLY B 51 -16.87 29.34 -20.38
N GLY B 52 -17.12 28.07 -20.65
CA GLY B 52 -16.30 27.34 -21.61
C GLY B 52 -16.91 25.99 -21.87
N LEU B 53 -16.36 25.29 -22.85
CA LEU B 53 -16.76 23.93 -23.18
C LEU B 53 -15.50 23.15 -23.46
N PHE B 54 -15.64 21.83 -23.61
CA PHE B 54 -14.49 20.99 -23.85
C PHE B 54 -14.87 19.73 -24.60
N ASN B 55 -13.87 19.11 -25.21
CA ASN B 55 -14.07 17.95 -26.05
C ASN B 55 -15.03 18.20 -27.22
N ILE B 56 -15.20 19.47 -27.59
CA ILE B 56 -15.80 19.82 -28.87
C ILE B 56 -14.68 19.80 -29.91
N LYS B 57 -14.89 19.13 -31.03
CA LYS B 57 -13.82 18.99 -32.01
C LYS B 57 -14.17 19.62 -33.37
N SER B 58 -13.14 20.12 -34.05
CA SER B 58 -13.24 20.74 -35.37
C SER B 58 -13.46 22.26 -35.31
N VAL B 59 -12.64 22.99 -36.05
CA VAL B 59 -12.75 24.44 -36.08
C VAL B 59 -14.12 24.89 -36.60
N THR B 60 -14.70 24.13 -37.53
CA THR B 60 -16.00 24.48 -38.09
C THR B 60 -17.09 24.51 -37.01
N LYS B 61 -17.10 23.49 -36.18
CA LYS B 61 -18.10 23.38 -35.11
C LYS B 61 -17.83 24.39 -34.00
N ILE B 62 -16.57 24.48 -33.60
CA ILE B 62 -16.18 25.37 -32.52
C ILE B 62 -16.45 26.83 -32.91
N LYS B 63 -16.28 27.14 -34.20
CA LYS B 63 -16.50 28.48 -34.73
C LYS B 63 -17.96 28.92 -34.61
N GLU B 64 -18.87 28.00 -34.90
CA GLU B 64 -20.29 28.32 -34.85
C GLU B 64 -20.81 28.36 -33.42
N VAL B 65 -20.20 27.59 -32.53
CA VAL B 65 -20.57 27.65 -31.12
C VAL B 65 -20.06 28.96 -30.51
N GLN B 66 -18.83 29.32 -30.84
CA GLN B 66 -18.27 30.58 -30.36
C GLN B 66 -19.11 31.76 -30.85
N ARG B 67 -19.66 31.63 -32.06
CA ARG B 67 -20.50 32.68 -32.62
C ARG B 67 -21.72 32.98 -31.75
N ILE B 68 -22.28 31.94 -31.13
CA ILE B 68 -23.42 32.11 -30.25
C ILE B 68 -23.07 33.06 -29.10
N ALA B 69 -21.90 32.86 -28.50
CA ALA B 69 -21.46 33.69 -27.40
C ALA B 69 -21.14 35.12 -27.87
N VAL B 70 -20.51 35.22 -29.04
CA VAL B 70 -20.08 36.51 -29.55
C VAL B 70 -21.23 37.35 -30.07
N GLU B 71 -22.14 36.72 -30.81
CA GLU B 71 -23.21 37.46 -31.48
C GLU B 71 -24.53 37.45 -30.72
N GLU B 72 -24.70 36.51 -29.81
CA GLU B 72 -26.02 36.26 -29.23
C GLU B 72 -26.12 36.24 -27.71
N SER B 73 -25.04 36.57 -27.00
CA SER B 73 -25.11 36.73 -25.54
C SER B 73 -25.03 38.20 -25.20
N ARG B 74 -25.50 38.57 -24.01
CA ARG B 74 -25.66 39.99 -23.69
C ARG B 74 -24.34 40.76 -23.69
N LEU B 75 -23.31 40.21 -23.08
CA LEU B 75 -22.02 40.90 -22.99
C LEU B 75 -21.00 40.42 -24.03
N LYS B 76 -21.38 39.40 -24.80
CA LYS B 76 -20.51 38.90 -25.87
C LYS B 76 -19.19 38.32 -25.36
N ILE B 77 -19.20 37.77 -24.16
CA ILE B 77 -17.99 37.16 -23.60
C ILE B 77 -17.71 35.82 -24.29
N PRO B 78 -16.54 35.73 -24.95
CA PRO B 78 -16.16 34.50 -25.67
C PRO B 78 -15.92 33.32 -24.75
N LEU B 79 -15.96 32.10 -25.30
CA LEU B 79 -15.75 30.89 -24.51
C LEU B 79 -14.32 30.37 -24.59
N LEU B 80 -13.89 29.69 -23.53
CA LEU B 80 -12.74 28.82 -23.61
C LEU B 80 -13.19 27.54 -24.31
N PHE B 81 -12.30 26.93 -25.07
CA PHE B 81 -12.53 25.60 -25.60
C PHE B 81 -11.40 24.67 -25.21
N GLY B 82 -11.70 23.72 -24.34
CA GLY B 82 -10.70 22.82 -23.80
C GLY B 82 -10.80 21.44 -24.40
N MET B 83 -9.76 20.63 -24.16
CA MET B 83 -9.74 19.24 -24.61
C MET B 83 -8.61 18.47 -23.94
N ASP B 84 -8.79 17.16 -23.83
CA ASP B 84 -7.74 16.25 -23.39
C ASP B 84 -6.68 16.01 -24.48
N VAL B 85 -5.75 16.95 -24.64
CA VAL B 85 -4.64 16.74 -25.56
C VAL B 85 -3.44 16.23 -24.75
N ILE B 86 -3.38 14.91 -24.58
CA ILE B 86 -2.49 14.30 -23.60
C ILE B 86 -1.10 13.93 -24.13
N HIS B 87 -1.06 13.29 -25.30
CA HIS B 87 0.21 13.03 -25.97
C HIS B 87 0.02 13.16 -27.47
N GLY B 88 -0.37 14.36 -27.88
CA GLY B 88 -0.58 14.67 -29.28
C GLY B 88 -2.04 14.96 -29.59
N TYR B 89 -2.27 15.69 -30.68
CA TYR B 89 -3.64 15.95 -31.15
C TYR B 89 -4.07 14.86 -32.13
N GLU B 90 -3.82 15.06 -33.42
CA GLU B 90 -4.14 14.03 -34.40
C GLU B 90 -2.95 13.10 -34.63
N THR B 91 -1.74 13.67 -34.54
CA THR B 91 -0.53 12.87 -34.55
C THR B 91 -0.25 12.39 -33.14
N ALA B 92 -0.22 11.08 -32.94
CA ALA B 92 -0.06 10.51 -31.61
C ALA B 92 1.41 10.22 -31.30
N PHE B 93 1.93 10.89 -30.27
CA PHE B 93 3.24 10.55 -29.73
C PHE B 93 3.00 9.41 -28.76
N PRO B 94 4.07 8.82 -28.22
CA PRO B 94 3.84 7.71 -27.30
C PRO B 94 3.08 8.20 -26.09
N ILE B 95 2.39 7.30 -25.38
CA ILE B 95 1.77 7.65 -24.11
C ILE B 95 2.81 8.29 -23.18
N PRO B 96 2.35 9.18 -22.29
CA PRO B 96 3.25 9.97 -21.43
C PRO B 96 4.29 9.13 -20.70
N LEU B 97 3.88 8.01 -20.11
CA LEU B 97 4.81 7.16 -19.38
C LEU B 97 5.95 6.72 -20.30
N GLY B 98 5.62 6.40 -21.55
CA GLY B 98 6.62 6.00 -22.53
C GLY B 98 7.50 7.16 -22.96
N LEU B 99 6.90 8.34 -23.06
CA LEU B 99 7.63 9.55 -23.39
C LEU B 99 8.62 9.91 -22.28
N SER B 100 8.27 9.60 -21.05
CA SER B 100 9.15 9.89 -19.93
C SER B 100 10.47 9.12 -20.05
N CYS B 101 10.41 7.91 -20.60
CA CYS B 101 11.60 7.07 -20.72
C CYS B 101 12.60 7.56 -21.77
N THR B 102 12.27 8.63 -22.49
CA THR B 102 13.24 9.24 -23.38
C THR B 102 14.31 9.98 -22.56
N TRP B 103 13.93 10.44 -21.36
CA TRP B 103 14.82 11.27 -20.55
C TRP B 103 15.41 12.42 -21.36
N ASP B 104 14.65 12.84 -22.37
CA ASP B 104 15.11 13.87 -23.30
C ASP B 104 14.14 15.04 -23.26
N MET B 105 14.45 16.05 -22.46
CA MET B 105 13.52 17.15 -22.21
C MET B 105 13.28 18.01 -23.46
N GLU B 106 14.25 18.01 -24.37
CA GLU B 106 14.10 18.69 -25.65
C GLU B 106 13.03 18.01 -26.50
N LEU B 107 13.10 16.69 -26.59
CA LEU B 107 12.15 15.93 -27.37
C LEU B 107 10.76 16.09 -26.79
N ILE B 108 10.68 16.02 -25.47
CA ILE B 108 9.40 16.11 -24.79
C ILE B 108 8.75 17.46 -25.00
N GLU B 109 9.50 18.54 -24.84
CA GLU B 109 8.94 19.88 -25.06
C GLU B 109 8.44 19.99 -26.49
N LYS B 110 9.20 19.44 -27.44
CA LYS B 110 8.81 19.45 -28.85
C LYS B 110 7.47 18.77 -29.07
N SER B 111 7.30 17.57 -28.51
CA SER B 111 6.05 16.84 -28.72
C SER B 111 4.86 17.67 -28.25
N ALA B 112 5.04 18.37 -27.13
CA ALA B 112 4.00 19.26 -26.64
C ALA B 112 3.78 20.41 -27.60
N ARG B 113 4.88 20.91 -28.19
CA ARG B 113 4.81 22.02 -29.11
C ARG B 113 3.98 21.65 -30.33
N ILE B 114 4.32 20.51 -30.92
CA ILE B 114 3.60 20.00 -32.08
C ILE B 114 2.14 19.72 -31.74
N ALA B 115 1.90 19.20 -30.54
CA ALA B 115 0.52 18.93 -30.11
C ALA B 115 -0.29 20.22 -30.02
N ALA B 116 0.31 21.27 -29.48
CA ALA B 116 -0.35 22.57 -29.37
C ALA B 116 -0.53 23.23 -30.73
N ILE B 117 0.38 22.97 -31.66
CA ILE B 117 0.24 23.51 -33.01
C ILE B 117 -0.96 22.89 -33.72
N GLU B 118 -1.16 21.60 -33.54
CA GLU B 118 -2.29 20.92 -34.15
C GLU B 118 -3.62 21.27 -33.47
N ALA B 119 -3.69 21.19 -32.15
CA ALA B 119 -4.92 21.53 -31.43
C ALA B 119 -5.36 22.97 -31.69
N SER B 120 -4.45 23.93 -31.49
CA SER B 120 -4.77 25.34 -31.73
C SER B 120 -5.20 25.62 -33.17
N ALA B 121 -4.69 24.82 -34.11
CA ALA B 121 -5.06 24.96 -35.52
C ALA B 121 -6.50 24.49 -35.73
N ASP B 122 -7.07 23.87 -34.70
CA ASP B 122 -8.41 23.30 -34.79
C ASP B 122 -9.37 23.92 -33.75
N GLY B 123 -9.05 25.13 -33.30
CA GLY B 123 -9.96 25.88 -32.45
C GLY B 123 -9.88 25.56 -30.97
N ILE B 124 -8.97 24.67 -30.60
CA ILE B 124 -8.72 24.36 -29.19
C ILE B 124 -7.70 25.35 -28.62
N CYS B 125 -7.97 25.90 -27.44
CA CYS B 125 -7.05 26.89 -26.87
C CYS B 125 -6.60 26.56 -25.45
N TRP B 126 -6.92 25.35 -25.00
CA TRP B 126 -6.74 24.97 -23.60
C TRP B 126 -6.72 23.45 -23.52
N THR B 127 -5.63 22.88 -22.99
CA THR B 127 -5.53 21.43 -22.84
C THR B 127 -5.46 20.99 -21.38
N PHE B 128 -6.08 19.84 -21.09
CA PHE B 128 -6.06 19.26 -19.74
C PHE B 128 -4.81 18.40 -19.56
N SER B 129 -3.66 19.07 -19.50
CA SER B 129 -2.36 18.43 -19.55
C SER B 129 -1.31 19.45 -19.16
N PRO B 130 -0.21 18.99 -18.52
CA PRO B 130 0.17 17.59 -18.30
C PRO B 130 -0.35 16.99 -16.98
N MET B 131 -0.53 15.67 -16.92
CA MET B 131 -0.76 15.03 -15.61
C MET B 131 0.58 14.60 -15.03
N VAL B 132 0.86 15.07 -13.82
CA VAL B 132 2.18 14.92 -13.24
C VAL B 132 2.10 14.18 -11.92
N ASP B 133 1.05 13.38 -11.76
CA ASP B 133 0.87 12.60 -10.54
C ASP B 133 2.01 11.58 -10.38
N ILE B 134 2.77 11.71 -9.30
CA ILE B 134 3.72 10.69 -8.95
C ILE B 134 2.95 9.44 -8.58
N SER B 135 3.42 8.28 -8.98
CA SER B 135 2.82 7.03 -8.54
C SER B 135 3.81 5.88 -8.43
N ARG B 136 3.65 5.10 -7.37
CA ARG B 136 4.49 3.94 -7.10
C ARG B 136 3.69 2.63 -7.25
N ASP B 137 2.55 2.71 -7.93
CA ASP B 137 1.62 1.60 -7.99
C ASP B 137 1.21 1.22 -9.42
N PRO B 138 1.93 0.26 -10.01
CA PRO B 138 1.70 -0.22 -11.37
C PRO B 138 0.27 -0.74 -11.60
N ARG B 139 -0.50 -0.96 -10.54
CA ARG B 139 -1.88 -1.43 -10.68
C ARG B 139 -2.81 -0.34 -11.22
N TRP B 140 -2.44 0.90 -10.95
CA TRP B 140 -3.21 2.07 -11.35
C TRP B 140 -3.08 2.31 -12.85
N GLY B 141 -4.19 2.22 -13.57
CA GLY B 141 -4.17 2.42 -15.01
C GLY B 141 -3.65 3.77 -15.46
N ARG B 142 -3.71 4.76 -14.56
CA ARG B 142 -3.30 6.12 -14.92
C ARG B 142 -1.78 6.36 -14.81
N VAL B 143 -1.02 5.33 -14.44
CA VAL B 143 0.44 5.47 -14.49
C VAL B 143 0.89 5.82 -15.92
N SER B 144 0.09 5.39 -16.91
CA SER B 144 0.38 5.64 -18.32
C SER B 144 0.35 7.11 -18.69
N GLU B 145 -0.43 7.90 -17.93
CA GLU B 145 -0.63 9.31 -18.21
C GLU B 145 0.45 10.18 -17.63
N GLY B 146 1.25 9.58 -16.73
CA GLY B 146 2.24 10.31 -15.97
C GLY B 146 3.65 9.98 -16.40
N SER B 147 4.61 10.25 -15.51
CA SER B 147 6.01 10.16 -15.85
C SER B 147 6.84 9.39 -14.82
N GLY B 148 6.20 8.50 -14.08
CA GLY B 148 6.92 7.59 -13.20
C GLY B 148 6.84 7.93 -11.71
N GLU B 149 7.84 7.46 -10.98
CA GLU B 149 7.84 7.52 -9.52
C GLU B 149 8.77 8.59 -8.95
N ASP B 150 9.50 9.29 -9.81
CA ASP B 150 10.50 10.24 -9.35
C ASP B 150 10.10 11.71 -9.47
N PRO B 151 10.15 12.45 -8.35
CA PRO B 151 9.82 13.87 -8.24
C PRO B 151 10.73 14.78 -9.05
N TYR B 152 12.02 14.45 -9.16
CA TYR B 152 12.91 15.29 -9.95
C TYR B 152 12.61 15.17 -11.44
N LEU B 153 12.68 13.94 -11.95
CA LEU B 153 12.39 13.67 -13.36
C LEU B 153 11.00 14.17 -13.72
N GLY B 154 10.06 13.93 -12.82
CA GLY B 154 8.70 14.41 -12.96
C GLY B 154 8.64 15.93 -13.10
N ALA B 155 9.37 16.63 -12.23
CA ALA B 155 9.39 18.09 -12.26
C ALA B 155 9.96 18.64 -13.58
N GLN B 156 11.04 18.02 -14.06
CA GLN B 156 11.66 18.42 -15.32
C GLN B 156 10.69 18.23 -16.48
N ILE B 157 10.02 17.09 -16.51
CA ILE B 157 9.08 16.81 -17.59
C ILE B 157 7.91 17.77 -17.52
N ALA B 158 7.38 18.00 -16.32
CA ALA B 158 6.27 18.94 -16.16
C ALA B 158 6.62 20.30 -16.75
N LYS B 159 7.81 20.78 -16.46
CA LYS B 159 8.30 22.04 -17.03
C LYS B 159 8.31 21.99 -18.56
N ALA B 160 8.89 20.93 -19.11
CA ALA B 160 8.98 20.77 -20.55
C ALA B 160 7.61 20.79 -21.22
N MET B 161 6.66 20.07 -20.63
CA MET B 161 5.30 20.02 -21.14
C MET B 161 4.62 21.41 -21.12
N VAL B 162 4.67 22.11 -19.99
CA VAL B 162 4.06 23.41 -19.91
C VAL B 162 4.67 24.34 -20.97
N LYS B 163 6.00 24.39 -21.02
CA LYS B 163 6.71 25.24 -21.97
C LYS B 163 6.32 24.92 -23.42
N GLY B 164 6.11 23.64 -23.70
CA GLY B 164 5.74 23.21 -25.04
C GLY B 164 4.41 23.78 -25.46
N TYR B 165 3.38 23.57 -24.64
CA TYR B 165 2.03 24.00 -24.96
C TYR B 165 1.92 25.51 -25.04
N GLN B 166 2.39 26.17 -23.98
CA GLN B 166 2.11 27.60 -23.77
C GLN B 166 3.05 28.54 -24.53
N GLY B 167 4.17 27.99 -24.99
CA GLY B 167 5.10 28.73 -25.82
C GLY B 167 5.57 30.04 -25.21
N LYS B 168 5.78 31.03 -26.08
CA LYS B 168 6.32 32.32 -25.66
C LYS B 168 5.24 33.30 -25.19
N ASP B 169 4.01 33.10 -25.65
CA ASP B 169 2.93 34.00 -25.26
C ASP B 169 1.57 33.31 -25.43
N PHE B 170 0.72 33.42 -24.41
CA PHE B 170 -0.64 32.88 -24.46
C PHE B 170 -1.40 33.33 -25.73
N SER B 171 -1.16 34.57 -26.14
CA SER B 171 -1.92 35.16 -27.25
C SER B 171 -1.47 34.67 -28.64
N ASP B 172 -0.41 33.88 -28.70
CA ASP B 172 -0.04 33.22 -29.95
C ASP B 172 -1.13 32.24 -30.36
N ASN B 173 -1.45 32.21 -31.65
CA ASN B 173 -2.47 31.30 -32.16
C ASN B 173 -1.91 29.90 -32.38
N THR B 174 -0.71 29.67 -31.85
CA THR B 174 -0.06 28.37 -31.93
C THR B 174 0.22 27.88 -30.51
N SER B 175 -0.02 28.76 -29.54
CA SER B 175 0.12 28.38 -28.14
C SER B 175 -1.26 28.23 -27.51
N ILE B 176 -1.39 27.19 -26.70
CA ILE B 176 -2.59 26.93 -25.91
C ILE B 176 -2.26 26.96 -24.42
N MET B 177 -3.27 27.22 -23.60
CA MET B 177 -3.11 27.20 -22.16
C MET B 177 -2.99 25.77 -21.65
N ALA B 178 -2.11 25.54 -20.68
CA ALA B 178 -1.96 24.22 -20.08
C ALA B 178 -2.68 24.10 -18.75
N CYS B 179 -2.88 22.87 -18.30
CA CYS B 179 -3.58 22.60 -17.06
C CYS B 179 -2.90 21.44 -16.35
N VAL B 180 -2.09 21.74 -15.32
CA VAL B 180 -1.47 20.69 -14.54
C VAL B 180 -2.52 19.95 -13.70
N LYS B 181 -2.47 18.62 -13.75
CA LYS B 181 -3.41 17.79 -13.00
C LYS B 181 -2.67 16.56 -12.45
N HIS B 182 -3.25 15.84 -11.48
CA HIS B 182 -4.48 16.22 -10.78
C HIS B 182 -4.13 16.62 -9.34
N PHE B 183 -4.31 17.89 -9.00
CA PHE B 183 -3.90 18.38 -7.69
C PHE B 183 -4.89 17.89 -6.62
N ALA B 184 -4.47 16.93 -5.77
CA ALA B 184 -3.12 16.38 -5.72
C ALA B 184 -3.14 14.99 -5.08
N LEU B 185 -2.01 14.28 -5.20
CA LEU B 185 -1.77 12.99 -4.55
C LEU B 185 -2.61 11.85 -5.14
N TYR B 186 -3.21 12.12 -6.29
CA TYR B 186 -4.11 11.19 -6.96
C TYR B 186 -3.44 9.83 -7.19
N GLY B 187 -2.12 9.84 -7.35
CA GLY B 187 -1.38 8.63 -7.65
C GLY B 187 -1.16 7.66 -6.49
N ALA B 188 -1.61 8.03 -5.30
CA ALA B 188 -1.41 7.15 -4.15
C ALA B 188 -2.71 6.44 -3.75
N GLY B 189 -3.70 6.47 -4.64
CA GLY B 189 -4.96 5.79 -4.37
C GLY B 189 -4.71 4.39 -3.84
N GLU B 190 -5.43 4.02 -2.78
CA GLU B 190 -5.16 2.74 -2.13
C GLU B 190 -5.39 1.51 -3.01
N ALA B 191 -4.47 0.56 -2.89
CA ALA B 191 -4.56 -0.72 -3.57
C ALA B 191 -4.58 -0.56 -5.09
N GLY B 192 -4.07 0.56 -5.57
CA GLY B 192 -3.98 0.81 -7.00
C GLY B 192 -5.32 0.86 -7.69
N ARG B 193 -6.39 1.02 -6.92
CA ARG B 193 -7.74 1.06 -7.48
C ARG B 193 -8.14 2.51 -7.72
N ASP B 194 -8.48 2.84 -8.96
CA ASP B 194 -8.73 4.23 -9.33
C ASP B 194 -9.78 4.89 -8.42
N TYR B 195 -9.54 6.15 -8.06
CA TYR B 195 -10.49 6.95 -7.27
C TYR B 195 -10.49 6.60 -5.78
N ASN B 196 -9.76 5.57 -5.41
CA ASN B 196 -9.77 5.09 -4.03
C ASN B 196 -9.08 6.03 -3.06
N THR B 197 -9.35 5.82 -1.77
CA THR B 197 -8.79 6.61 -0.69
C THR B 197 -7.29 6.85 -0.82
N VAL B 198 -6.90 8.10 -0.59
CA VAL B 198 -5.49 8.44 -0.48
C VAL B 198 -5.20 8.90 0.95
N ASP B 199 -4.05 8.51 1.49
CA ASP B 199 -3.65 8.96 2.81
C ASP B 199 -2.12 8.96 2.98
N MET B 200 -1.59 10.07 3.48
CA MET B 200 -0.17 10.16 3.73
C MET B 200 0.15 11.33 4.66
N SER B 201 1.39 11.41 5.12
CA SER B 201 1.81 12.49 6.02
C SER B 201 2.12 13.73 5.22
N ARG B 202 2.10 14.87 5.92
CA ARG B 202 2.43 16.13 5.30
C ARG B 202 3.87 16.12 4.76
N VAL B 203 4.81 15.53 5.50
CA VAL B 203 6.20 15.55 5.07
C VAL B 203 6.43 14.70 3.82
N ARG B 204 5.73 13.58 3.71
CA ARG B 204 5.81 12.78 2.49
C ARG B 204 5.27 13.54 1.28
N MET B 205 4.16 14.24 1.46
CA MET B 205 3.60 15.05 0.39
C MET B 205 4.67 15.97 -0.19
N TYR B 206 5.34 16.71 0.69
CA TYR B 206 6.25 17.76 0.26
C TYR B 206 7.53 17.24 -0.41
N ASN B 207 8.06 16.12 0.07
CA ASN B 207 9.26 15.55 -0.51
C ASN B 207 8.99 14.63 -1.70
N GLU B 208 7.93 13.84 -1.60
CA GLU B 208 7.76 12.72 -2.51
C GLU B 208 6.71 12.92 -3.62
N TYR B 209 5.68 13.71 -3.37
CA TYR B 209 4.56 13.84 -4.33
C TYR B 209 4.37 15.24 -4.94
N PHE B 210 4.62 16.27 -4.15
CA PHE B 210 4.34 17.65 -4.55
C PHE B 210 5.23 18.27 -5.65
N PRO B 211 6.56 17.98 -5.65
CA PRO B 211 7.44 18.73 -6.57
C PRO B 211 6.97 18.89 -8.03
N PRO B 212 6.45 17.84 -8.66
CA PRO B 212 5.98 18.00 -10.05
C PRO B 212 4.88 19.07 -10.21
N TYR B 213 3.91 19.10 -9.30
CA TYR B 213 2.90 20.14 -9.33
C TYR B 213 3.57 21.51 -9.19
N LYS B 214 4.52 21.64 -8.28
CA LYS B 214 5.16 22.92 -8.05
C LYS B 214 5.95 23.39 -9.26
N ALA B 215 6.58 22.46 -9.97
CA ALA B 215 7.36 22.83 -11.13
C ALA B 215 6.46 23.38 -12.23
N ALA B 216 5.27 22.81 -12.34
CA ALA B 216 4.31 23.26 -13.34
C ALA B 216 3.88 24.69 -13.03
N VAL B 217 3.56 24.95 -11.77
CA VAL B 217 3.18 26.30 -11.35
C VAL B 217 4.30 27.30 -11.62
N ASP B 218 5.52 26.93 -11.23
CA ASP B 218 6.68 27.80 -11.38
C ASP B 218 7.05 28.00 -12.84
N ALA B 219 6.63 27.07 -13.68
CA ALA B 219 6.86 27.19 -15.12
C ALA B 219 5.80 28.11 -15.73
N GLY B 220 4.86 28.54 -14.89
CA GLY B 220 3.80 29.45 -15.32
C GLY B 220 2.56 28.82 -15.90
N VAL B 221 2.25 27.58 -15.52
CA VAL B 221 1.04 26.93 -16.01
C VAL B 221 -0.20 27.80 -15.75
N GLY B 222 -1.09 27.85 -16.73
CA GLY B 222 -2.22 28.77 -16.68
C GLY B 222 -3.35 28.33 -15.78
N SER B 223 -3.48 27.02 -15.59
CA SER B 223 -4.58 26.50 -14.79
C SER B 223 -4.18 25.23 -14.05
N VAL B 224 -5.01 24.81 -13.10
CA VAL B 224 -4.78 23.61 -12.32
C VAL B 224 -6.10 22.87 -12.20
N MET B 225 -6.04 21.54 -12.27
CA MET B 225 -7.24 20.72 -12.16
C MET B 225 -7.23 19.92 -10.87
N THR B 226 -8.32 19.98 -10.12
CA THR B 226 -8.40 19.24 -8.86
C THR B 226 -8.47 17.73 -9.10
N SER B 227 -8.19 16.95 -8.05
CA SER B 227 -8.23 15.49 -8.15
C SER B 227 -9.47 14.89 -7.48
N PHE B 228 -9.74 13.63 -7.79
CA PHE B 228 -10.93 12.90 -7.31
C PHE B 228 -10.82 12.35 -5.88
N ASN B 229 -9.59 12.26 -5.39
CA ASN B 229 -9.31 11.61 -4.11
C ASN B 229 -9.46 12.54 -2.91
N GLU B 230 -9.69 11.94 -1.74
CA GLU B 230 -9.70 12.71 -0.51
C GLU B 230 -8.26 12.86 0.00
N ILE B 231 -8.06 13.82 0.89
CA ILE B 231 -6.76 13.98 1.55
C ILE B 231 -7.05 14.40 2.96
N ASP B 232 -6.51 13.65 3.92
CA ASP B 232 -6.81 13.90 5.32
C ASP B 232 -8.33 13.84 5.55
N GLY B 233 -9.02 13.09 4.69
CA GLY B 233 -10.46 12.92 4.80
C GLY B 233 -11.32 13.99 4.15
N ILE B 234 -10.68 14.90 3.41
CA ILE B 234 -11.40 15.91 2.65
C ILE B 234 -11.03 15.82 1.17
N PRO B 235 -12.04 15.62 0.31
CA PRO B 235 -11.75 15.54 -1.13
C PRO B 235 -10.96 16.76 -1.59
N ALA B 236 -10.00 16.55 -2.50
CA ALA B 236 -9.15 17.64 -3.00
C ALA B 236 -9.98 18.86 -3.40
N THR B 237 -11.13 18.61 -4.02
CA THR B 237 -11.92 19.68 -4.62
C THR B 237 -12.50 20.63 -3.58
N GLY B 238 -12.66 20.15 -2.35
CA GLY B 238 -13.13 21.00 -1.26
C GLY B 238 -12.08 21.24 -0.19
N ASN B 239 -10.83 20.90 -0.50
CA ASN B 239 -9.74 21.01 0.46
C ASN B 239 -9.08 22.40 0.41
N LYS B 240 -9.47 23.27 1.34
CA LYS B 240 -8.97 24.64 1.36
C LYS B 240 -7.47 24.71 1.64
N TRP B 241 -6.99 23.87 2.54
CA TRP B 241 -5.57 23.82 2.80
C TRP B 241 -4.82 23.58 1.48
N LEU B 242 -5.30 22.62 0.71
CA LEU B 242 -4.63 22.26 -0.53
C LEU B 242 -4.71 23.36 -1.59
N MET B 243 -5.93 23.77 -1.90
CA MET B 243 -6.18 24.70 -3.02
C MET B 243 -5.81 26.14 -2.71
N THR B 244 -5.71 26.49 -1.44
CA THR B 244 -5.44 27.87 -1.06
C THR B 244 -4.11 28.04 -0.33
N ASP B 245 -3.91 27.26 0.73
CA ASP B 245 -2.71 27.39 1.55
C ASP B 245 -1.45 26.87 0.88
N VAL B 246 -1.55 25.72 0.21
CA VAL B 246 -0.41 25.17 -0.51
C VAL B 246 -0.27 25.78 -1.91
N LEU B 247 -1.35 25.70 -2.69
CA LEU B 247 -1.35 26.17 -4.08
C LEU B 247 -1.08 27.68 -4.23
N ARG B 248 -1.73 28.49 -3.41
CA ARG B 248 -1.54 29.94 -3.48
C ARG B 248 -0.89 30.51 -2.22
N LYS B 249 0.21 29.89 -1.77
CA LYS B 249 0.87 30.36 -0.55
C LYS B 249 1.56 31.71 -0.75
N ARG B 250 2.60 31.76 -1.57
CA ARG B 250 3.24 33.03 -1.90
C ARG B 250 2.34 33.78 -2.86
N ILE B 251 1.87 34.95 -2.46
CA ILE B 251 0.78 35.60 -3.20
C ILE B 251 1.23 36.38 -4.44
N GLY B 252 1.14 35.69 -5.57
CA GLY B 252 1.72 36.10 -6.84
C GLY B 252 2.33 34.87 -7.49
N ALA B 253 2.35 33.77 -6.74
CA ALA B 253 2.99 32.52 -7.15
C ALA B 253 2.24 31.80 -8.26
N PHE B 254 1.01 31.38 -7.99
CA PHE B 254 0.19 30.73 -9.03
C PHE B 254 -0.43 31.75 -10.01
N LYS B 255 -1.43 32.48 -9.53
CA LYS B 255 -2.08 33.53 -10.33
C LYS B 255 -3.09 33.03 -11.38
N GLY B 256 -3.11 31.73 -11.64
CA GLY B 256 -4.01 31.17 -12.64
C GLY B 256 -5.35 30.78 -12.05
N PHE B 257 -6.06 29.89 -12.73
CA PHE B 257 -7.35 29.47 -12.18
C PHE B 257 -7.44 27.95 -11.98
N VAL B 258 -8.40 27.54 -11.15
CA VAL B 258 -8.55 26.15 -10.77
C VAL B 258 -9.86 25.59 -11.30
N VAL B 259 -9.76 24.51 -12.07
CA VAL B 259 -10.95 23.81 -12.57
C VAL B 259 -11.09 22.48 -11.83
N THR B 260 -12.33 22.02 -11.62
CA THR B 260 -12.56 20.73 -10.99
C THR B 260 -12.36 19.64 -12.04
N ASP B 261 -12.13 18.41 -11.58
CA ASP B 261 -12.20 17.28 -12.49
C ASP B 261 -13.69 17.00 -12.76
N TYR B 262 -13.95 16.09 -13.70
CA TYR B 262 -15.30 15.77 -14.16
C TYR B 262 -16.31 15.51 -13.02
N THR B 263 -17.21 16.46 -12.79
CA THR B 263 -18.22 16.37 -11.72
C THR B 263 -17.65 16.09 -10.32
N ALA B 264 -16.40 16.46 -10.10
CA ALA B 264 -15.74 16.27 -8.82
C ALA B 264 -16.48 16.90 -7.65
N ILE B 265 -17.12 18.05 -7.88
CA ILE B 265 -17.92 18.66 -6.82
C ILE B 265 -19.11 17.76 -6.46
N ASN B 266 -19.87 17.36 -7.47
CA ASN B 266 -21.03 16.52 -7.21
C ASN B 266 -20.59 15.27 -6.46
N GLU B 267 -19.43 14.73 -6.82
CA GLU B 267 -18.95 13.49 -6.23
C GLU B 267 -18.60 13.62 -4.75
N MET B 268 -18.42 14.86 -4.27
CA MET B 268 -18.20 15.07 -2.85
C MET B 268 -19.42 14.65 -2.05
N ILE B 269 -20.58 14.65 -2.70
CA ILE B 269 -21.79 14.10 -2.09
C ILE B 269 -21.57 12.62 -1.79
N ASP B 270 -21.08 11.87 -2.78
CA ASP B 270 -20.80 10.44 -2.61
C ASP B 270 -19.72 10.18 -1.56
N HIS B 271 -18.70 11.04 -1.53
CA HIS B 271 -17.63 10.99 -0.56
C HIS B 271 -18.18 11.01 0.85
N GLY B 272 -19.26 11.76 1.06
CA GLY B 272 -19.86 11.87 2.37
C GLY B 272 -19.73 13.26 2.96
N MET B 273 -19.64 14.28 2.10
CA MET B 273 -19.45 15.65 2.55
C MET B 273 -20.75 16.47 2.62
N GLY B 274 -21.84 15.94 2.09
CA GLY B 274 -23.12 16.60 2.18
C GLY B 274 -23.84 16.79 0.85
N ASP B 275 -24.86 17.67 0.83
CA ASP B 275 -25.62 17.90 -0.39
C ASP B 275 -24.92 18.86 -1.36
N LEU B 276 -25.51 19.02 -2.54
CA LEU B 276 -24.83 19.72 -3.63
C LEU B 276 -24.52 21.17 -3.28
N GLN B 277 -25.43 21.84 -2.59
CA GLN B 277 -25.19 23.22 -2.22
C GLN B 277 -24.03 23.31 -1.25
N THR B 278 -24.01 22.41 -0.28
CA THR B 278 -23.00 22.43 0.77
C THR B 278 -21.61 22.19 0.17
N VAL B 279 -21.51 21.24 -0.76
CA VAL B 279 -20.21 20.88 -1.31
C VAL B 279 -19.75 21.89 -2.36
N SER B 280 -20.71 22.48 -3.07
CA SER B 280 -20.40 23.58 -3.99
C SER B 280 -19.78 24.75 -3.24
N ALA B 281 -20.40 25.15 -2.14
CA ALA B 281 -19.90 26.28 -1.35
C ALA B 281 -18.52 25.98 -0.80
N LEU B 282 -18.30 24.73 -0.42
CA LEU B 282 -17.02 24.28 0.12
C LEU B 282 -15.92 24.41 -0.93
N ALA B 283 -16.25 24.02 -2.16
CA ALA B 283 -15.34 24.11 -3.29
C ALA B 283 -14.96 25.56 -3.59
N LEU B 284 -15.94 26.46 -3.58
CA LEU B 284 -15.64 27.87 -3.86
C LEU B 284 -14.74 28.48 -2.79
N ARG B 285 -15.08 28.25 -1.52
CA ARG B 285 -14.27 28.74 -0.42
C ARG B 285 -12.86 28.12 -0.46
N ALA B 286 -12.76 26.88 -0.90
CA ALA B 286 -11.46 26.21 -1.03
C ALA B 286 -10.54 26.89 -2.03
N GLY B 287 -11.10 27.53 -3.06
CA GLY B 287 -10.31 28.16 -4.09
C GLY B 287 -10.55 27.61 -5.49
N VAL B 288 -11.63 26.85 -5.66
CA VAL B 288 -12.00 26.35 -6.99
C VAL B 288 -12.72 27.44 -7.78
N ASP B 289 -12.39 27.56 -9.06
CA ASP B 289 -12.92 28.64 -9.89
C ASP B 289 -13.87 28.15 -10.98
N MET B 290 -13.63 26.96 -11.49
CA MET B 290 -14.47 26.44 -12.58
C MET B 290 -15.01 25.04 -12.29
N ASP B 291 -16.30 24.88 -12.56
CA ASP B 291 -17.04 23.68 -12.22
C ASP B 291 -17.28 22.84 -13.48
N MET B 292 -16.62 21.69 -13.57
CA MET B 292 -16.72 20.84 -14.77
C MET B 292 -17.95 19.94 -14.78
N VAL B 293 -18.83 20.18 -15.75
CA VAL B 293 -20.02 19.35 -16.03
C VAL B 293 -21.15 19.35 -14.98
N GLY B 294 -20.80 19.33 -13.70
CA GLY B 294 -21.80 19.10 -12.66
C GLY B 294 -22.79 20.20 -12.36
N GLU B 295 -22.48 21.43 -12.78
CA GLU B 295 -23.35 22.59 -12.58
C GLU B 295 -23.82 22.85 -11.14
N GLY B 296 -23.01 22.46 -10.16
CA GLY B 296 -23.30 22.80 -8.76
C GLY B 296 -23.13 24.29 -8.50
N PHE B 297 -22.11 24.88 -9.12
CA PHE B 297 -21.91 26.32 -9.03
C PHE B 297 -23.09 27.07 -9.63
N LEU B 298 -23.43 26.75 -10.88
CA LEU B 298 -24.50 27.42 -11.60
C LEU B 298 -25.81 27.37 -10.81
N THR B 299 -26.13 26.21 -10.27
CA THR B 299 -27.44 26.03 -9.65
C THR B 299 -27.52 26.41 -8.15
N THR B 300 -26.39 26.43 -7.45
CA THR B 300 -26.45 26.68 -6.00
C THR B 300 -25.73 27.92 -5.47
N LEU B 301 -24.83 28.52 -6.23
CA LEU B 301 -24.05 29.62 -5.66
C LEU B 301 -24.91 30.81 -5.19
N LYS B 302 -25.86 31.24 -6.01
CA LYS B 302 -26.71 32.38 -5.67
C LYS B 302 -27.42 32.17 -4.33
N LYS B 303 -27.96 30.96 -4.14
CA LYS B 303 -28.68 30.62 -2.92
C LYS B 303 -27.74 30.71 -1.72
N SER B 304 -26.57 30.07 -1.83
CA SER B 304 -25.56 30.13 -0.78
C SER B 304 -25.18 31.58 -0.44
N LEU B 305 -25.17 32.45 -1.44
CA LEU B 305 -24.79 33.84 -1.22
C LEU B 305 -25.88 34.54 -0.42
N GLN B 306 -27.12 34.36 -0.86
CA GLN B 306 -28.29 34.90 -0.16
C GLN B 306 -28.34 34.37 1.26
N GLU B 307 -27.78 33.18 1.49
CA GLU B 307 -27.82 32.57 2.82
C GLU B 307 -26.61 32.91 3.69
N GLY B 308 -25.64 33.63 3.12
CA GLY B 308 -24.47 34.06 3.86
C GLY B 308 -23.39 32.99 3.95
N LYS B 309 -23.54 31.93 3.16
CA LYS B 309 -22.61 30.82 3.20
C LYS B 309 -21.38 31.07 2.34
N ILE B 310 -21.49 32.02 1.40
CA ILE B 310 -20.33 32.47 0.64
C ILE B 310 -20.37 33.99 0.56
N THR B 311 -19.32 34.59 0.01
CA THR B 311 -19.28 36.03 -0.10
C THR B 311 -19.25 36.46 -1.55
N GLN B 312 -19.61 37.72 -1.78
CA GLN B 312 -19.53 38.30 -3.11
C GLN B 312 -18.10 38.29 -3.62
N ALA B 313 -17.17 38.68 -2.74
CA ALA B 313 -15.75 38.76 -3.10
C ALA B 313 -15.21 37.42 -3.60
N GLN B 314 -15.73 36.33 -3.03
CA GLN B 314 -15.33 34.99 -3.46
C GLN B 314 -15.78 34.71 -4.89
N ILE B 315 -16.98 35.16 -5.24
CA ILE B 315 -17.49 34.96 -6.58
C ILE B 315 -16.72 35.84 -7.56
N ASP B 316 -16.57 37.10 -7.20
CA ASP B 316 -15.85 38.06 -8.05
C ASP B 316 -14.42 37.59 -8.34
N ALA B 317 -13.75 37.04 -7.33
CA ALA B 317 -12.36 36.61 -7.50
C ALA B 317 -12.24 35.40 -8.43
N ALA B 318 -13.20 34.48 -8.35
CA ALA B 318 -13.22 33.32 -9.24
C ALA B 318 -13.54 33.74 -10.67
N CYS B 319 -14.51 34.64 -10.81
CA CYS B 319 -14.91 35.11 -12.12
C CYS B 319 -13.74 35.87 -12.76
N LYS B 320 -13.08 36.71 -11.96
CA LYS B 320 -11.97 37.51 -12.46
C LYS B 320 -10.94 36.61 -13.13
N ARG B 321 -10.58 35.53 -12.45
CA ARG B 321 -9.56 34.62 -12.92
C ARG B 321 -9.91 34.00 -14.27
N ILE B 322 -11.16 33.59 -14.44
CA ILE B 322 -11.61 33.02 -15.70
C ILE B 322 -11.46 34.05 -16.83
N LEU B 323 -11.94 35.26 -16.60
CA LEU B 323 -11.81 36.33 -17.60
C LEU B 323 -10.34 36.60 -17.94
N GLU B 324 -9.49 36.63 -16.92
CA GLU B 324 -8.07 36.92 -17.13
C GLU B 324 -7.43 35.86 -18.01
N ALA B 325 -7.84 34.61 -17.84
CA ALA B 325 -7.39 33.53 -18.72
C ALA B 325 -7.77 33.83 -20.18
N LYS B 326 -9.04 34.13 -20.41
CA LYS B 326 -9.51 34.42 -21.76
C LYS B 326 -8.82 35.65 -22.31
N TYR B 327 -8.56 36.63 -21.45
CA TYR B 327 -7.86 37.84 -21.90
C TYR B 327 -6.45 37.47 -22.38
N LYS B 328 -5.75 36.68 -21.57
CA LYS B 328 -4.38 36.28 -21.90
C LYS B 328 -4.32 35.48 -23.20
N LEU B 329 -5.31 34.62 -23.42
CA LEU B 329 -5.33 33.79 -24.63
C LEU B 329 -5.62 34.61 -25.89
N GLY B 330 -5.98 35.88 -25.70
CA GLY B 330 -6.25 36.78 -26.81
C GLY B 330 -7.70 36.83 -27.26
N LEU B 331 -8.58 36.15 -26.52
CA LEU B 331 -9.97 35.98 -26.92
C LEU B 331 -10.80 37.28 -26.96
N PHE B 332 -10.44 38.26 -26.16
CA PHE B 332 -11.20 39.51 -26.15
C PHE B 332 -10.86 40.43 -27.32
N SER B 333 -9.65 40.28 -27.85
CA SER B 333 -9.27 41.02 -29.04
C SER B 333 -9.63 40.25 -30.32
N ASP B 334 -9.80 38.94 -30.20
CA ASP B 334 -10.28 38.12 -31.31
C ASP B 334 -10.86 36.79 -30.82
N PRO B 335 -12.19 36.74 -30.69
CA PRO B 335 -12.86 35.53 -30.19
C PRO B 335 -12.64 34.34 -31.12
N TYR B 336 -12.23 34.62 -32.36
CA TYR B 336 -12.04 33.58 -33.35
C TYR B 336 -10.56 33.28 -33.64
N LYS B 337 -9.68 33.80 -32.80
CA LYS B 337 -8.23 33.67 -33.00
C LYS B 337 -7.80 32.25 -33.37
N TYR B 338 -8.45 31.27 -32.78
CA TYR B 338 -8.06 29.88 -32.96
C TYR B 338 -8.93 29.18 -34.00
N CYS B 339 -9.72 29.95 -34.74
CA CYS B 339 -10.66 29.40 -35.71
C CYS B 339 -10.32 29.77 -37.15
N ASN B 340 -9.38 29.05 -37.75
CA ASN B 340 -9.02 29.27 -39.14
C ASN B 340 -9.04 27.95 -39.90
N GLU B 341 -9.95 27.87 -40.88
CA GLU B 341 -10.14 26.65 -41.66
C GLU B 341 -8.86 26.22 -42.40
N GLU B 342 -8.04 27.19 -42.79
CA GLU B 342 -6.83 26.90 -43.56
C GLU B 342 -5.73 26.29 -42.68
N ARG B 343 -5.54 26.82 -41.49
CA ARG B 343 -4.62 26.20 -40.55
C ARG B 343 -5.00 24.74 -40.31
N ALA B 344 -6.27 24.49 -40.00
CA ALA B 344 -6.72 23.14 -39.73
C ALA B 344 -6.48 22.18 -40.91
N ARG B 345 -6.54 22.70 -42.12
CA ARG B 345 -6.38 21.85 -43.29
C ARG B 345 -4.90 21.52 -43.53
N THR B 346 -4.03 22.48 -43.22
CA THR B 346 -2.63 22.40 -43.63
C THR B 346 -1.65 22.10 -42.50
N GLN B 347 -2.05 22.37 -41.26
CA GLN B 347 -1.11 22.24 -40.15
C GLN B 347 -1.37 21.05 -39.23
N ILE B 348 -2.20 20.11 -39.67
CA ILE B 348 -2.57 18.97 -38.82
C ILE B 348 -2.28 17.62 -39.47
N PHE B 349 -1.60 16.75 -38.73
CA PHE B 349 -1.30 15.38 -39.20
C PHE B 349 -0.53 15.42 -40.52
N THR B 350 0.33 16.43 -40.65
CA THR B 350 1.17 16.57 -41.83
C THR B 350 2.22 15.47 -41.86
N PRO B 351 2.81 15.23 -43.03
CA PRO B 351 3.87 14.22 -43.16
C PRO B 351 5.09 14.55 -42.29
N GLU B 352 5.34 15.84 -42.09
CA GLU B 352 6.45 16.27 -41.27
C GLU B 352 6.20 15.94 -39.82
N HIS B 353 4.97 16.21 -39.38
CA HIS B 353 4.54 15.90 -38.02
C HIS B 353 4.61 14.41 -37.70
N ARG B 354 4.13 13.58 -38.63
CA ARG B 354 4.20 12.13 -38.40
C ARG B 354 5.66 11.66 -38.35
N LYS B 355 6.51 12.25 -39.18
CA LYS B 355 7.91 11.86 -39.21
C LYS B 355 8.57 12.13 -37.85
N ILE B 356 8.34 13.31 -37.31
CA ILE B 356 8.90 13.69 -36.02
C ILE B 356 8.43 12.73 -34.92
N ALA B 357 7.15 12.39 -34.95
CA ALA B 357 6.60 11.43 -34.00
C ALA B 357 7.30 10.07 -34.16
N ARG B 358 7.60 9.69 -35.39
CA ARG B 358 8.30 8.43 -35.65
C ARG B 358 9.68 8.45 -35.01
N GLU B 359 10.35 9.60 -35.10
CA GLU B 359 11.68 9.78 -34.53
C GLU B 359 11.64 9.76 -33.00
N ILE B 360 10.70 10.50 -32.43
CA ILE B 360 10.54 10.55 -30.98
C ILE B 360 10.23 9.18 -30.39
N ALA B 361 9.26 8.49 -30.99
CA ALA B 361 8.82 7.17 -30.54
C ALA B 361 9.99 6.20 -30.41
N ALA B 362 10.87 6.17 -31.40
CA ALA B 362 12.02 5.28 -31.38
C ALA B 362 13.00 5.61 -30.24
N GLN B 363 12.92 6.83 -29.71
CA GLN B 363 13.80 7.24 -28.60
C GLN B 363 13.21 6.90 -27.24
N SER B 364 11.96 6.44 -27.23
CA SER B 364 11.26 6.17 -25.97
C SER B 364 11.36 4.70 -25.55
N PHE B 365 11.69 3.84 -26.51
CA PHE B 365 11.73 2.40 -26.27
C PHE B 365 12.77 2.04 -25.21
N VAL B 366 12.44 1.07 -24.36
CA VAL B 366 13.39 0.57 -23.37
C VAL B 366 13.79 -0.87 -23.66
N LEU B 367 15.09 -1.07 -23.91
CA LEU B 367 15.61 -2.40 -24.19
C LEU B 367 15.92 -3.09 -22.86
N LEU B 368 15.05 -4.00 -22.46
CA LEU B 368 15.15 -4.65 -21.14
C LEU B 368 16.10 -5.85 -21.14
N LYS B 369 16.23 -6.52 -22.27
CA LYS B 369 17.16 -7.64 -22.40
C LYS B 369 17.61 -7.86 -23.83
N ASN B 370 18.85 -8.30 -24.02
CA ASN B 370 19.39 -8.58 -25.34
C ASN B 370 20.54 -9.57 -25.26
N ASP B 371 20.21 -10.84 -25.06
CA ASP B 371 21.22 -11.89 -24.94
C ASP B 371 21.72 -12.32 -26.31
N ASN B 372 23.03 -12.51 -26.41
CA ASN B 372 23.67 -13.12 -27.58
C ASN B 372 23.41 -12.35 -28.88
N ASN B 373 23.36 -11.03 -28.78
CA ASN B 373 23.27 -10.18 -29.96
C ASN B 373 22.08 -10.51 -30.85
N VAL B 374 20.99 -10.96 -30.24
CA VAL B 374 19.79 -11.24 -31.00
C VAL B 374 19.35 -9.98 -31.73
N LEU B 375 19.26 -8.87 -31.00
CA LEU B 375 19.01 -7.57 -31.61
C LEU B 375 20.36 -6.85 -31.83
N PRO B 376 20.48 -6.08 -32.92
CA PRO B 376 19.45 -5.84 -33.92
C PRO B 376 19.29 -7.03 -34.86
N LEU B 377 18.11 -7.18 -35.44
CA LEU B 377 17.87 -8.22 -36.41
C LEU B 377 18.64 -7.95 -37.70
N LYS B 378 19.10 -9.02 -38.33
CA LYS B 378 19.63 -8.91 -39.67
C LYS B 378 18.43 -8.75 -40.59
N LYS B 379 18.58 -7.89 -41.61
CA LYS B 379 17.56 -7.74 -42.63
C LYS B 379 17.84 -8.76 -43.73
N SER B 380 17.54 -10.01 -43.43
CA SER B 380 17.74 -11.13 -44.35
C SER B 380 17.01 -12.35 -43.78
N GLY B 381 16.85 -13.37 -44.60
CA GLY B 381 16.16 -14.58 -44.18
C GLY B 381 14.68 -14.36 -43.96
N THR B 382 14.12 -15.10 -43.00
CA THR B 382 12.69 -15.06 -42.74
C THR B 382 12.39 -14.73 -41.27
N ILE B 383 11.42 -13.85 -41.07
CA ILE B 383 11.06 -13.37 -39.74
C ILE B 383 9.57 -13.58 -39.47
N ALA B 384 9.25 -14.28 -38.39
CA ALA B 384 7.86 -14.58 -38.05
C ALA B 384 7.30 -13.65 -36.96
N LEU B 385 6.35 -12.81 -37.35
CA LEU B 385 5.70 -11.92 -36.40
C LEU B 385 4.41 -12.55 -35.88
N VAL B 386 4.31 -12.70 -34.56
CA VAL B 386 3.23 -13.47 -33.95
C VAL B 386 2.67 -12.77 -32.70
N GLY B 387 1.36 -12.84 -32.51
CA GLY B 387 0.73 -12.25 -31.33
C GLY B 387 -0.44 -11.34 -31.63
N PRO B 388 -1.31 -11.10 -30.63
CA PRO B 388 -2.51 -10.28 -30.80
C PRO B 388 -2.20 -8.80 -31.00
N LEU B 389 -0.95 -8.38 -30.83
CA LEU B 389 -0.63 -6.98 -31.08
C LEU B 389 0.24 -6.78 -32.32
N ALA B 390 0.37 -7.85 -33.10
CA ALA B 390 1.24 -7.85 -34.27
C ALA B 390 0.67 -7.07 -35.46
N ASP B 391 -0.65 -7.08 -35.63
CA ASP B 391 -1.26 -6.42 -36.78
C ASP B 391 -2.57 -5.71 -36.42
N ASN B 392 -2.44 -4.62 -35.69
CA ASN B 392 -3.57 -3.82 -35.28
C ASN B 392 -3.20 -2.35 -35.40
N ARG B 393 -4.15 -1.53 -35.81
CA ARG B 393 -3.87 -0.11 -35.99
C ARG B 393 -4.37 0.72 -34.81
N VAL B 394 -5.64 0.55 -34.46
CA VAL B 394 -6.30 1.48 -33.55
C VAL B 394 -5.75 1.43 -32.12
N ASN B 395 -5.04 0.36 -31.77
CA ASN B 395 -4.48 0.26 -30.43
C ASN B 395 -3.12 0.95 -30.29
N MET B 396 -2.44 1.17 -31.42
CA MET B 396 -1.09 1.70 -31.38
C MET B 396 -0.94 3.02 -30.61
N PRO B 397 -1.89 3.96 -30.78
CA PRO B 397 -1.75 5.23 -30.06
C PRO B 397 -1.94 5.12 -28.54
N GLY B 398 -2.31 3.96 -28.03
CA GLY B 398 -2.56 3.81 -26.61
C GLY B 398 -3.81 4.56 -26.15
N THR B 399 -3.97 4.68 -24.84
CA THR B 399 -5.12 5.38 -24.27
C THR B 399 -4.94 6.90 -24.29
N TRP B 400 -5.99 7.63 -23.94
CA TRP B 400 -5.93 9.09 -23.91
C TRP B 400 -5.43 9.70 -25.22
N SER B 401 -6.02 9.22 -26.30
CA SER B 401 -5.70 9.69 -27.64
C SER B 401 -7.00 9.99 -28.35
N VAL B 402 -7.84 10.83 -27.75
CA VAL B 402 -9.21 11.03 -28.23
C VAL B 402 -9.33 11.69 -29.59
N ALA B 403 -8.28 12.38 -30.03
CA ALA B 403 -8.35 13.06 -31.32
C ALA B 403 -7.41 12.41 -32.33
N ALA B 404 -6.79 11.30 -31.93
CA ALA B 404 -5.81 10.63 -32.77
C ALA B 404 -6.41 9.96 -34.02
N LYS B 405 -5.62 9.89 -35.07
CA LYS B 405 -6.01 9.18 -36.28
C LYS B 405 -5.79 7.68 -36.10
N HIS B 406 -6.53 7.08 -35.17
CA HIS B 406 -6.26 5.69 -34.77
C HIS B 406 -6.15 4.76 -35.97
N ALA B 407 -7.03 4.97 -36.93
CA ALA B 407 -7.20 4.07 -38.07
C ALA B 407 -6.14 4.27 -39.15
N GLU B 408 -5.38 5.35 -39.05
CA GLU B 408 -4.30 5.60 -40.00
C GLU B 408 -2.93 5.24 -39.42
N SER B 409 -2.94 4.76 -38.18
CA SER B 409 -1.73 4.31 -37.50
C SER B 409 -1.08 3.16 -38.26
N VAL B 410 0.23 3.05 -38.14
CA VAL B 410 0.98 1.99 -38.80
C VAL B 410 1.10 0.77 -37.90
N SER B 411 0.52 -0.35 -38.33
CA SER B 411 0.60 -1.57 -37.54
C SER B 411 2.05 -2.08 -37.52
N LEU B 412 2.33 -3.03 -36.64
CA LEU B 412 3.69 -3.58 -36.57
C LEU B 412 3.99 -4.40 -37.83
N LEU B 413 3.04 -5.23 -38.24
CA LEU B 413 3.20 -5.99 -39.48
C LEU B 413 3.50 -5.05 -40.65
N GLU B 414 2.79 -3.93 -40.69
CA GLU B 414 2.94 -2.92 -41.75
C GLU B 414 4.33 -2.32 -41.83
N GLY B 415 4.87 -1.90 -40.68
CA GLY B 415 6.17 -1.28 -40.62
C GLY B 415 7.27 -2.27 -40.92
N LEU B 416 7.11 -3.51 -40.44
CA LEU B 416 8.08 -4.57 -40.65
C LEU B 416 8.22 -4.97 -42.13
N LYS B 417 7.10 -5.09 -42.83
CA LYS B 417 7.14 -5.42 -44.25
C LYS B 417 7.72 -4.26 -45.05
N LYS B 418 7.38 -3.04 -44.62
CA LYS B 418 7.91 -1.84 -45.25
C LYS B 418 9.43 -1.77 -45.06
N ALA B 419 9.90 -2.06 -43.86
CA ALA B 419 11.33 -2.03 -43.57
C ALA B 419 12.09 -3.15 -44.30
N ALA B 420 11.54 -4.36 -44.26
CA ALA B 420 12.19 -5.53 -44.83
C ALA B 420 12.36 -5.42 -46.34
N GLY B 421 11.36 -4.86 -47.01
CA GLY B 421 11.39 -4.73 -48.46
C GLY B 421 11.62 -6.07 -49.14
N ASN B 422 12.57 -6.11 -50.06
CA ASN B 422 12.90 -7.34 -50.76
C ASN B 422 13.96 -8.17 -50.05
N ASP B 423 14.49 -7.65 -48.95
CA ASP B 423 15.65 -8.25 -48.29
C ASP B 423 15.34 -9.35 -47.27
N ALA B 424 14.18 -9.26 -46.62
CA ALA B 424 13.75 -10.30 -45.69
C ALA B 424 12.25 -10.57 -45.85
N ARG B 425 11.85 -11.81 -45.68
CA ARG B 425 10.44 -12.16 -45.80
C ARG B 425 9.79 -12.20 -44.43
N ILE B 426 8.66 -11.51 -44.29
CA ILE B 426 7.94 -11.41 -43.04
C ILE B 426 6.72 -12.31 -43.05
N LEU B 427 6.65 -13.22 -42.08
CA LEU B 427 5.49 -14.12 -41.95
C LEU B 427 4.64 -13.74 -40.74
N TYR B 428 3.33 -13.77 -40.92
CA TYR B 428 2.41 -13.42 -39.84
C TYR B 428 1.58 -14.59 -39.30
N ALA B 429 1.27 -14.53 -38.01
CA ALA B 429 0.34 -15.44 -37.37
C ALA B 429 -0.22 -14.81 -36.09
N HIS B 430 -1.50 -15.04 -35.83
CA HIS B 430 -2.19 -14.41 -34.71
C HIS B 430 -1.66 -14.91 -33.37
N GLY B 431 -1.43 -16.22 -33.28
CA GLY B 431 -0.92 -16.82 -32.08
C GLY B 431 -1.99 -17.02 -31.03
N SER B 432 -2.65 -15.93 -30.66
CA SER B 432 -3.70 -16.00 -29.65
C SER B 432 -4.40 -14.66 -29.49
N ASN B 433 -5.58 -14.70 -28.89
CA ASN B 433 -6.30 -13.50 -28.52
C ASN B 433 -5.59 -12.76 -27.38
N LEU B 434 -6.18 -11.67 -26.91
CA LEU B 434 -5.59 -10.86 -25.85
C LEU B 434 -5.62 -11.60 -24.53
N ASP B 435 -6.71 -12.34 -24.29
CA ASP B 435 -6.90 -13.04 -23.03
C ASP B 435 -7.84 -14.22 -23.24
N GLU B 436 -7.88 -15.13 -22.27
CA GLU B 436 -8.78 -16.27 -22.34
C GLU B 436 -10.23 -15.88 -22.02
N ASP B 437 -10.39 -14.74 -21.36
CA ASP B 437 -11.70 -14.30 -20.89
C ASP B 437 -12.23 -13.22 -21.81
N LYS B 438 -13.27 -13.54 -22.58
CA LYS B 438 -13.80 -12.61 -23.58
C LYS B 438 -14.39 -11.36 -22.94
N SER B 439 -15.07 -11.52 -21.81
CA SER B 439 -15.61 -10.37 -21.10
C SER B 439 -14.49 -9.41 -20.64
N LEU B 440 -13.31 -9.93 -20.33
CA LEU B 440 -12.20 -9.07 -19.98
C LEU B 440 -11.76 -8.32 -21.23
N ILE B 441 -11.57 -9.07 -22.32
CA ILE B 441 -11.21 -8.46 -23.60
C ILE B 441 -12.16 -7.32 -23.93
N GLU B 442 -13.47 -7.60 -23.85
CA GLU B 442 -14.49 -6.61 -24.16
C GLU B 442 -14.24 -5.34 -23.38
N ARG B 443 -14.10 -5.46 -22.06
CA ARG B 443 -14.00 -4.26 -21.24
C ARG B 443 -12.62 -3.60 -21.38
N ALA B 444 -11.65 -4.35 -21.88
CA ALA B 444 -10.30 -3.82 -22.07
C ALA B 444 -10.13 -3.18 -23.45
N THR B 445 -11.15 -3.32 -24.30
CA THR B 445 -11.09 -2.76 -25.64
C THR B 445 -12.25 -1.81 -25.95
N MET B 446 -12.64 -1.01 -24.96
CA MET B 446 -13.69 -0.01 -25.12
C MET B 446 -13.24 1.15 -26.01
N PHE B 447 -14.20 1.99 -26.37
CA PHE B 447 -13.95 3.21 -27.12
C PHE B 447 -13.46 2.96 -28.56
N GLY B 448 -13.85 1.82 -29.13
CA GLY B 448 -13.55 1.51 -30.51
C GLY B 448 -12.16 0.92 -30.75
N LYS B 449 -11.41 0.69 -29.69
CA LYS B 449 -10.05 0.18 -29.82
C LYS B 449 -10.01 -1.35 -29.92
N THR B 450 -10.81 -1.89 -30.83
CA THR B 450 -11.01 -3.34 -30.91
C THR B 450 -9.81 -4.12 -31.47
N LEU B 451 -9.66 -5.36 -30.99
CA LEU B 451 -8.67 -6.29 -31.50
C LEU B 451 -9.41 -7.40 -32.21
N LYS B 452 -8.92 -7.83 -33.36
CA LYS B 452 -9.59 -8.91 -34.07
C LYS B 452 -9.58 -10.19 -33.23
N TYR B 453 -10.73 -10.85 -33.17
CA TYR B 453 -10.93 -11.96 -32.25
C TYR B 453 -11.03 -13.29 -32.99
N ASP B 454 -10.23 -14.28 -32.58
CA ASP B 454 -10.27 -15.61 -33.20
C ASP B 454 -11.08 -16.58 -32.35
N PRO B 455 -12.19 -17.10 -32.89
CA PRO B 455 -13.15 -17.91 -32.13
C PRO B 455 -12.66 -19.33 -31.85
N ARG B 456 -11.62 -19.75 -32.55
CA ARG B 456 -11.12 -21.11 -32.47
C ARG B 456 -10.42 -21.44 -31.14
N PRO B 457 -10.38 -22.73 -30.77
CA PRO B 457 -9.66 -23.21 -29.59
C PRO B 457 -8.21 -22.72 -29.59
N LYS B 458 -7.74 -22.23 -28.44
CA LYS B 458 -6.41 -21.63 -28.33
C LYS B 458 -5.31 -22.54 -28.87
N ASP B 459 -5.47 -23.85 -28.66
CA ASP B 459 -4.45 -24.81 -29.07
C ASP B 459 -4.31 -24.88 -30.59
N VAL B 460 -5.45 -24.82 -31.27
CA VAL B 460 -5.47 -24.76 -32.73
C VAL B 460 -4.70 -23.54 -33.23
N VAL B 461 -4.95 -22.39 -32.61
CA VAL B 461 -4.35 -21.13 -33.04
C VAL B 461 -2.86 -21.07 -32.69
N ILE B 462 -2.53 -21.60 -31.52
CA ILE B 462 -1.13 -21.71 -31.11
C ILE B 462 -0.34 -22.59 -32.07
N LYS B 463 -0.87 -23.77 -32.37
CA LYS B 463 -0.24 -24.67 -33.33
C LYS B 463 -0.06 -23.97 -34.67
N GLU B 464 -1.04 -23.16 -35.06
CA GLU B 464 -0.95 -22.41 -36.29
C GLU B 464 0.30 -21.53 -36.29
N ALA B 465 0.51 -20.80 -35.20
CA ALA B 465 1.64 -19.88 -35.09
C ALA B 465 2.98 -20.61 -35.04
N VAL B 466 3.01 -21.76 -34.37
CA VAL B 466 4.22 -22.59 -34.27
C VAL B 466 4.68 -23.09 -35.64
N ASP B 467 3.73 -23.56 -36.45
CA ASP B 467 4.02 -24.01 -37.81
C ASP B 467 4.64 -22.90 -38.64
N ILE B 468 4.10 -21.69 -38.54
CA ILE B 468 4.67 -20.56 -39.24
C ILE B 468 6.06 -20.29 -38.71
N ALA B 469 6.19 -20.20 -37.39
CA ALA B 469 7.45 -19.88 -36.74
C ALA B 469 8.57 -20.85 -37.13
N ASN B 470 8.25 -22.13 -37.19
CA ASN B 470 9.22 -23.15 -37.57
C ASN B 470 9.82 -22.88 -38.95
N GLN B 471 9.13 -22.05 -39.74
CA GLN B 471 9.58 -21.76 -41.08
C GLN B 471 10.47 -20.51 -41.11
N ALA B 472 10.57 -19.85 -39.96
CA ALA B 472 11.37 -18.63 -39.85
C ALA B 472 12.69 -18.90 -39.14
N ASP B 473 13.59 -17.92 -39.19
CA ASP B 473 14.88 -18.02 -38.50
C ASP B 473 14.86 -17.32 -37.14
N VAL B 474 14.03 -16.29 -37.04
CA VAL B 474 13.81 -15.58 -35.78
C VAL B 474 12.33 -15.27 -35.62
N ILE B 475 11.89 -15.15 -34.36
CA ILE B 475 10.48 -14.91 -34.06
C ILE B 475 10.31 -13.59 -33.30
N VAL B 476 9.49 -12.70 -33.84
CA VAL B 476 9.16 -11.47 -33.12
C VAL B 476 7.77 -11.56 -32.51
N ALA B 477 7.69 -11.61 -31.19
CA ALA B 477 6.42 -11.80 -30.49
C ALA B 477 5.88 -10.47 -29.98
N ALA B 478 4.80 -10.01 -30.62
CA ALA B 478 4.14 -8.76 -30.23
C ALA B 478 3.06 -9.05 -29.20
N LEU B 479 3.45 -9.00 -27.92
CA LEU B 479 2.54 -9.31 -26.84
C LEU B 479 2.36 -8.14 -25.88
N GLY B 480 1.39 -8.28 -24.98
CA GLY B 480 1.21 -7.30 -23.92
C GLY B 480 -0.23 -6.94 -23.66
N GLU B 481 -0.45 -5.66 -23.41
CA GLU B 481 -1.76 -5.13 -23.08
C GLU B 481 -2.44 -4.56 -24.31
N SER B 482 -3.75 -4.36 -24.21
CA SER B 482 -4.46 -3.55 -25.20
C SER B 482 -4.42 -2.10 -24.71
N ALA B 483 -4.66 -1.17 -25.62
CA ALA B 483 -4.57 0.26 -25.30
C ALA B 483 -5.38 0.67 -24.06
N GLU B 484 -6.58 0.12 -23.92
CA GLU B 484 -7.48 0.54 -22.86
C GLU B 484 -7.40 -0.34 -21.62
N MET B 485 -6.36 -1.17 -21.54
CA MET B 485 -6.05 -1.89 -20.31
C MET B 485 -5.40 -0.93 -19.31
N SER B 486 -5.08 0.28 -19.78
CA SER B 486 -4.64 1.34 -18.89
C SER B 486 -5.46 2.59 -19.16
N GLY B 487 -5.08 3.70 -18.55
CA GLY B 487 -5.86 4.92 -18.65
C GLY B 487 -6.79 5.06 -17.47
N GLU B 488 -7.83 5.87 -17.62
CA GLU B 488 -8.77 6.11 -16.52
C GLU B 488 -9.67 4.91 -16.25
N ALA B 489 -9.87 4.60 -14.97
CA ALA B 489 -10.70 3.46 -14.59
C ALA B 489 -10.24 2.17 -15.30
N SER B 490 -8.92 2.00 -15.40
CA SER B 490 -8.32 0.79 -15.91
C SER B 490 -7.29 0.20 -14.93
N SER B 491 -7.74 -0.07 -13.71
CA SER B 491 -6.85 -0.67 -12.71
C SER B 491 -6.78 -2.19 -12.89
N ARG B 492 -5.60 -2.77 -12.74
CA ARG B 492 -5.43 -4.22 -12.82
C ARG B 492 -4.89 -4.78 -11.51
N SER B 493 -5.57 -5.77 -10.93
CA SER B 493 -5.05 -6.41 -9.72
C SER B 493 -3.95 -7.40 -10.08
N ASN B 494 -3.93 -7.78 -11.36
CA ASN B 494 -2.89 -8.64 -11.91
C ASN B 494 -2.04 -7.87 -12.91
N ILE B 495 -0.76 -7.65 -12.61
CA ILE B 495 0.10 -6.89 -13.52
C ILE B 495 1.07 -7.73 -14.33
N GLU B 496 0.65 -8.94 -14.72
CA GLU B 496 1.43 -9.77 -15.61
C GLU B 496 0.91 -9.61 -17.03
N ILE B 497 1.65 -10.14 -18.00
CA ILE B 497 1.10 -10.32 -19.34
C ILE B 497 -0.04 -11.33 -19.21
N PRO B 498 -1.16 -11.10 -19.92
CA PRO B 498 -2.28 -12.07 -19.85
C PRO B 498 -1.81 -13.51 -20.03
N ALA B 499 -2.42 -14.41 -19.25
CA ALA B 499 -1.96 -15.79 -19.18
C ALA B 499 -1.95 -16.49 -20.54
N LEU B 500 -3.02 -16.31 -21.31
CA LEU B 500 -3.11 -16.91 -22.63
C LEU B 500 -1.89 -16.57 -23.49
N GLN B 501 -1.52 -15.29 -23.50
CA GLN B 501 -0.33 -14.85 -24.25
C GLN B 501 0.96 -15.46 -23.71
N ARG B 502 1.05 -15.69 -22.41
CA ARG B 502 2.24 -16.32 -21.85
C ARG B 502 2.31 -17.77 -22.30
N GLU B 503 1.14 -18.42 -22.37
CA GLU B 503 1.09 -19.78 -22.86
C GLU B 503 1.57 -19.83 -24.31
N LEU B 504 1.19 -18.82 -25.09
CA LEU B 504 1.65 -18.70 -26.46
C LEU B 504 3.16 -18.53 -26.51
N LEU B 505 3.66 -17.56 -25.74
CA LEU B 505 5.09 -17.26 -25.73
C LEU B 505 5.89 -18.52 -25.48
N GLN B 506 5.44 -19.30 -24.52
CA GLN B 506 6.07 -20.56 -24.16
C GLN B 506 6.14 -21.50 -25.37
N ALA B 507 5.04 -21.64 -26.09
CA ALA B 507 5.01 -22.51 -27.26
C ALA B 507 5.98 -22.03 -28.34
N LEU B 508 6.14 -20.71 -28.46
CA LEU B 508 7.11 -20.15 -29.40
C LEU B 508 8.53 -20.48 -28.96
N LEU B 509 8.86 -20.23 -27.70
CA LEU B 509 10.19 -20.53 -27.20
C LEU B 509 10.54 -21.99 -27.45
N LYS B 510 9.54 -22.86 -27.31
CA LYS B 510 9.72 -24.31 -27.43
C LYS B 510 10.07 -24.75 -28.86
N THR B 511 10.06 -23.81 -29.80
CA THR B 511 10.45 -24.12 -31.18
C THR B 511 11.96 -24.14 -31.30
N GLY B 512 12.63 -23.53 -30.34
CA GLY B 512 14.08 -23.44 -30.37
C GLY B 512 14.60 -22.25 -31.18
N LYS B 513 13.67 -21.53 -31.81
CA LYS B 513 14.02 -20.32 -32.54
C LYS B 513 14.32 -19.20 -31.57
N PRO B 514 15.24 -18.30 -31.94
CA PRO B 514 15.48 -17.11 -31.12
C PRO B 514 14.21 -16.26 -31.09
N VAL B 515 13.79 -15.83 -29.90
CA VAL B 515 12.57 -15.06 -29.76
C VAL B 515 12.85 -13.64 -29.27
N VAL B 516 12.23 -12.66 -29.92
CA VAL B 516 12.27 -11.30 -29.40
C VAL B 516 10.88 -10.95 -28.90
N LEU B 517 10.78 -10.56 -27.63
CA LEU B 517 9.53 -10.12 -27.07
C LEU B 517 9.40 -8.60 -27.21
N VAL B 518 8.56 -8.17 -28.13
CA VAL B 518 8.27 -6.75 -28.25
C VAL B 518 7.03 -6.47 -27.43
N LEU B 519 7.22 -5.75 -26.33
CA LEU B 519 6.21 -5.62 -25.30
C LEU B 519 5.43 -4.30 -25.38
N PHE B 520 4.12 -4.43 -25.55
CA PHE B 520 3.22 -3.28 -25.54
C PHE B 520 2.58 -3.17 -24.16
N THR B 521 2.76 -2.04 -23.50
CA THR B 521 2.10 -1.87 -22.21
C THR B 521 1.89 -0.40 -21.84
N GLY B 522 0.92 -0.16 -20.96
CA GLY B 522 0.71 1.17 -20.43
C GLY B 522 1.20 1.28 -19.00
N ARG B 523 1.81 0.22 -18.49
CA ARG B 523 2.24 0.16 -17.10
C ARG B 523 3.43 -0.78 -16.93
N PRO B 524 4.15 -0.66 -15.80
CA PRO B 524 5.16 -1.65 -15.44
C PRO B 524 4.49 -3.02 -15.28
N LEU B 525 5.14 -4.10 -15.69
CA LEU B 525 4.58 -5.44 -15.55
C LEU B 525 5.52 -6.38 -14.80
N ALA B 526 4.97 -7.41 -14.15
CA ALA B 526 5.81 -8.44 -13.52
C ALA B 526 6.33 -9.43 -14.57
N LEU B 527 7.64 -9.41 -14.81
CA LEU B 527 8.21 -10.08 -15.98
C LEU B 527 9.37 -11.02 -15.68
N THR B 528 9.44 -11.54 -14.46
CA THR B 528 10.57 -12.37 -14.09
C THR B 528 10.68 -13.59 -14.99
N TRP B 529 9.56 -14.25 -15.26
CA TRP B 529 9.59 -15.47 -16.06
C TRP B 529 9.99 -15.20 -17.51
N GLU B 530 9.52 -14.07 -18.04
CA GLU B 530 9.85 -13.68 -19.40
C GLU B 530 11.34 -13.37 -19.49
N HIS B 531 11.81 -12.60 -18.52
CA HIS B 531 13.23 -12.25 -18.44
C HIS B 531 14.12 -13.48 -18.33
N GLU B 532 13.64 -14.51 -17.64
CA GLU B 532 14.39 -15.74 -17.48
C GLU B 532 14.49 -16.51 -18.80
N ASN B 533 13.43 -16.46 -19.61
CA ASN B 533 13.34 -17.34 -20.79
C ASN B 533 13.45 -16.69 -22.18
N VAL B 534 13.19 -15.39 -22.30
CA VAL B 534 13.23 -14.74 -23.62
C VAL B 534 14.58 -14.07 -23.91
N PRO B 535 15.19 -14.42 -25.06
CA PRO B 535 16.51 -13.91 -25.44
C PRO B 535 16.59 -12.38 -25.50
N ALA B 536 15.56 -11.74 -26.04
CA ALA B 536 15.54 -10.28 -26.14
C ALA B 536 14.17 -9.71 -25.75
N ILE B 537 14.18 -8.56 -25.09
CA ILE B 537 12.94 -7.91 -24.67
C ILE B 537 13.00 -6.41 -24.91
N LEU B 538 12.13 -5.93 -25.79
CA LEU B 538 12.03 -4.50 -26.05
C LEU B 538 10.69 -3.98 -25.58
N ASN B 539 10.70 -3.11 -24.56
CA ASN B 539 9.48 -2.45 -24.12
C ASN B 539 9.12 -1.27 -25.05
N VAL B 540 8.02 -1.38 -25.78
CA VAL B 540 7.62 -0.30 -26.70
C VAL B 540 6.48 0.58 -26.18
N TRP B 541 6.04 0.32 -24.94
CA TRP B 541 4.91 1.05 -24.37
C TRP B 541 3.77 1.07 -25.39
N PHE B 542 3.26 2.27 -25.68
CA PHE B 542 2.39 2.49 -26.83
C PHE B 542 2.92 3.71 -27.57
N ALA B 543 3.41 3.49 -28.78
CA ALA B 543 4.25 4.46 -29.48
C ALA B 543 3.51 5.52 -30.31
N GLY B 544 2.20 5.39 -30.46
CA GLY B 544 1.44 6.38 -31.18
C GLY B 544 1.08 5.98 -32.61
N THR B 545 0.71 6.96 -33.43
CA THR B 545 0.29 6.66 -34.81
C THR B 545 1.39 6.05 -35.67
N GLU B 546 2.64 6.15 -35.22
CA GLU B 546 3.78 5.70 -36.03
C GLU B 546 4.44 4.45 -35.44
N ALA B 547 3.71 3.75 -34.58
CA ALA B 547 4.30 2.64 -33.81
C ALA B 547 5.06 1.62 -34.68
N GLY B 548 4.40 1.10 -35.71
CA GLY B 548 4.97 0.09 -36.58
C GLY B 548 6.30 0.50 -37.20
N ASP B 549 6.38 1.75 -37.66
CA ASP B 549 7.59 2.29 -38.26
C ASP B 549 8.70 2.50 -37.23
N ALA B 550 8.33 3.13 -36.12
CA ALA B 550 9.29 3.43 -35.05
C ALA B 550 9.89 2.15 -34.49
N ILE B 551 9.05 1.14 -34.26
CA ILE B 551 9.51 -0.13 -33.72
C ILE B 551 10.45 -0.83 -34.69
N SER B 552 10.11 -0.79 -35.97
CA SER B 552 10.96 -1.36 -37.00
C SER B 552 12.33 -0.67 -37.08
N ASP B 553 12.36 0.64 -36.85
CA ASP B 553 13.63 1.38 -36.77
C ASP B 553 14.53 0.72 -35.72
N ALA B 554 13.97 0.47 -34.53
CA ALA B 554 14.72 -0.17 -33.45
C ALA B 554 15.09 -1.60 -33.82
N LEU B 555 14.09 -2.43 -34.12
CA LEU B 555 14.34 -3.84 -34.43
C LEU B 555 15.52 -4.07 -35.40
N PHE B 556 15.54 -3.37 -36.52
CA PHE B 556 16.60 -3.57 -37.51
C PHE B 556 17.87 -2.76 -37.26
N GLY B 557 17.83 -1.92 -36.22
CA GLY B 557 18.99 -1.14 -35.85
C GLY B 557 19.16 0.19 -36.57
N VAL B 558 18.10 0.71 -37.16
CA VAL B 558 18.16 2.05 -37.73
C VAL B 558 18.38 3.04 -36.59
N VAL B 559 17.68 2.80 -35.49
CA VAL B 559 17.85 3.59 -34.28
C VAL B 559 18.29 2.68 -33.14
N ASN B 560 19.32 3.10 -32.41
CA ASN B 560 19.80 2.35 -31.27
C ASN B 560 19.02 2.73 -30.01
N PRO B 561 18.26 1.79 -29.45
CA PRO B 561 17.44 2.03 -28.25
C PRO B 561 18.21 2.79 -27.18
N SER B 562 17.60 3.81 -26.61
CA SER B 562 18.27 4.66 -25.64
C SER B 562 17.35 5.06 -24.49
N GLY B 563 16.23 4.37 -24.37
CA GLY B 563 15.27 4.67 -23.32
C GLY B 563 15.66 4.06 -21.98
N LYS B 564 15.16 4.65 -20.90
CA LYS B 564 15.44 4.15 -19.56
C LYS B 564 14.21 4.27 -18.65
N LEU B 565 13.99 3.23 -17.84
CA LEU B 565 12.79 3.17 -17.01
C LEU B 565 12.61 4.41 -16.13
N SER B 566 11.37 4.87 -16.03
CA SER B 566 11.02 6.00 -15.16
C SER B 566 10.24 5.49 -13.96
N ALA B 567 9.89 4.21 -14.02
CA ALA B 567 9.21 3.55 -12.92
C ALA B 567 9.79 2.15 -12.74
N THR B 568 9.77 1.67 -11.51
CA THR B 568 10.30 0.36 -11.17
C THR B 568 9.40 -0.77 -11.66
N PHE B 569 10.01 -1.84 -12.17
CA PHE B 569 9.27 -3.05 -12.52
C PHE B 569 9.43 -4.11 -11.43
N PRO B 570 8.34 -4.43 -10.72
CA PRO B 570 8.44 -5.40 -9.62
C PRO B 570 8.61 -6.84 -10.13
N ARG B 571 9.01 -7.74 -9.24
CA ARG B 571 9.08 -9.16 -9.55
C ARG B 571 7.69 -9.77 -9.55
N ASN B 572 6.83 -9.23 -8.69
CA ASN B 572 5.43 -9.64 -8.60
C ASN B 572 4.63 -8.56 -7.88
N VAL B 573 3.32 -8.57 -8.04
CA VAL B 573 2.48 -7.52 -7.48
C VAL B 573 2.54 -7.54 -5.95
N GLY B 574 3.11 -8.60 -5.39
CA GLY B 574 3.35 -8.72 -3.96
C GLY B 574 4.37 -7.74 -3.41
N GLN B 575 5.23 -7.20 -4.26
CA GLN B 575 6.24 -6.23 -3.85
C GLN B 575 5.72 -4.79 -3.78
N VAL B 576 4.56 -4.54 -4.37
CA VAL B 576 4.06 -3.17 -4.51
C VAL B 576 3.57 -2.60 -3.18
N PRO B 577 3.96 -1.35 -2.87
CA PRO B 577 4.81 -0.47 -3.68
C PRO B 577 6.30 -0.68 -3.44
N ILE B 578 7.06 -0.82 -4.54
CA ILE B 578 8.50 -0.94 -4.47
C ILE B 578 9.12 0.12 -5.38
N TYR B 579 10.03 0.93 -4.84
CA TYR B 579 10.54 2.08 -5.57
C TYR B 579 11.98 2.38 -5.19
N TYR B 580 12.66 3.17 -6.02
CA TYR B 580 14.09 3.37 -5.85
C TYR B 580 14.46 4.31 -4.69
N ASN B 581 13.68 5.37 -4.48
CA ASN B 581 14.00 6.37 -3.44
C ASN B 581 13.39 6.05 -2.07
N HIS B 582 13.75 4.90 -1.52
CA HIS B 582 13.16 4.41 -0.28
C HIS B 582 14.06 4.66 0.92
N LYS B 583 13.50 4.57 2.11
CA LYS B 583 14.28 4.70 3.33
C LYS B 583 15.02 3.38 3.61
N ASN B 584 16.05 3.45 4.44
CA ASN B 584 16.91 2.29 4.63
C ASN B 584 16.28 1.26 5.58
N THR B 585 15.34 1.72 6.40
CA THR B 585 14.81 0.92 7.51
C THR B 585 15.90 0.70 8.55
N GLY B 586 15.54 0.14 9.69
CA GLY B 586 16.50 -0.13 10.75
C GLY B 586 17.13 -1.50 10.62
N ARG B 587 16.61 -2.31 9.72
CA ARG B 587 17.14 -3.67 9.50
C ARG B 587 17.34 -3.97 8.02
N PRO B 588 18.19 -3.18 7.34
CA PRO B 588 18.32 -3.33 5.88
C PRO B 588 18.97 -4.65 5.50
N LEU B 589 18.51 -5.25 4.41
CA LEU B 589 19.17 -6.44 3.90
C LEU B 589 20.39 -6.01 3.09
N PRO B 590 21.57 -6.50 3.47
CA PRO B 590 22.78 -6.19 2.70
C PRO B 590 22.63 -6.75 1.29
N GLU B 591 23.22 -6.08 0.31
CA GLU B 591 23.08 -6.48 -1.08
C GLU B 591 23.62 -7.88 -1.31
N GLY B 592 22.87 -8.69 -2.04
CA GLY B 592 23.29 -10.03 -2.39
C GLY B 592 23.05 -11.09 -1.32
N GLN B 593 22.46 -10.70 -0.19
CA GLN B 593 22.32 -11.61 0.96
C GLN B 593 20.95 -12.29 1.16
N TRP B 594 19.94 -11.93 0.36
CA TRP B 594 18.65 -12.60 0.48
C TRP B 594 18.88 -14.13 0.42
N PHE B 595 18.34 -14.89 1.36
CA PHE B 595 17.43 -14.44 2.42
C PHE B 595 18.14 -14.41 3.78
N GLN B 596 17.83 -13.40 4.60
CA GLN B 596 18.37 -13.35 5.96
C GLN B 596 17.24 -13.16 6.96
N LYS B 597 17.06 -14.11 7.87
CA LYS B 597 16.07 -13.98 8.92
C LYS B 597 16.35 -12.72 9.75
N PHE B 598 15.29 -12.02 10.15
CA PHE B 598 15.37 -10.83 10.99
C PHE B 598 15.90 -9.57 10.28
N ARG B 599 15.99 -9.62 8.95
CA ARG B 599 16.21 -8.42 8.18
C ARG B 599 14.86 -8.06 7.56
N SER B 600 14.80 -6.88 6.94
CA SER B 600 13.61 -6.49 6.18
C SER B 600 13.65 -7.19 4.82
N ASN B 601 12.97 -8.34 4.72
CA ASN B 601 12.84 -9.11 3.48
C ASN B 601 11.68 -10.12 3.52
N TYR B 602 11.28 -10.65 2.36
CA TYR B 602 10.24 -11.67 2.26
C TYR B 602 10.82 -13.09 2.29
N LEU B 603 9.98 -14.04 2.64
CA LEU B 603 10.34 -15.46 2.56
C LEU B 603 10.45 -15.96 1.14
N ASP B 604 9.69 -15.36 0.21
CA ASP B 604 9.45 -15.99 -1.08
C ASP B 604 9.85 -15.20 -2.31
N VAL B 605 10.49 -14.06 -2.11
CA VAL B 605 10.93 -13.23 -3.22
C VAL B 605 12.03 -12.32 -2.72
N PRO B 606 13.03 -12.03 -3.57
CA PRO B 606 14.09 -11.09 -3.19
C PRO B 606 13.54 -9.71 -2.94
N ASN B 607 14.35 -8.85 -2.34
CA ASN B 607 13.97 -7.46 -2.08
C ASN B 607 14.03 -6.61 -3.33
N ASP B 608 14.94 -6.96 -4.23
CA ASP B 608 15.18 -6.22 -5.46
C ASP B 608 14.00 -6.36 -6.41
N PRO B 609 13.68 -5.28 -7.13
CA PRO B 609 12.70 -5.39 -8.22
C PRO B 609 13.37 -6.17 -9.34
N LEU B 610 12.65 -6.41 -10.43
CA LEU B 610 13.25 -7.08 -11.56
C LEU B 610 14.14 -6.12 -12.34
N TYR B 611 13.59 -4.96 -12.68
CA TYR B 611 14.35 -3.87 -13.29
C TYR B 611 14.17 -2.60 -12.44
N PRO B 612 15.29 -1.94 -12.09
CA PRO B 612 15.28 -0.77 -11.21
C PRO B 612 14.95 0.51 -11.97
N PHE B 613 14.58 1.56 -11.24
CA PHE B 613 14.43 2.88 -11.82
C PHE B 613 15.68 3.28 -12.58
N GLY B 614 15.51 3.82 -13.78
CA GLY B 614 16.64 4.29 -14.57
C GLY B 614 17.29 3.22 -15.42
N TYR B 615 16.78 1.99 -15.36
CA TYR B 615 17.34 0.88 -16.14
C TYR B 615 17.07 1.02 -17.63
N GLY B 616 18.09 0.75 -18.45
CA GLY B 616 17.92 0.73 -19.87
C GLY B 616 19.16 0.24 -20.61
N LEU B 617 19.01 -0.81 -21.40
CA LEU B 617 20.12 -1.35 -22.17
C LEU B 617 20.28 -0.66 -23.53
N SER B 618 21.32 -1.05 -24.26
CA SER B 618 21.60 -0.51 -25.58
C SER B 618 22.10 -1.63 -26.51
N PHE B 619 22.12 -1.37 -27.81
CA PHE B 619 22.75 -2.31 -28.73
C PHE B 619 24.26 -2.31 -28.50
N THR B 620 24.75 -1.19 -27.97
CA THR B 620 26.17 -1.04 -27.65
C THR B 620 26.38 -1.06 -26.13
N LYS B 621 27.62 -0.88 -25.69
CA LYS B 621 27.96 -0.90 -24.26
C LYS B 621 28.56 0.43 -23.83
N PHE B 622 28.28 0.87 -22.60
CA PHE B 622 28.91 2.08 -22.08
C PHE B 622 29.79 1.79 -20.85
N THR B 623 31.02 2.32 -20.87
CA THR B 623 31.94 2.14 -19.77
C THR B 623 32.11 3.44 -19.01
N TYR B 624 31.95 3.40 -17.69
CA TYR B 624 32.18 4.57 -16.86
C TYR B 624 33.56 4.52 -16.21
N GLY B 625 34.28 5.64 -16.25
CA GLY B 625 35.51 5.79 -15.49
C GLY B 625 35.14 6.11 -14.05
N ASP B 626 36.13 6.46 -13.24
CA ASP B 626 35.89 6.78 -11.84
C ASP B 626 35.32 8.17 -11.65
N LEU B 627 34.52 8.34 -10.60
CA LEU B 627 33.91 9.64 -10.30
C LEU B 627 34.94 10.67 -9.81
N LYS B 628 35.01 11.80 -10.49
CA LYS B 628 35.92 12.87 -10.13
C LYS B 628 35.15 13.99 -9.42
N LEU B 629 35.60 14.38 -8.23
CA LEU B 629 34.99 15.47 -7.50
C LEU B 629 35.98 16.61 -7.28
N SER B 630 35.52 17.85 -7.44
CA SER B 630 36.39 19.01 -7.27
C SER B 630 36.79 19.18 -5.81
N SER B 631 36.02 18.60 -4.90
CA SER B 631 36.30 18.72 -3.48
C SER B 631 35.49 17.72 -2.67
N THR B 632 36.05 17.30 -1.53
CA THR B 632 35.37 16.39 -0.63
C THR B 632 35.03 17.10 0.67
N ASN B 633 35.50 18.34 0.78
CA ASN B 633 35.19 19.17 1.94
C ASN B 633 34.71 20.54 1.51
N LEU B 634 33.41 20.76 1.64
CA LEU B 634 32.80 22.00 1.19
C LEU B 634 32.14 22.72 2.35
N LYS B 635 31.91 24.01 2.19
CA LYS B 635 31.32 24.83 3.24
C LYS B 635 30.44 25.90 2.62
N GLY B 636 29.25 26.11 3.18
CA GLY B 636 28.35 27.13 2.71
C GLY B 636 28.00 26.98 1.23
N ASN B 637 27.65 28.10 0.59
CA ASN B 637 27.22 28.07 -0.80
C ASN B 637 28.35 27.96 -1.81
N GLN B 638 29.04 26.83 -1.81
CA GLN B 638 30.03 26.57 -2.84
C GLN B 638 29.42 25.72 -3.93
N THR B 639 30.15 25.57 -5.01
CA THR B 639 29.75 24.70 -6.10
C THR B 639 30.67 23.50 -6.15
N LEU B 640 30.10 22.31 -6.10
CA LEU B 640 30.84 21.09 -6.32
C LEU B 640 30.76 20.71 -7.80
N THR B 641 31.90 20.40 -8.41
CA THR B 641 31.90 19.88 -9.77
C THR B 641 32.18 18.39 -9.74
N ALA B 642 31.27 17.61 -10.29
CA ALA B 642 31.41 16.17 -10.39
C ALA B 642 31.52 15.76 -11.85
N SER B 643 32.61 15.11 -12.21
CA SER B 643 32.81 14.70 -13.60
C SER B 643 33.17 13.22 -13.69
N ILE B 644 33.01 12.66 -14.88
CA ILE B 644 33.21 11.23 -15.08
C ILE B 644 33.41 10.97 -16.57
N GLU B 645 34.16 9.92 -16.89
CA GLU B 645 34.39 9.57 -18.28
C GLU B 645 33.40 8.51 -18.71
N LEU B 646 32.72 8.76 -19.82
CA LEU B 646 31.84 7.78 -20.41
C LEU B 646 32.40 7.36 -21.76
N THR B 647 32.53 6.05 -21.98
CA THR B 647 33.10 5.54 -23.22
C THR B 647 32.17 4.56 -23.93
N ASN B 648 31.99 4.76 -25.23
CA ASN B 648 31.24 3.80 -26.04
C ASN B 648 32.14 2.61 -26.36
N SER B 649 31.99 1.54 -25.60
CA SER B 649 32.91 0.41 -25.68
C SER B 649 32.31 -0.79 -26.42
N GLY B 650 31.16 -0.57 -27.05
CA GLY B 650 30.46 -1.63 -27.76
C GLY B 650 30.65 -1.55 -29.26
N ASP B 651 29.65 -2.05 -30.00
CA ASP B 651 29.78 -2.21 -31.45
C ASP B 651 29.03 -1.16 -32.27
N TYR B 652 28.26 -0.30 -31.62
CA TYR B 652 27.45 0.65 -32.36
C TYR B 652 27.47 2.06 -31.80
N ASP B 653 27.11 3.02 -32.65
CA ASP B 653 26.79 4.37 -32.22
C ASP B 653 25.58 4.25 -31.31
N GLY B 654 25.47 5.15 -30.35
CA GLY B 654 24.34 5.11 -29.45
C GLY B 654 24.35 6.23 -28.43
N ALA B 655 23.21 6.41 -27.78
CA ALA B 655 23.07 7.39 -26.70
C ALA B 655 22.90 6.66 -25.39
N GLU B 656 23.39 7.26 -24.31
CA GLU B 656 23.10 6.75 -22.98
C GLU B 656 22.70 7.88 -22.05
N VAL B 657 21.87 7.55 -21.07
CA VAL B 657 21.43 8.55 -20.11
C VAL B 657 22.29 8.45 -18.86
N VAL B 658 23.09 9.49 -18.63
CA VAL B 658 23.90 9.55 -17.41
C VAL B 658 23.10 10.19 -16.28
N GLN B 659 23.02 9.47 -15.16
CA GLN B 659 22.15 9.85 -14.04
C GLN B 659 22.95 10.24 -12.79
N LEU B 660 22.54 11.34 -12.16
CA LEU B 660 23.15 11.79 -10.91
C LEU B 660 22.24 11.54 -9.72
N TYR B 661 22.74 10.80 -8.73
CA TYR B 661 21.99 10.56 -7.51
C TYR B 661 22.74 11.11 -6.32
N ILE B 662 21.99 11.61 -5.34
CA ILE B 662 22.61 12.10 -4.11
C ILE B 662 21.98 11.45 -2.91
N ARG B 663 22.82 11.02 -1.96
CA ARG B 663 22.34 10.49 -0.70
C ARG B 663 22.78 11.35 0.48
N ASP B 664 21.82 11.72 1.31
CA ASP B 664 22.09 12.40 2.55
C ASP B 664 22.18 11.32 3.63
N LEU B 665 23.37 11.06 4.15
CA LEU B 665 23.62 9.92 5.05
C LEU B 665 22.89 9.99 6.38
N VAL B 666 23.06 11.10 7.09
CA VAL B 666 22.38 11.30 8.36
C VAL B 666 21.47 12.51 8.25
N GLY B 667 20.35 12.51 8.96
CA GLY B 667 19.47 13.65 8.96
C GLY B 667 18.64 13.67 10.23
N SER B 668 18.10 14.84 10.56
CA SER B 668 17.17 14.98 11.67
C SER B 668 15.94 14.10 11.46
N THR B 669 15.69 13.72 10.20
CA THR B 669 14.74 12.66 9.86
C THR B 669 15.44 11.68 8.94
N THR B 670 14.86 10.50 8.71
CA THR B 670 15.48 9.56 7.81
C THR B 670 15.43 10.07 6.36
N ARG B 671 16.53 9.86 5.64
CA ARG B 671 16.64 10.30 4.26
C ARG B 671 16.63 9.09 3.32
N PRO B 672 16.15 9.28 2.09
CA PRO B 672 16.14 8.19 1.09
C PRO B 672 17.56 7.68 0.83
N VAL B 673 17.71 6.38 0.56
CA VAL B 673 19.04 5.85 0.28
C VAL B 673 19.63 6.51 -0.96
N LYS B 674 18.77 7.13 -1.77
CA LYS B 674 19.22 7.95 -2.90
C LYS B 674 18.08 8.73 -3.54
N GLU B 675 18.42 9.82 -4.21
CA GLU B 675 17.46 10.62 -4.96
C GLU B 675 18.08 11.11 -6.25
N LEU B 676 17.34 10.97 -7.36
CA LEU B 676 17.77 11.52 -8.63
C LEU B 676 17.86 13.03 -8.49
N LYS B 677 18.98 13.61 -8.93
CA LYS B 677 19.19 15.05 -8.78
C LYS B 677 19.71 15.70 -10.06
N GLY B 678 19.97 14.89 -11.07
CA GLY B 678 20.43 15.41 -12.35
C GLY B 678 20.53 14.32 -13.40
N PHE B 679 20.59 14.71 -14.66
CA PHE B 679 20.83 13.75 -15.74
C PHE B 679 21.18 14.44 -17.05
N GLN B 680 21.81 13.69 -17.95
CA GLN B 680 22.18 14.19 -19.27
C GLN B 680 22.16 13.03 -20.27
N LYS B 681 21.48 13.22 -21.39
CA LYS B 681 21.50 12.21 -22.44
C LYS B 681 22.60 12.56 -23.45
N VAL B 682 23.55 11.64 -23.63
CA VAL B 682 24.69 11.92 -24.52
C VAL B 682 24.83 10.87 -25.62
N PHE B 683 25.01 11.35 -26.85
CA PHE B 683 25.24 10.45 -27.97
C PHE B 683 26.73 10.26 -28.15
N LEU B 684 27.14 9.01 -28.37
CA LEU B 684 28.55 8.69 -28.56
C LEU B 684 28.76 7.79 -29.76
N LYS B 685 29.73 8.14 -30.60
CA LYS B 685 30.16 7.27 -31.70
C LYS B 685 30.81 6.04 -31.07
N LYS B 686 30.77 4.92 -31.80
CA LYS B 686 31.45 3.72 -31.34
C LYS B 686 32.91 4.05 -31.03
N GLY B 687 33.33 3.74 -29.80
CA GLY B 687 34.71 3.96 -29.39
C GLY B 687 35.01 5.36 -28.86
N GLU B 688 34.02 6.24 -28.91
CA GLU B 688 34.21 7.63 -28.46
C GLU B 688 34.13 7.77 -26.95
N THR B 689 34.92 8.70 -26.39
CA THR B 689 34.92 8.98 -24.95
C THR B 689 34.62 10.46 -24.68
N LYS B 690 33.74 10.72 -23.71
CA LYS B 690 33.38 12.10 -23.34
C LYS B 690 33.39 12.29 -21.83
N THR B 691 33.75 13.50 -21.41
CA THR B 691 33.69 13.87 -19.99
C THR B 691 32.35 14.50 -19.66
N ILE B 692 31.59 13.84 -18.78
CA ILE B 692 30.30 14.36 -18.34
C ILE B 692 30.45 15.10 -17.02
N THR B 693 29.87 16.29 -16.94
CA THR B 693 30.07 17.14 -15.78
C THR B 693 28.74 17.62 -15.18
N PHE B 694 28.63 17.50 -13.86
CA PHE B 694 27.48 18.01 -13.12
C PHE B 694 27.91 19.10 -12.13
N LYS B 695 27.06 20.09 -11.92
CA LYS B 695 27.33 21.14 -10.94
C LYS B 695 26.35 21.00 -9.80
N ILE B 696 26.86 20.66 -8.61
CA ILE B 696 26.03 20.52 -7.42
C ILE B 696 26.17 21.73 -6.50
N THR B 697 25.05 22.23 -5.99
CA THR B 697 25.06 23.29 -4.99
C THR B 697 24.16 22.84 -3.85
N PRO B 698 24.18 23.56 -2.72
CA PRO B 698 23.32 23.19 -1.60
C PRO B 698 21.85 23.04 -1.99
N GLU B 699 21.42 23.78 -3.02
CA GLU B 699 20.03 23.70 -3.46
C GLU B 699 19.68 22.25 -3.77
N ASP B 700 20.66 21.50 -4.27
CA ASP B 700 20.45 20.10 -4.63
C ASP B 700 20.39 19.20 -3.42
N LEU B 701 20.65 19.76 -2.23
CA LEU B 701 20.74 18.97 -1.02
C LEU B 701 19.59 19.24 -0.07
N LYS B 702 18.73 20.18 -0.46
CA LYS B 702 17.62 20.59 0.40
C LYS B 702 16.48 19.57 0.42
N PHE B 703 15.79 19.51 1.55
CA PHE B 703 14.63 18.64 1.70
C PHE B 703 13.62 19.30 2.66
N TYR B 704 12.43 18.73 2.78
CA TYR B 704 11.47 19.20 3.77
C TYR B 704 11.62 18.40 5.06
N ASN B 705 12.00 19.06 6.14
CA ASN B 705 12.24 18.34 7.39
C ASN B 705 10.93 18.08 8.13
N TYR B 706 11.07 17.56 9.34
CA TYR B 706 9.95 17.17 10.18
C TYR B 706 8.98 18.32 10.38
N ASP B 707 9.51 19.53 10.47
CA ASP B 707 8.68 20.72 10.62
C ASP B 707 8.33 21.36 9.28
N LEU B 708 8.65 20.66 8.19
CA LEU B 708 8.35 21.12 6.83
C LEU B 708 9.18 22.34 6.43
N LYS B 709 10.26 22.56 7.15
CA LYS B 709 11.21 23.61 6.78
C LYS B 709 12.05 23.09 5.62
N TYR B 710 12.19 23.90 4.58
CA TYR B 710 12.94 23.54 3.39
C TYR B 710 14.37 24.05 3.52
N ASP B 711 15.30 23.12 3.63
CA ASP B 711 16.68 23.45 3.98
C ASP B 711 17.55 22.22 3.84
N TRP B 712 18.87 22.43 3.89
CA TRP B 712 19.80 21.32 3.94
C TRP B 712 20.48 21.34 5.32
N GLU B 713 21.01 20.20 5.75
CA GLU B 713 21.71 20.11 7.03
C GLU B 713 23.16 19.72 6.79
N PRO B 714 24.08 20.27 7.59
CA PRO B 714 25.51 19.96 7.40
C PRO B 714 25.79 18.48 7.69
N GLY B 715 26.73 17.88 6.97
CA GLY B 715 27.05 16.48 7.17
C GLY B 715 27.64 15.80 5.95
N GLU B 716 27.65 14.47 5.96
CA GLU B 716 28.22 13.71 4.86
C GLU B 716 27.18 13.38 3.80
N PHE B 717 27.62 13.35 2.54
CA PHE B 717 26.77 13.00 1.42
C PHE B 717 27.49 12.02 0.51
N VAL B 718 26.71 11.19 -0.19
CA VAL B 718 27.29 10.37 -1.23
C VAL B 718 26.82 10.84 -2.61
N ILE B 719 27.77 11.11 -3.50
CA ILE B 719 27.50 11.55 -4.84
C ILE B 719 27.66 10.35 -5.77
N MET B 720 26.63 10.05 -6.56
CA MET B 720 26.63 8.84 -7.38
C MET B 720 26.33 9.15 -8.84
N VAL B 721 27.00 8.45 -9.75
CA VAL B 721 26.79 8.64 -11.18
C VAL B 721 26.91 7.32 -11.94
N GLY B 722 25.91 7.03 -12.78
CA GLY B 722 25.91 5.85 -13.62
C GLY B 722 24.70 5.84 -14.52
N GLY B 723 24.46 4.74 -15.24
CA GLY B 723 23.31 4.66 -16.12
C GLY B 723 22.17 3.86 -15.52
N ASN B 724 21.99 3.98 -14.20
CA ASN B 724 21.09 3.15 -13.41
C ASN B 724 20.98 3.72 -12.03
N SER B 725 19.83 3.53 -11.39
CA SER B 725 19.73 3.85 -9.96
C SER B 725 20.49 2.78 -9.15
N ARG B 726 20.93 1.71 -9.82
CA ARG B 726 21.53 0.56 -9.17
C ARG B 726 23.05 0.46 -9.35
N ASP B 727 23.49 0.58 -10.60
CA ASP B 727 24.89 0.46 -10.96
C ASP B 727 25.53 1.84 -11.04
N LEU B 728 26.33 2.17 -10.03
CA LEU B 728 26.84 3.55 -9.90
C LEU B 728 28.31 3.62 -9.48
N LYS B 729 28.99 4.68 -9.90
CA LYS B 729 30.26 5.06 -9.29
C LYS B 729 29.92 6.09 -8.24
N SER B 730 30.67 6.12 -7.15
CA SER B 730 30.30 7.01 -6.05
C SER B 730 31.48 7.52 -5.25
N GLN B 731 31.21 8.55 -4.46
CA GLN B 731 32.22 9.14 -3.62
C GLN B 731 31.55 9.95 -2.54
N LYS B 732 32.09 9.84 -1.32
CA LYS B 732 31.51 10.51 -0.17
C LYS B 732 32.13 11.90 -0.01
N ILE B 733 31.34 12.84 0.46
CA ILE B 733 31.86 14.18 0.72
C ILE B 733 31.32 14.72 2.05
N ASN B 734 31.93 15.79 2.54
CA ASN B 734 31.44 16.45 3.75
C ASN B 734 31.10 17.90 3.43
N TRP B 735 29.90 18.33 3.84
CA TRP B 735 29.46 19.69 3.54
C TRP B 735 29.02 20.40 4.82
N LEU B 736 29.63 21.54 5.10
CA LEU B 736 29.37 22.24 6.35
C LEU B 736 28.64 23.56 6.10
N LYS B 737 28.00 24.08 7.15
CA LYS B 737 27.39 25.40 7.09
C LYS B 737 28.43 26.49 7.27
N ASP B 738 28.08 27.70 6.85
CA ASP B 738 28.93 28.85 7.07
C ASP B 738 28.26 29.73 8.11
N PRO B 739 28.82 29.77 9.33
CA PRO B 739 28.23 30.53 10.43
C PRO B 739 27.85 31.94 10.01
N ALA B 740 28.71 32.59 9.22
CA ALA B 740 28.48 33.96 8.77
C ALA B 740 27.17 34.14 7.99
N PHE B 741 26.78 33.11 7.25
CA PHE B 741 25.60 33.20 6.38
C PHE B 741 24.44 32.33 6.85
N LEU B 742 24.13 32.37 8.15
CA LEU B 742 23.03 31.56 8.68
C LEU B 742 21.71 32.32 8.81
N TYR B 743 21.14 32.72 7.68
CA TYR B 743 19.88 33.45 7.64
C TYR B 743 19.10 33.15 6.36
#